data_2LTP
#
_entry.id   2LTP
#
_entity_poly.entity_id   1
_entity_poly.type   'polypeptide(L)'
_entity_poly.pdbx_seq_one_letter_code
;MHHHHHHSSGRENLYFQGWTEEEMGTAKKGLLEHGRNWSAIARMVGSKTVSQCKNFYFNYKKRQNLDEILQQHKLKMEKE
RNARRKKKK
;
_entity_poly.pdbx_strand_id   A
#
# COMPACT_ATOMS: atom_id res chain seq x y z
N TRP A 19 7.10 -15.16 -3.31
CA TRP A 19 7.16 -13.83 -3.96
C TRP A 19 8.61 -13.31 -3.97
N THR A 20 9.19 -13.15 -5.18
CA THR A 20 10.52 -12.57 -5.37
C THR A 20 10.51 -11.07 -4.97
N GLU A 21 11.61 -10.55 -4.42
CA GLU A 21 11.72 -9.16 -3.91
C GLU A 21 11.33 -8.08 -4.97
N GLU A 22 11.37 -8.45 -6.25
CA GLU A 22 10.94 -7.57 -7.37
C GLU A 22 9.41 -7.32 -7.31
N GLU A 23 8.63 -8.42 -7.28
CA GLU A 23 7.16 -8.38 -7.19
C GLU A 23 6.70 -7.97 -5.77
N MET A 24 7.54 -8.26 -4.75
CA MET A 24 7.35 -7.76 -3.37
C MET A 24 7.51 -6.23 -3.35
N GLY A 25 8.42 -5.71 -4.21
CA GLY A 25 8.61 -4.28 -4.40
C GLY A 25 7.47 -3.63 -5.16
N THR A 26 6.84 -4.41 -6.06
CA THR A 26 5.64 -3.99 -6.82
C THR A 26 4.40 -4.05 -5.90
N ALA A 27 4.40 -4.99 -4.92
CA ALA A 27 3.34 -5.13 -3.90
C ALA A 27 3.52 -4.07 -2.81
N LYS A 28 4.78 -3.68 -2.57
CA LYS A 28 5.14 -2.57 -1.66
C LYS A 28 4.65 -1.26 -2.28
N LYS A 29 4.92 -1.11 -3.60
CA LYS A 29 4.49 0.04 -4.41
C LYS A 29 2.96 0.11 -4.46
N GLY A 30 2.32 -1.06 -4.63
CA GLY A 30 0.86 -1.15 -4.71
C GLY A 30 0.18 -0.74 -3.41
N LEU A 31 0.58 -1.41 -2.31
CA LEU A 31 0.04 -1.17 -0.97
C LEU A 31 0.38 0.26 -0.45
N LEU A 32 1.46 0.87 -0.97
CA LEU A 32 1.78 2.28 -0.68
C LEU A 32 0.78 3.19 -1.45
N GLU A 33 0.77 3.07 -2.78
CA GLU A 33 0.05 3.99 -3.68
C GLU A 33 -1.48 3.84 -3.55
N HIS A 34 -1.98 2.64 -3.86
CA HIS A 34 -3.44 2.33 -3.87
C HIS A 34 -3.97 2.08 -2.45
N GLY A 35 -3.05 1.91 -1.49
CA GLY A 35 -3.40 1.57 -0.12
C GLY A 35 -3.73 0.09 0.02
N ARG A 36 -4.63 -0.23 0.96
CA ARG A 36 -5.00 -1.64 1.28
C ARG A 36 -6.25 -2.07 0.50
N ASN A 37 -6.55 -1.38 -0.63
CA ASN A 37 -7.68 -1.76 -1.52
C ASN A 37 -7.30 -3.04 -2.27
N TRP A 38 -7.73 -4.19 -1.73
CA TRP A 38 -7.32 -5.54 -2.21
C TRP A 38 -7.65 -5.76 -3.69
N SER A 39 -8.69 -5.08 -4.17
CA SER A 39 -9.11 -5.12 -5.58
C SER A 39 -8.03 -4.54 -6.50
N ALA A 40 -7.55 -3.34 -6.14
CA ALA A 40 -6.53 -2.61 -6.92
C ALA A 40 -5.18 -3.35 -6.90
N ILE A 41 -4.82 -3.88 -5.71
CA ILE A 41 -3.53 -4.58 -5.51
C ILE A 41 -3.53 -5.90 -6.29
N ALA A 42 -4.60 -6.67 -6.13
CA ALA A 42 -4.77 -7.99 -6.79
C ALA A 42 -4.95 -7.87 -8.31
N ARG A 43 -5.34 -6.67 -8.78
CA ARG A 43 -5.38 -6.36 -10.22
C ARG A 43 -3.97 -5.92 -10.72
N MET A 44 -3.20 -5.28 -9.84
CA MET A 44 -1.86 -4.75 -10.15
C MET A 44 -0.80 -5.87 -10.17
N VAL A 45 -0.60 -6.52 -9.02
CA VAL A 45 0.41 -7.58 -8.82
C VAL A 45 -0.13 -8.98 -9.19
N GLY A 46 -1.40 -9.24 -8.82
CA GLY A 46 -2.05 -10.53 -9.09
C GLY A 46 -2.59 -10.64 -10.51
N SER A 47 -3.16 -9.50 -11.00
CA SER A 47 -3.72 -9.33 -12.36
C SER A 47 -4.93 -10.28 -12.64
N LYS A 48 -5.68 -10.69 -11.58
CA LYS A 48 -6.81 -11.64 -11.76
C LYS A 48 -7.93 -11.44 -10.72
N THR A 49 -7.70 -11.86 -9.47
CA THR A 49 -8.77 -12.03 -8.45
C THR A 49 -8.42 -11.32 -7.13
N VAL A 50 -9.43 -10.65 -6.53
CA VAL A 50 -9.28 -9.85 -5.28
C VAL A 50 -8.81 -10.74 -4.10
N SER A 51 -9.31 -11.99 -4.08
CA SER A 51 -8.98 -13.00 -3.05
C SER A 51 -7.48 -13.33 -3.02
N GLN A 52 -6.75 -13.12 -4.14
CA GLN A 52 -5.29 -13.40 -4.19
C GLN A 52 -4.53 -12.55 -3.17
N CYS A 53 -4.75 -11.22 -3.22
CA CYS A 53 -4.06 -10.25 -2.32
C CYS A 53 -4.58 -10.35 -0.88
N LYS A 54 -5.85 -10.78 -0.76
CA LYS A 54 -6.53 -10.94 0.54
C LYS A 54 -5.86 -12.09 1.33
N ASN A 55 -5.74 -13.26 0.67
CA ASN A 55 -5.17 -14.49 1.26
C ASN A 55 -3.64 -14.35 1.40
N PHE A 56 -3.02 -13.64 0.43
CA PHE A 56 -1.60 -13.21 0.47
C PHE A 56 -1.27 -12.49 1.78
N TYR A 57 -2.23 -11.69 2.25
CA TYR A 57 -2.08 -10.85 3.44
C TYR A 57 -2.06 -11.69 4.75
N PHE A 58 -2.53 -12.95 4.68
CA PHE A 58 -2.50 -13.90 5.81
C PHE A 58 -1.21 -14.77 5.80
N ASN A 59 -0.65 -15.03 4.59
CA ASN A 59 0.64 -15.76 4.44
C ASN A 59 1.80 -14.83 4.84
N TYR A 60 1.82 -13.64 4.22
CA TYR A 60 2.82 -12.58 4.46
C TYR A 60 2.29 -11.58 5.51
N LYS A 61 1.55 -12.11 6.50
CA LYS A 61 0.97 -11.34 7.62
C LYS A 61 2.09 -10.85 8.56
N LYS A 62 2.61 -9.65 8.25
CA LYS A 62 3.69 -9.01 9.01
C LYS A 62 3.37 -7.52 9.15
N ARG A 63 2.64 -7.17 10.22
CA ARG A 63 2.19 -5.80 10.50
C ARG A 63 3.28 -5.01 11.27
N GLN A 64 4.50 -5.05 10.72
CA GLN A 64 5.65 -4.29 11.24
C GLN A 64 6.14 -3.36 10.13
N ASN A 65 6.65 -3.97 9.05
CA ASN A 65 7.18 -3.26 7.87
C ASN A 65 6.02 -2.62 7.08
N LEU A 66 5.05 -3.47 6.68
CA LEU A 66 3.92 -3.05 5.80
C LEU A 66 2.96 -2.08 6.55
N ASP A 67 2.82 -2.30 7.86
CA ASP A 67 2.00 -1.42 8.75
C ASP A 67 2.57 0.01 8.74
N GLU A 68 3.91 0.09 8.82
CA GLU A 68 4.65 1.36 8.78
C GLU A 68 4.59 1.99 7.37
N ILE A 69 4.63 1.16 6.31
CA ILE A 69 4.51 1.63 4.90
C ILE A 69 3.20 2.41 4.69
N LEU A 70 2.10 1.86 5.24
CA LEU A 70 0.76 2.42 5.12
C LEU A 70 0.56 3.66 6.02
N GLN A 71 1.16 3.63 7.22
CA GLN A 71 1.06 4.75 8.18
C GLN A 71 1.82 5.98 7.66
N GLN A 72 3.01 5.72 7.09
CA GLN A 72 3.84 6.76 6.45
C GLN A 72 3.12 7.32 5.21
N HIS A 73 2.51 6.43 4.39
CA HIS A 73 1.69 6.83 3.22
C HIS A 73 0.56 7.79 3.64
N LYS A 74 -0.04 7.50 4.81
CA LYS A 74 -1.10 8.32 5.37
C LYS A 74 -0.58 9.74 5.72
N LEU A 75 0.40 9.79 6.65
CA LEU A 75 0.83 11.05 7.29
C LEU A 75 1.61 11.98 6.33
N LYS A 76 2.41 11.41 5.41
CA LYS A 76 3.26 12.20 4.46
C LYS A 76 2.39 13.05 3.54
N MET A 77 1.41 12.40 2.90
CA MET A 77 0.48 13.07 1.97
C MET A 77 -0.46 14.02 2.74
N GLU A 78 -0.95 13.55 3.90
CA GLU A 78 -1.99 14.24 4.69
C GLU A 78 -1.50 15.61 5.23
N LYS A 79 -0.26 15.61 5.77
CA LYS A 79 0.33 16.80 6.43
C LYS A 79 0.55 17.95 5.42
N GLU A 80 1.09 17.61 4.24
CA GLU A 80 1.44 18.60 3.20
C GLU A 80 0.17 19.05 2.46
N ARG A 81 -0.84 18.16 2.41
CA ARG A 81 -2.15 18.42 1.79
C ARG A 81 -2.90 19.51 2.57
N ASN A 82 -2.75 19.47 3.90
CA ASN A 82 -3.36 20.46 4.82
C ASN A 82 -2.52 21.76 4.78
N ALA A 83 -1.18 21.60 4.75
CA ALA A 83 -0.22 22.71 4.77
C ALA A 83 -0.24 23.53 3.46
N ARG A 84 -0.73 22.92 2.36
CA ARG A 84 -0.87 23.61 1.06
C ARG A 84 -2.24 24.30 0.94
N ARG A 85 -3.18 23.97 1.85
CA ARG A 85 -4.50 24.63 1.90
C ARG A 85 -4.53 25.71 3.00
N LYS A 86 -3.39 26.42 3.10
CA LYS A 86 -3.27 27.66 3.91
C LYS A 86 -3.95 28.87 3.21
N LYS A 87 -4.64 28.59 2.06
CA LYS A 87 -5.50 29.54 1.35
C LYS A 87 -6.81 29.77 2.15
N LYS A 88 -6.66 30.46 3.28
CA LYS A 88 -7.73 30.74 4.26
C LYS A 88 -7.20 31.81 5.23
N LYS A 89 -7.91 32.95 5.34
CA LYS A 89 -7.56 34.02 6.27
C LYS A 89 -8.45 33.89 7.54
N TRP A 19 6.17 -15.39 -3.40
CA TRP A 19 6.29 -13.95 -3.67
C TRP A 19 7.78 -13.57 -3.76
N THR A 20 8.24 -13.38 -5.00
CA THR A 20 9.60 -12.88 -5.31
C THR A 20 9.68 -11.36 -5.01
N GLU A 21 10.90 -10.84 -4.73
CA GLU A 21 11.15 -9.41 -4.41
C GLU A 21 10.59 -8.44 -5.47
N GLU A 22 10.40 -8.92 -6.71
CA GLU A 22 9.88 -8.10 -7.81
C GLU A 22 8.37 -7.81 -7.61
N GLU A 23 7.57 -8.89 -7.47
CA GLU A 23 6.10 -8.79 -7.29
C GLU A 23 5.75 -8.25 -5.89
N MET A 24 6.61 -8.54 -4.92
CA MET A 24 6.46 -8.06 -3.52
C MET A 24 6.76 -6.56 -3.46
N GLY A 25 7.79 -6.13 -4.22
CA GLY A 25 8.17 -4.72 -4.33
C GLY A 25 7.15 -3.90 -5.12
N THR A 26 6.48 -4.56 -6.09
CA THR A 26 5.40 -3.95 -6.89
C THR A 26 4.10 -3.86 -6.06
N ALA A 27 3.90 -4.84 -5.14
CA ALA A 27 2.77 -4.86 -4.19
C ALA A 27 2.92 -3.71 -3.19
N LYS A 28 4.11 -3.64 -2.61
CA LYS A 28 4.54 -2.57 -1.67
C LYS A 28 4.40 -1.19 -2.34
N LYS A 29 4.85 -1.09 -3.60
CA LYS A 29 4.78 0.13 -4.41
C LYS A 29 3.31 0.53 -4.64
N GLY A 30 2.47 -0.49 -4.88
CA GLY A 30 1.04 -0.29 -5.11
C GLY A 30 0.30 0.19 -3.87
N LEU A 31 0.71 -0.31 -2.72
CA LEU A 31 0.17 0.08 -1.40
C LEU A 31 0.63 1.51 -1.03
N LEU A 32 1.86 1.82 -1.45
CA LEU A 32 2.51 3.13 -1.22
C LEU A 32 1.92 4.20 -2.16
N GLU A 33 1.35 3.76 -3.30
CA GLU A 33 0.84 4.67 -4.36
C GLU A 33 -0.70 4.72 -4.38
N HIS A 34 -1.32 3.57 -4.68
CA HIS A 34 -2.79 3.43 -4.80
C HIS A 34 -3.46 3.47 -3.42
N GLY A 35 -2.91 2.65 -2.51
CA GLY A 35 -3.44 2.51 -1.16
C GLY A 35 -3.71 1.06 -0.77
N ARG A 36 -4.52 0.86 0.27
CA ARG A 36 -4.79 -0.45 0.90
C ARG A 36 -5.91 -1.22 0.15
N ASN A 37 -6.32 -0.70 -1.01
CA ASN A 37 -7.32 -1.32 -1.88
C ASN A 37 -6.76 -2.64 -2.46
N TRP A 38 -7.08 -3.76 -1.78
CA TRP A 38 -6.55 -5.10 -2.11
C TRP A 38 -6.93 -5.55 -3.53
N SER A 39 -8.00 -4.95 -4.07
CA SER A 39 -8.51 -5.23 -5.43
C SER A 39 -7.54 -4.66 -6.48
N ALA A 40 -7.08 -3.41 -6.23
CA ALA A 40 -6.13 -2.70 -7.09
C ALA A 40 -4.77 -3.43 -7.10
N ILE A 41 -4.36 -3.89 -5.90
CA ILE A 41 -3.06 -4.56 -5.69
C ILE A 41 -3.11 -5.98 -6.31
N ALA A 42 -4.25 -6.67 -6.14
CA ALA A 42 -4.45 -8.05 -6.65
C ALA A 42 -4.38 -8.10 -8.17
N ARG A 43 -4.94 -7.07 -8.83
CA ARG A 43 -4.88 -6.94 -10.30
C ARG A 43 -3.49 -6.44 -10.75
N MET A 44 -2.83 -5.63 -9.90
CA MET A 44 -1.52 -5.02 -10.22
C MET A 44 -0.42 -6.10 -10.31
N VAL A 45 -0.24 -6.86 -9.21
CA VAL A 45 0.81 -7.89 -9.12
C VAL A 45 0.33 -9.26 -9.65
N GLY A 46 -0.85 -9.70 -9.21
CA GLY A 46 -1.39 -11.02 -9.55
C GLY A 46 -2.10 -11.04 -10.90
N SER A 47 -2.83 -9.94 -11.18
CA SER A 47 -3.85 -9.84 -12.26
C SER A 47 -4.98 -10.87 -12.01
N LYS A 48 -5.22 -11.16 -10.71
CA LYS A 48 -6.14 -12.22 -10.26
C LYS A 48 -7.10 -11.64 -9.18
N THR A 49 -8.05 -12.48 -8.72
CA THR A 49 -9.05 -12.14 -7.68
C THR A 49 -8.42 -11.49 -6.41
N VAL A 50 -9.24 -10.64 -5.73
CA VAL A 50 -8.85 -9.91 -4.48
C VAL A 50 -8.26 -10.85 -3.40
N SER A 51 -8.71 -12.12 -3.44
CA SER A 51 -8.27 -13.21 -2.54
C SER A 51 -6.73 -13.30 -2.43
N GLN A 52 -6.01 -13.12 -3.56
CA GLN A 52 -4.53 -13.29 -3.59
C GLN A 52 -3.81 -12.23 -2.73
N CYS A 53 -4.25 -10.96 -2.85
CA CYS A 53 -3.62 -9.81 -2.14
C CYS A 53 -4.07 -9.76 -0.67
N LYS A 54 -5.36 -10.11 -0.43
CA LYS A 54 -5.92 -10.21 0.93
C LYS A 54 -5.14 -11.28 1.73
N ASN A 55 -5.02 -12.47 1.12
CA ASN A 55 -4.29 -13.60 1.69
C ASN A 55 -2.82 -13.26 1.94
N PHE A 56 -2.18 -12.53 0.99
CA PHE A 56 -0.72 -12.18 1.03
C PHE A 56 -0.30 -11.65 2.41
N TYR A 57 -1.21 -10.86 3.02
CA TYR A 57 -0.99 -10.22 4.32
C TYR A 57 -0.65 -11.27 5.40
N PHE A 58 -1.42 -12.36 5.44
CA PHE A 58 -1.27 -13.45 6.43
C PHE A 58 -0.76 -14.77 5.81
N ASN A 59 -0.37 -14.74 4.52
CA ASN A 59 0.05 -15.95 3.77
C ASN A 59 1.58 -16.07 3.74
N TYR A 60 2.25 -15.11 3.05
CA TYR A 60 3.69 -15.17 2.80
C TYR A 60 4.48 -14.88 4.09
N LYS A 61 4.55 -13.57 4.46
CA LYS A 61 5.38 -13.08 5.58
C LYS A 61 5.15 -11.55 5.74
N LYS A 62 5.68 -10.97 6.84
CA LYS A 62 5.65 -9.52 7.16
C LYS A 62 4.22 -9.06 7.49
N ARG A 63 3.41 -9.98 8.03
CA ARG A 63 2.06 -9.71 8.54
C ARG A 63 2.13 -8.68 9.70
N GLN A 64 1.21 -7.70 9.68
CA GLN A 64 1.11 -6.58 10.65
C GLN A 64 2.16 -5.47 10.36
N ASN A 65 3.40 -5.87 10.01
CA ASN A 65 4.49 -4.93 9.66
C ASN A 65 4.20 -4.22 8.31
N LEU A 66 3.43 -4.89 7.43
CA LEU A 66 3.02 -4.36 6.11
C LEU A 66 2.14 -3.08 6.28
N ASP A 67 1.50 -2.94 7.45
CA ASP A 67 0.70 -1.73 7.81
C ASP A 67 1.52 -0.45 7.67
N GLU A 68 2.84 -0.53 7.98
CA GLU A 68 3.74 0.64 8.00
C GLU A 68 3.85 1.33 6.62
N ILE A 69 3.76 0.54 5.54
CA ILE A 69 3.81 1.05 4.15
C ILE A 69 2.57 1.95 3.90
N LEU A 70 1.42 1.53 4.45
CA LEU A 70 0.15 2.26 4.38
C LEU A 70 0.09 3.40 5.42
N GLN A 71 0.82 3.21 6.53
CA GLN A 71 0.85 4.14 7.67
C GLN A 71 1.60 5.41 7.27
N GLN A 72 2.73 5.23 6.59
CA GLN A 72 3.55 6.31 6.05
C GLN A 72 2.82 6.98 4.86
N HIS A 73 2.18 6.14 4.02
CA HIS A 73 1.34 6.61 2.88
C HIS A 73 0.19 7.52 3.37
N LYS A 74 -0.28 7.25 4.60
CA LYS A 74 -1.36 8.01 5.24
C LYS A 74 -0.82 9.34 5.84
N LEU A 75 0.12 9.23 6.81
CA LEU A 75 0.53 10.36 7.66
C LEU A 75 1.27 11.45 6.86
N LYS A 76 2.07 11.02 5.86
CA LYS A 76 2.84 11.94 4.99
C LYS A 76 1.90 12.75 4.09
N MET A 77 0.85 12.07 3.59
CA MET A 77 -0.13 12.66 2.66
C MET A 77 -0.97 13.74 3.35
N GLU A 78 -1.38 13.45 4.60
CA GLU A 78 -2.29 14.32 5.37
C GLU A 78 -1.57 15.58 5.90
N LYS A 79 -0.31 15.44 6.33
CA LYS A 79 0.43 16.55 6.95
C LYS A 79 0.79 17.64 5.92
N GLU A 80 1.19 17.21 4.70
CA GLU A 80 1.47 18.14 3.58
C GLU A 80 0.16 18.73 3.06
N ARG A 81 -0.94 17.93 3.14
CA ARG A 81 -2.28 18.29 2.64
C ARG A 81 -2.78 19.55 3.34
N ASN A 82 -2.67 19.56 4.69
CA ASN A 82 -3.04 20.71 5.52
C ASN A 82 -2.24 21.96 5.08
N ALA A 83 -0.92 21.77 4.96
CA ALA A 83 0.03 22.85 4.65
C ALA A 83 -0.22 23.48 3.25
N ARG A 84 -0.58 22.63 2.26
CA ARG A 84 -0.78 23.07 0.85
C ARG A 84 -2.22 23.56 0.60
N ARG A 85 -3.12 23.38 1.59
CA ARG A 85 -4.48 23.94 1.56
C ARG A 85 -4.55 25.26 2.37
N LYS A 86 -3.57 25.46 3.26
CA LYS A 86 -3.41 26.73 4.00
C LYS A 86 -2.49 27.68 3.21
N LYS A 87 -2.85 28.98 3.25
CA LYS A 87 -2.06 30.06 2.65
C LYS A 87 -2.42 31.37 3.37
N LYS A 88 -1.42 31.98 4.01
CA LYS A 88 -1.58 33.22 4.78
C LYS A 88 -0.28 34.05 4.71
N LYS A 89 -0.30 35.24 5.34
CA LYS A 89 0.90 36.09 5.50
C LYS A 89 1.46 35.99 6.96
N TRP A 19 6.82 -15.40 -4.16
CA TRP A 19 6.88 -13.93 -4.21
C TRP A 19 8.34 -13.45 -4.17
N THR A 20 8.85 -13.05 -5.34
CA THR A 20 10.19 -12.47 -5.49
C THR A 20 10.20 -11.01 -4.94
N GLU A 21 11.36 -10.56 -4.42
CA GLU A 21 11.51 -9.20 -3.85
C GLU A 21 11.15 -8.08 -4.86
N GLU A 22 11.20 -8.41 -6.16
CA GLU A 22 10.85 -7.49 -7.26
C GLU A 22 9.33 -7.20 -7.28
N GLU A 23 8.51 -8.28 -7.32
CA GLU A 23 7.03 -8.17 -7.30
C GLU A 23 6.53 -7.68 -5.92
N MET A 24 7.29 -8.00 -4.86
CA MET A 24 7.00 -7.51 -3.49
C MET A 24 7.36 -6.02 -3.34
N GLY A 25 8.26 -5.53 -4.21
CA GLY A 25 8.52 -4.09 -4.36
C GLY A 25 7.36 -3.39 -5.04
N THR A 26 6.74 -4.07 -6.02
CA THR A 26 5.50 -3.61 -6.70
C THR A 26 4.29 -3.68 -5.74
N ALA A 27 4.31 -4.67 -4.83
CA ALA A 27 3.25 -4.87 -3.81
C ALA A 27 3.35 -3.77 -2.76
N LYS A 28 4.59 -3.52 -2.32
CA LYS A 28 4.95 -2.43 -1.39
C LYS A 28 4.47 -1.07 -1.97
N LYS A 29 4.71 -0.90 -3.28
CA LYS A 29 4.31 0.31 -4.04
C LYS A 29 2.78 0.45 -4.13
N GLY A 30 2.10 -0.67 -4.43
CA GLY A 30 0.65 -0.69 -4.60
C GLY A 30 -0.09 -0.40 -3.31
N LEU A 31 0.37 -1.02 -2.23
CA LEU A 31 -0.16 -0.84 -0.88
C LEU A 31 0.22 0.55 -0.32
N LEU A 32 1.29 1.15 -0.86
CA LEU A 32 1.70 2.54 -0.58
C LEU A 32 0.79 3.55 -1.33
N GLU A 33 0.29 3.17 -2.51
CA GLU A 33 -0.51 4.08 -3.37
C GLU A 33 -2.03 3.89 -3.17
N HIS A 34 -2.50 2.68 -3.53
CA HIS A 34 -3.94 2.32 -3.44
C HIS A 34 -4.35 1.99 -1.99
N GLY A 35 -3.37 1.58 -1.19
CA GLY A 35 -3.61 1.09 0.17
C GLY A 35 -3.89 -0.41 0.20
N ARG A 36 -4.49 -0.93 1.29
CA ARG A 36 -4.79 -2.37 1.43
C ARG A 36 -6.09 -2.77 0.67
N ASN A 37 -6.50 -1.99 -0.33
CA ASN A 37 -7.66 -2.31 -1.19
C ASN A 37 -7.30 -3.52 -2.07
N TRP A 38 -7.63 -4.73 -1.58
CA TRP A 38 -7.22 -6.01 -2.19
C TRP A 38 -7.76 -6.16 -3.62
N SER A 39 -8.86 -5.45 -3.95
CA SER A 39 -9.40 -5.40 -5.31
C SER A 39 -8.36 -4.77 -6.25
N ALA A 40 -7.88 -3.57 -5.89
CA ALA A 40 -6.91 -2.80 -6.71
C ALA A 40 -5.54 -3.50 -6.82
N ILE A 41 -5.08 -4.06 -5.69
CA ILE A 41 -3.73 -4.66 -5.59
C ILE A 41 -3.67 -6.01 -6.32
N ALA A 42 -4.76 -6.79 -6.24
CA ALA A 42 -4.84 -8.10 -6.90
C ALA A 42 -4.96 -7.97 -8.44
N ARG A 43 -5.39 -6.79 -8.90
CA ARG A 43 -5.34 -6.43 -10.33
C ARG A 43 -3.90 -6.01 -10.72
N MET A 44 -3.23 -5.31 -9.80
CA MET A 44 -1.91 -4.70 -10.03
C MET A 44 -0.77 -5.77 -9.98
N VAL A 45 -0.58 -6.38 -8.81
CA VAL A 45 0.48 -7.40 -8.59
C VAL A 45 -0.01 -8.81 -8.97
N GLY A 46 -1.29 -9.10 -8.62
CA GLY A 46 -1.86 -10.43 -8.80
C GLY A 46 -2.20 -10.72 -10.26
N SER A 47 -2.76 -9.70 -10.95
CA SER A 47 -3.19 -9.79 -12.38
C SER A 47 -4.28 -10.88 -12.57
N LYS A 48 -5.06 -11.17 -11.49
CA LYS A 48 -5.99 -12.31 -11.49
C LYS A 48 -7.30 -11.96 -10.71
N THR A 49 -7.33 -12.25 -9.38
CA THR A 49 -8.57 -12.21 -8.58
C THR A 49 -8.28 -11.57 -7.20
N VAL A 50 -9.30 -10.89 -6.60
CA VAL A 50 -9.18 -10.17 -5.30
C VAL A 50 -8.60 -11.07 -4.18
N SER A 51 -8.98 -12.35 -4.23
CA SER A 51 -8.55 -13.39 -3.26
C SER A 51 -7.03 -13.61 -3.24
N GLN A 52 -6.36 -13.35 -4.38
CA GLN A 52 -4.92 -13.59 -4.56
C GLN A 52 -4.08 -12.72 -3.59
N CYS A 53 -4.37 -11.42 -3.55
CA CYS A 53 -3.64 -10.45 -2.68
C CYS A 53 -4.19 -10.47 -1.24
N LYS A 54 -5.48 -10.86 -1.10
CA LYS A 54 -6.14 -11.02 0.21
C LYS A 54 -5.38 -12.12 1.01
N ASN A 55 -5.29 -13.31 0.40
CA ASN A 55 -4.66 -14.50 0.99
C ASN A 55 -3.15 -14.29 1.24
N PHE A 56 -2.50 -13.44 0.41
CA PHE A 56 -1.09 -13.03 0.58
C PHE A 56 -0.86 -12.40 1.97
N TYR A 57 -1.84 -11.58 2.42
CA TYR A 57 -1.76 -10.87 3.70
C TYR A 57 -1.81 -11.85 4.90
N PHE A 58 -2.29 -13.07 4.63
CA PHE A 58 -2.37 -14.15 5.62
C PHE A 58 -1.42 -15.31 5.25
N ASN A 59 -0.45 -15.05 4.34
CA ASN A 59 0.50 -16.07 3.83
C ASN A 59 1.96 -15.60 3.95
N TYR A 60 2.20 -14.26 3.97
CA TYR A 60 3.57 -13.73 4.20
C TYR A 60 3.97 -13.91 5.68
N LYS A 61 5.27 -13.79 6.01
CA LYS A 61 5.79 -13.99 7.39
C LYS A 61 5.04 -13.08 8.40
N LYS A 62 4.59 -13.67 9.52
CA LYS A 62 3.87 -12.96 10.60
C LYS A 62 4.84 -11.96 11.25
N ARG A 63 4.89 -10.77 10.64
CA ARG A 63 5.84 -9.71 10.96
C ARG A 63 5.19 -8.42 10.42
N GLN A 64 4.68 -7.56 11.34
CA GLN A 64 4.06 -6.30 10.95
C GLN A 64 5.11 -5.37 10.31
N ASN A 65 4.94 -5.09 9.02
CA ASN A 65 5.84 -4.23 8.24
C ASN A 65 4.99 -3.33 7.35
N LEU A 66 4.05 -3.97 6.65
CA LEU A 66 3.14 -3.32 5.68
C LEU A 66 2.23 -2.28 6.37
N ASP A 67 2.00 -2.49 7.68
CA ASP A 67 1.24 -1.57 8.55
C ASP A 67 1.90 -0.17 8.58
N GLU A 68 3.24 -0.12 8.56
CA GLU A 68 3.99 1.14 8.54
C GLU A 68 3.88 1.83 7.15
N ILE A 69 3.83 1.02 6.07
CA ILE A 69 3.71 1.55 4.68
C ILE A 69 2.42 2.38 4.52
N LEU A 70 1.34 1.90 5.16
CA LEU A 70 0.03 2.59 5.19
C LEU A 70 0.07 3.86 6.07
N GLN A 71 0.86 3.80 7.16
CA GLN A 71 1.10 4.96 8.04
C GLN A 71 1.80 6.09 7.26
N GLN A 72 2.81 5.72 6.47
CA GLN A 72 3.60 6.66 5.64
C GLN A 72 2.73 7.25 4.52
N HIS A 73 1.87 6.39 3.95
CA HIS A 73 0.90 6.78 2.90
C HIS A 73 -0.02 7.92 3.39
N LYS A 74 -0.43 7.83 4.67
CA LYS A 74 -1.28 8.86 5.29
C LYS A 74 -0.47 10.13 5.63
N LEU A 75 0.56 9.97 6.48
CA LEU A 75 1.22 11.10 7.16
C LEU A 75 1.92 12.05 6.17
N LYS A 76 2.51 11.48 5.09
CA LYS A 76 3.23 12.27 4.06
C LYS A 76 2.26 13.13 3.23
N MET A 77 1.16 12.49 2.79
CA MET A 77 0.11 13.13 1.97
C MET A 77 -0.57 14.28 2.73
N GLU A 78 -0.94 13.99 3.98
CA GLU A 78 -1.67 14.93 4.85
C GLU A 78 -0.76 16.09 5.30
N LYS A 79 0.52 15.77 5.54
CA LYS A 79 1.56 16.73 6.00
C LYS A 79 1.65 17.94 5.07
N GLU A 80 1.92 17.66 3.79
CA GLU A 80 2.12 18.69 2.76
C GLU A 80 0.80 19.37 2.37
N ARG A 81 -0.32 18.59 2.41
CA ARG A 81 -1.65 19.08 1.98
C ARG A 81 -2.22 20.11 2.97
N ASN A 82 -1.99 19.86 4.27
CA ASN A 82 -2.43 20.76 5.36
C ASN A 82 -1.55 22.03 5.37
N ALA A 83 -0.23 21.83 5.21
CA ALA A 83 0.78 22.91 5.32
C ALA A 83 0.70 23.90 4.13
N ARG A 84 0.30 23.41 2.94
CA ARG A 84 0.20 24.27 1.73
C ARG A 84 -1.03 25.19 1.80
N ARG A 85 -2.13 24.70 2.39
CA ARG A 85 -3.39 25.47 2.55
C ARG A 85 -3.21 26.58 3.60
N LYS A 86 -2.25 26.37 4.52
CA LYS A 86 -1.88 27.35 5.54
C LYS A 86 -1.28 28.61 4.88
N LYS A 87 -2.09 29.67 4.83
CA LYS A 87 -1.69 30.96 4.25
C LYS A 87 -2.48 32.08 4.95
N LYS A 88 -1.98 32.50 6.12
CA LYS A 88 -2.54 33.60 6.92
C LYS A 88 -1.48 34.14 7.89
N LYS A 89 -1.33 35.48 7.93
CA LYS A 89 -0.32 36.18 8.75
C LYS A 89 -0.60 37.70 8.68
N TRP A 19 5.67 -15.63 -3.94
CA TRP A 19 5.91 -14.18 -4.05
C TRP A 19 7.42 -13.90 -4.08
N THR A 20 7.92 -13.61 -5.30
CA THR A 20 9.30 -13.12 -5.54
C THR A 20 9.45 -11.71 -4.93
N GLU A 21 10.64 -11.36 -4.41
CA GLU A 21 10.89 -10.06 -3.73
C GLU A 21 10.66 -8.85 -4.68
N GLU A 22 10.76 -9.10 -5.99
CA GLU A 22 10.49 -8.10 -7.06
C GLU A 22 8.98 -7.73 -7.09
N GLU A 23 8.11 -8.74 -7.22
CA GLU A 23 6.63 -8.56 -7.27
C GLU A 23 6.08 -8.16 -5.89
N MET A 24 6.77 -8.62 -4.85
CA MET A 24 6.52 -8.27 -3.44
C MET A 24 6.79 -6.77 -3.22
N GLY A 25 7.83 -6.26 -3.91
CA GLY A 25 8.16 -4.83 -3.90
C GLY A 25 7.17 -4.01 -4.73
N THR A 26 6.65 -4.62 -5.79
CA THR A 26 5.62 -4.01 -6.65
C THR A 26 4.28 -3.93 -5.89
N ALA A 27 4.02 -4.94 -5.02
CA ALA A 27 2.80 -4.98 -4.16
C ALA A 27 2.95 -4.02 -2.99
N LYS A 28 4.18 -3.91 -2.49
CA LYS A 28 4.56 -2.95 -1.45
C LYS A 28 4.30 -1.52 -1.94
N LYS A 29 4.78 -1.23 -3.16
CA LYS A 29 4.62 0.07 -3.84
C LYS A 29 3.15 0.30 -4.24
N GLY A 30 2.47 -0.77 -4.65
CA GLY A 30 1.06 -0.69 -5.06
C GLY A 30 0.15 -0.25 -3.93
N LEU A 31 0.26 -0.98 -2.82
CA LEU A 31 -0.44 -0.66 -1.56
C LEU A 31 0.01 0.72 -1.03
N LEU A 32 1.33 1.02 -1.15
CA LEU A 32 1.92 2.33 -0.74
C LEU A 32 1.32 3.50 -1.55
N GLU A 33 0.98 3.25 -2.82
CA GLU A 33 0.50 4.31 -3.73
C GLU A 33 -1.02 4.54 -3.57
N HIS A 34 -1.80 3.47 -3.72
CA HIS A 34 -3.28 3.53 -3.82
C HIS A 34 -3.95 3.41 -2.44
N GLY A 35 -3.27 2.72 -1.53
CA GLY A 35 -3.85 2.32 -0.24
C GLY A 35 -4.04 0.80 -0.20
N ARG A 36 -4.61 0.27 0.91
CA ARG A 36 -4.85 -1.18 1.07
C ARG A 36 -6.15 -1.62 0.35
N ASN A 37 -6.19 -1.34 -0.96
CA ASN A 37 -7.32 -1.69 -1.85
C ASN A 37 -7.13 -3.13 -2.34
N TRP A 38 -7.80 -4.08 -1.65
CA TRP A 38 -7.62 -5.54 -1.88
C TRP A 38 -7.86 -5.92 -3.35
N SER A 39 -8.97 -5.43 -3.91
CA SER A 39 -9.39 -5.74 -5.29
C SER A 39 -8.44 -5.11 -6.33
N ALA A 40 -8.00 -3.86 -6.05
CA ALA A 40 -7.23 -3.04 -7.01
C ALA A 40 -5.78 -3.52 -7.14
N ILE A 41 -5.17 -3.85 -5.99
CA ILE A 41 -3.74 -4.26 -5.92
C ILE A 41 -3.58 -5.72 -6.33
N ALA A 42 -4.60 -6.54 -6.05
CA ALA A 42 -4.64 -7.93 -6.51
C ALA A 42 -4.89 -8.01 -8.03
N ARG A 43 -5.48 -6.92 -8.58
CA ARG A 43 -5.60 -6.72 -10.04
C ARG A 43 -4.28 -6.15 -10.62
N MET A 44 -3.51 -5.41 -9.81
CA MET A 44 -2.24 -4.78 -10.25
C MET A 44 -1.11 -5.82 -10.33
N VAL A 45 -0.73 -6.38 -9.17
CA VAL A 45 0.42 -7.29 -9.03
C VAL A 45 0.01 -8.74 -9.25
N GLY A 46 -1.15 -9.12 -8.70
CA GLY A 46 -1.71 -10.46 -8.84
C GLY A 46 -2.27 -10.69 -10.23
N SER A 47 -2.86 -9.61 -10.80
CA SER A 47 -3.35 -9.54 -12.19
C SER A 47 -4.59 -10.45 -12.43
N LYS A 48 -5.11 -11.11 -11.37
CA LYS A 48 -6.18 -12.13 -11.51
C LYS A 48 -7.42 -11.78 -10.67
N THR A 49 -7.40 -12.04 -9.35
CA THR A 49 -8.58 -11.88 -8.47
C THR A 49 -8.16 -11.23 -7.13
N VAL A 50 -9.16 -10.76 -6.35
CA VAL A 50 -8.98 -10.10 -5.02
C VAL A 50 -8.09 -10.94 -4.06
N SER A 51 -8.17 -12.27 -4.20
CA SER A 51 -7.50 -13.26 -3.34
C SER A 51 -5.97 -13.05 -3.23
N GLN A 52 -5.33 -12.57 -4.31
CA GLN A 52 -3.84 -12.42 -4.37
C GLN A 52 -3.31 -11.46 -3.28
N CYS A 53 -3.90 -10.26 -3.16
CA CYS A 53 -3.47 -9.24 -2.17
C CYS A 53 -3.89 -9.67 -0.75
N LYS A 54 -5.00 -10.43 -0.67
CA LYS A 54 -5.52 -10.97 0.60
C LYS A 54 -4.54 -11.97 1.24
N ASN A 55 -4.14 -12.99 0.47
CA ASN A 55 -3.24 -14.05 0.97
C ASN A 55 -1.81 -13.52 1.17
N PHE A 56 -1.44 -12.46 0.44
CA PHE A 56 -0.14 -11.77 0.63
C PHE A 56 -0.05 -11.15 2.04
N TYR A 57 -1.19 -10.60 2.50
CA TYR A 57 -1.29 -9.88 3.78
C TYR A 57 -1.41 -10.84 4.98
N PHE A 58 -2.35 -11.81 4.88
CA PHE A 58 -2.77 -12.68 6.02
C PHE A 58 -2.01 -14.03 6.01
N ASN A 59 -2.18 -14.81 4.92
CA ASN A 59 -1.62 -16.17 4.76
C ASN A 59 -0.07 -16.15 4.75
N TYR A 60 0.50 -15.17 4.04
CA TYR A 60 1.95 -15.03 3.86
C TYR A 60 2.59 -14.43 5.11
N LYS A 61 3.85 -14.81 5.37
CA LYS A 61 4.65 -14.30 6.48
C LYS A 61 4.90 -12.78 6.32
N LYS A 62 4.30 -12.00 7.24
CA LYS A 62 4.41 -10.53 7.28
C LYS A 62 5.90 -10.05 7.40
N ARG A 63 6.59 -10.04 6.26
CA ARG A 63 8.00 -9.60 6.15
C ARG A 63 8.13 -8.45 5.15
N GLN A 64 7.01 -8.15 4.47
CA GLN A 64 6.86 -6.94 3.65
C GLN A 64 6.76 -5.69 4.57
N ASN A 65 6.29 -5.92 5.83
CA ASN A 65 6.12 -4.86 6.86
C ASN A 65 5.14 -3.78 6.38
N LEU A 66 4.03 -4.24 5.78
CA LEU A 66 3.10 -3.40 5.00
C LEU A 66 2.37 -2.36 5.88
N ASP A 67 2.15 -2.69 7.16
CA ASP A 67 1.39 -1.84 8.09
C ASP A 67 2.07 -0.47 8.32
N GLU A 68 3.39 -0.50 8.60
CA GLU A 68 4.18 0.73 8.86
C GLU A 68 4.34 1.56 7.57
N ILE A 69 4.43 0.88 6.42
CA ILE A 69 4.58 1.50 5.08
C ILE A 69 3.38 2.41 4.76
N LEU A 70 2.17 1.87 5.01
CA LEU A 70 0.91 2.59 4.78
C LEU A 70 0.62 3.62 5.88
N GLN A 71 1.18 3.39 7.07
CA GLN A 71 1.08 4.33 8.20
C GLN A 71 1.83 5.62 7.82
N GLN A 72 3.00 5.45 7.17
CA GLN A 72 3.81 6.57 6.66
C GLN A 72 3.05 7.31 5.54
N HIS A 73 2.57 6.55 4.53
CA HIS A 73 1.83 7.11 3.37
C HIS A 73 0.63 7.97 3.82
N LYS A 74 -0.06 7.47 4.86
CA LYS A 74 -1.22 8.13 5.44
C LYS A 74 -0.85 9.53 5.95
N LEU A 75 0.10 9.57 6.91
CA LEU A 75 0.49 10.82 7.59
C LEU A 75 1.20 11.79 6.61
N LYS A 76 1.89 11.24 5.58
CA LYS A 76 2.65 12.03 4.57
C LYS A 76 1.69 12.90 3.73
N MET A 77 0.74 12.24 3.04
CA MET A 77 -0.18 12.92 2.10
C MET A 77 -1.09 13.92 2.83
N GLU A 78 -1.57 13.53 4.03
CA GLU A 78 -2.47 14.37 4.83
C GLU A 78 -1.76 15.63 5.36
N LYS A 79 -0.45 15.53 5.73
CA LYS A 79 0.29 16.67 6.30
C LYS A 79 0.71 17.66 5.19
N GLU A 80 1.17 17.14 4.04
CA GLU A 80 1.66 17.98 2.92
C GLU A 80 0.49 18.71 2.26
N ARG A 81 -0.69 18.05 2.21
CA ARG A 81 -1.94 18.65 1.74
C ARG A 81 -2.37 19.79 2.68
N ASN A 82 -2.47 19.45 3.99
CA ASN A 82 -2.88 20.39 5.07
C ASN A 82 -1.99 21.67 5.08
N ALA A 83 -0.72 21.48 4.67
CA ALA A 83 0.27 22.56 4.60
C ALA A 83 0.11 23.42 3.32
N ARG A 84 -0.02 22.76 2.13
CA ARG A 84 0.01 23.45 0.81
C ARG A 84 -1.30 24.20 0.51
N ARG A 85 -2.39 23.80 1.19
CA ARG A 85 -3.69 24.49 1.05
C ARG A 85 -3.67 25.84 1.82
N LYS A 86 -2.78 25.94 2.83
CA LYS A 86 -2.53 27.19 3.56
C LYS A 86 -1.39 27.96 2.86
N LYS A 87 -1.74 28.63 1.74
CA LYS A 87 -0.78 29.35 0.90
C LYS A 87 -0.36 30.69 1.54
N LYS A 88 0.79 30.66 2.23
CA LYS A 88 1.41 31.84 2.86
C LYS A 88 2.94 31.84 2.67
N LYS A 89 3.50 30.73 2.14
CA LYS A 89 4.95 30.56 1.92
C LYS A 89 5.20 30.29 0.41
N TRP A 19 5.87 -15.97 -4.83
CA TRP A 19 5.98 -14.53 -4.56
C TRP A 19 7.40 -14.17 -4.12
N THR A 20 8.25 -13.89 -5.12
CA THR A 20 9.63 -13.38 -4.93
C THR A 20 9.59 -11.87 -4.58
N GLU A 21 10.68 -11.34 -3.99
CA GLU A 21 10.81 -9.92 -3.58
C GLU A 21 10.55 -8.91 -4.74
N GLU A 22 10.61 -9.38 -6.00
CA GLU A 22 10.32 -8.54 -7.19
C GLU A 22 8.83 -8.13 -7.24
N GLU A 23 7.93 -9.14 -7.24
CA GLU A 23 6.46 -8.92 -7.27
C GLU A 23 5.95 -8.51 -5.89
N MET A 24 6.63 -9.00 -4.84
CA MET A 24 6.37 -8.63 -3.43
C MET A 24 6.73 -7.15 -3.19
N GLY A 25 7.78 -6.69 -3.90
CA GLY A 25 8.22 -5.29 -3.87
C GLY A 25 7.29 -4.38 -4.66
N THR A 26 6.75 -4.93 -5.77
CA THR A 26 5.74 -4.24 -6.60
C THR A 26 4.39 -4.20 -5.86
N ALA A 27 4.14 -5.23 -4.99
CA ALA A 27 2.92 -5.33 -4.16
C ALA A 27 3.01 -4.34 -3.00
N LYS A 28 4.20 -4.22 -2.42
CA LYS A 28 4.53 -3.22 -1.37
C LYS A 28 4.32 -1.80 -1.90
N LYS A 29 4.86 -1.57 -3.12
CA LYS A 29 4.74 -0.30 -3.87
C LYS A 29 3.26 0.00 -4.16
N GLY A 30 2.54 -1.04 -4.62
CA GLY A 30 1.12 -0.93 -4.96
C GLY A 30 0.27 -0.54 -3.75
N LEU A 31 0.49 -1.25 -2.63
CA LEU A 31 -0.20 -1.01 -1.35
C LEU A 31 0.01 0.44 -0.88
N LEU A 32 1.24 0.96 -1.10
CA LEU A 32 1.58 2.35 -0.80
C LEU A 32 0.70 3.31 -1.64
N GLU A 33 0.77 3.14 -2.98
CA GLU A 33 0.12 4.07 -3.94
C GLU A 33 -1.42 4.08 -3.80
N HIS A 34 -2.01 2.88 -3.72
CA HIS A 34 -3.48 2.68 -3.73
C HIS A 34 -4.09 2.69 -2.31
N GLY A 35 -3.22 2.61 -1.29
CA GLY A 35 -3.65 2.75 0.12
C GLY A 35 -4.35 1.50 0.65
N ARG A 36 -3.64 0.35 0.60
CA ARG A 36 -4.06 -0.94 1.21
C ARG A 36 -5.27 -1.59 0.48
N ASN A 37 -5.66 -1.01 -0.66
CA ASN A 37 -6.86 -1.44 -1.42
C ASN A 37 -6.56 -2.75 -2.16
N TRP A 38 -6.92 -3.88 -1.52
CA TRP A 38 -6.60 -5.25 -1.96
C TRP A 38 -7.02 -5.53 -3.42
N SER A 39 -8.15 -4.93 -3.82
CA SER A 39 -8.74 -5.11 -5.14
C SER A 39 -7.83 -4.51 -6.22
N ALA A 40 -7.30 -3.31 -5.94
CA ALA A 40 -6.39 -2.60 -6.85
C ALA A 40 -5.05 -3.34 -6.96
N ILE A 41 -4.58 -3.92 -5.84
CA ILE A 41 -3.24 -4.56 -5.76
C ILE A 41 -3.25 -5.91 -6.51
N ALA A 42 -4.29 -6.72 -6.25
CA ALA A 42 -4.47 -8.03 -6.90
C ALA A 42 -4.67 -7.87 -8.41
N ARG A 43 -5.18 -6.70 -8.84
CA ARG A 43 -5.34 -6.34 -10.26
C ARG A 43 -4.00 -5.84 -10.83
N MET A 44 -3.23 -5.12 -10.01
CA MET A 44 -1.96 -4.47 -10.43
C MET A 44 -0.83 -5.50 -10.60
N VAL A 45 -0.50 -6.21 -9.52
CA VAL A 45 0.62 -7.17 -9.48
C VAL A 45 0.18 -8.56 -9.95
N GLY A 46 -1.04 -8.98 -9.57
CA GLY A 46 -1.58 -10.29 -9.92
C GLY A 46 -2.23 -10.31 -11.30
N SER A 47 -3.08 -9.29 -11.55
CA SER A 47 -4.09 -9.29 -12.64
C SER A 47 -5.11 -10.45 -12.42
N LYS A 48 -5.31 -10.80 -11.13
CA LYS A 48 -6.11 -11.95 -10.68
C LYS A 48 -7.21 -11.49 -9.70
N THR A 49 -7.86 -12.47 -9.04
CA THR A 49 -8.90 -12.28 -8.04
C THR A 49 -8.38 -11.48 -6.81
N VAL A 50 -9.26 -10.67 -6.21
CA VAL A 50 -8.94 -9.84 -5.01
C VAL A 50 -8.39 -10.68 -3.85
N SER A 51 -8.90 -11.93 -3.76
CA SER A 51 -8.50 -12.91 -2.73
C SER A 51 -6.99 -13.21 -2.75
N GLN A 52 -6.37 -13.09 -3.94
CA GLN A 52 -4.92 -13.33 -4.13
C GLN A 52 -4.06 -12.40 -3.24
N CYS A 53 -4.36 -11.08 -3.28
CA CYS A 53 -3.59 -10.06 -2.54
C CYS A 53 -3.78 -10.21 -1.02
N LYS A 54 -5.01 -10.55 -0.60
CA LYS A 54 -5.33 -10.78 0.82
C LYS A 54 -4.56 -12.00 1.36
N ASN A 55 -4.77 -13.15 0.70
CA ASN A 55 -4.19 -14.45 1.13
C ASN A 55 -2.65 -14.39 1.15
N PHE A 56 -2.08 -13.66 0.17
CA PHE A 56 -0.64 -13.34 0.12
C PHE A 56 -0.18 -12.68 1.43
N TYR A 57 -0.97 -11.72 1.91
CA TYR A 57 -0.64 -10.94 3.12
C TYR A 57 -0.81 -11.79 4.41
N PHE A 58 -1.54 -12.92 4.30
CA PHE A 58 -1.67 -13.92 5.40
C PHE A 58 -0.45 -14.85 5.44
N ASN A 59 0.16 -15.12 4.27
CA ASN A 59 1.43 -15.89 4.17
C ASN A 59 2.62 -14.98 4.57
N TYR A 60 2.86 -13.95 3.73
CA TYR A 60 3.87 -12.92 3.98
C TYR A 60 3.39 -11.97 5.11
N LYS A 61 3.91 -12.19 6.32
CA LYS A 61 3.69 -11.30 7.47
C LYS A 61 5.04 -10.94 8.09
N LYS A 62 5.13 -9.69 8.56
CA LYS A 62 6.28 -9.17 9.30
C LYS A 62 5.76 -8.41 10.53
N ARG A 63 6.57 -8.37 11.60
CA ARG A 63 6.19 -7.71 12.88
C ARG A 63 5.95 -6.20 12.71
N GLN A 64 6.72 -5.59 11.79
CA GLN A 64 6.68 -4.15 11.53
C GLN A 64 7.30 -3.84 10.16
N ASN A 65 6.45 -3.65 9.12
CA ASN A 65 6.91 -3.31 7.76
C ASN A 65 5.82 -2.53 6.99
N LEU A 66 4.96 -3.26 6.23
CA LEU A 66 4.03 -2.63 5.28
C LEU A 66 2.94 -1.84 6.02
N ASP A 67 2.55 -2.33 7.21
CA ASP A 67 1.61 -1.63 8.10
C ASP A 67 2.11 -0.22 8.47
N GLU A 68 3.44 -0.10 8.67
CA GLU A 68 4.12 1.17 8.93
C GLU A 68 4.17 2.04 7.66
N ILE A 69 4.61 1.42 6.55
CA ILE A 69 4.73 2.06 5.21
C ILE A 69 3.38 2.67 4.75
N LEU A 70 2.30 1.97 5.10
CA LEU A 70 0.92 2.34 4.74
C LEU A 70 0.50 3.58 5.55
N GLN A 71 0.83 3.55 6.85
CA GLN A 71 0.58 4.65 7.80
C GLN A 71 1.30 5.93 7.32
N GLN A 72 2.56 5.73 6.89
CA GLN A 72 3.43 6.80 6.40
C GLN A 72 2.83 7.47 5.17
N HIS A 73 2.28 6.65 4.24
CA HIS A 73 1.62 7.15 3.01
C HIS A 73 0.49 8.13 3.35
N LYS A 74 -0.30 7.78 4.39
CA LYS A 74 -1.43 8.60 4.84
C LYS A 74 -0.92 9.95 5.38
N LEU A 75 -0.10 9.90 6.45
CA LEU A 75 0.27 11.08 7.25
C LEU A 75 1.14 12.09 6.45
N LYS A 76 1.95 11.59 5.50
CA LYS A 76 2.81 12.44 4.63
C LYS A 76 1.94 13.34 3.73
N MET A 77 0.98 12.72 3.03
CA MET A 77 0.02 13.43 2.15
C MET A 77 -0.92 14.32 2.97
N GLU A 78 -1.29 13.83 4.15
CA GLU A 78 -2.25 14.48 5.06
C GLU A 78 -1.72 15.84 5.57
N LYS A 79 -0.47 15.85 6.08
CA LYS A 79 0.13 17.04 6.71
C LYS A 79 0.47 18.13 5.67
N GLU A 80 0.96 17.69 4.48
CA GLU A 80 1.38 18.62 3.41
C GLU A 80 0.15 19.23 2.74
N ARG A 81 -0.94 18.43 2.62
CA ARG A 81 -2.21 18.88 1.99
C ARG A 81 -2.91 19.90 2.89
N ASN A 82 -2.76 19.72 4.20
CA ASN A 82 -3.26 20.66 5.20
C ASN A 82 -2.47 21.99 5.10
N ALA A 83 -1.13 21.88 5.10
CA ALA A 83 -0.18 23.03 5.14
C ALA A 83 -0.20 23.87 3.84
N ARG A 84 -0.38 23.19 2.69
CA ARG A 84 -0.34 23.83 1.35
C ARG A 84 -1.60 24.68 1.11
N ARG A 85 -2.69 24.40 1.86
CA ARG A 85 -3.95 25.20 1.78
C ARG A 85 -3.97 26.30 2.87
N LYS A 86 -3.04 26.21 3.83
CA LYS A 86 -2.78 27.28 4.82
C LYS A 86 -1.82 28.30 4.17
N LYS A 87 -2.41 29.37 3.61
CA LYS A 87 -1.68 30.43 2.88
C LYS A 87 -0.93 29.84 1.65
N LYS A 88 -1.72 29.56 0.60
CA LYS A 88 -1.21 28.87 -0.62
C LYS A 88 -0.25 29.76 -1.43
N LYS A 89 0.81 29.15 -1.95
CA LYS A 89 1.81 29.79 -2.81
C LYS A 89 2.50 28.68 -3.64
N TRP A 19 5.67 -14.72 -3.10
CA TRP A 19 5.88 -13.50 -3.91
C TRP A 19 7.39 -13.19 -3.97
N THR A 20 8.00 -13.45 -5.14
CA THR A 20 9.42 -13.16 -5.41
C THR A 20 9.67 -11.62 -5.35
N GLU A 21 10.95 -11.22 -5.20
CA GLU A 21 11.37 -9.80 -5.02
C GLU A 21 10.79 -8.85 -6.08
N GLU A 22 10.55 -9.38 -7.28
CA GLU A 22 10.03 -8.59 -8.43
C GLU A 22 8.63 -8.03 -8.12
N GLU A 23 7.71 -8.93 -7.77
CA GLU A 23 6.31 -8.58 -7.44
C GLU A 23 6.19 -8.02 -6.01
N MET A 24 7.12 -8.42 -5.12
CA MET A 24 7.18 -7.92 -3.72
C MET A 24 7.22 -6.38 -3.67
N GLY A 25 8.17 -5.78 -4.42
CA GLY A 25 8.30 -4.33 -4.51
C GLY A 25 7.10 -3.66 -5.17
N THR A 26 6.50 -4.36 -6.14
CA THR A 26 5.32 -3.90 -6.90
C THR A 26 4.06 -3.87 -6.00
N ALA A 27 3.92 -4.91 -5.13
CA ALA A 27 2.76 -5.06 -4.22
C ALA A 27 2.88 -4.11 -3.03
N LYS A 28 4.12 -3.94 -2.55
CA LYS A 28 4.45 -2.96 -1.49
C LYS A 28 4.14 -1.54 -1.98
N LYS A 29 4.51 -1.26 -3.25
CA LYS A 29 4.22 0.02 -3.94
C LYS A 29 2.70 0.22 -4.03
N GLY A 30 1.97 -0.86 -4.35
CA GLY A 30 0.50 -0.80 -4.46
C GLY A 30 -0.17 -0.45 -3.15
N LEU A 31 0.22 -1.15 -2.10
CA LEU A 31 -0.30 -0.96 -0.73
C LEU A 31 0.16 0.40 -0.17
N LEU A 32 1.31 0.90 -0.66
CA LEU A 32 1.85 2.21 -0.28
C LEU A 32 1.08 3.34 -0.96
N GLU A 33 0.71 3.15 -2.24
CA GLU A 33 0.08 4.22 -3.05
C GLU A 33 -1.45 4.14 -2.98
N HIS A 34 -1.99 3.01 -3.46
CA HIS A 34 -3.45 2.79 -3.59
C HIS A 34 -4.09 2.41 -2.25
N GLY A 35 -3.30 1.76 -1.38
CA GLY A 35 -3.78 1.35 -0.04
C GLY A 35 -4.16 -0.11 0.03
N ARG A 36 -5.03 -0.47 0.98
CA ARG A 36 -5.45 -1.86 1.23
C ARG A 36 -6.66 -2.27 0.37
N ASN A 37 -6.92 -1.53 -0.71
CA ASN A 37 -8.01 -1.85 -1.65
C ASN A 37 -7.60 -3.07 -2.49
N TRP A 38 -7.90 -4.27 -1.96
CA TRP A 38 -7.38 -5.55 -2.48
C TRP A 38 -7.80 -5.79 -3.94
N SER A 39 -8.96 -5.23 -4.35
CA SER A 39 -9.47 -5.32 -5.73
C SER A 39 -8.54 -4.54 -6.71
N ALA A 40 -8.04 -3.39 -6.24
CA ALA A 40 -7.12 -2.55 -7.04
C ALA A 40 -5.72 -3.17 -7.09
N ILE A 41 -5.24 -3.64 -5.92
CA ILE A 41 -3.86 -4.15 -5.76
C ILE A 41 -3.69 -5.45 -6.55
N ALA A 42 -4.59 -6.40 -6.31
CA ALA A 42 -4.53 -7.76 -6.90
C ALA A 42 -4.77 -7.79 -8.41
N ARG A 43 -5.43 -6.75 -8.94
CA ARG A 43 -5.67 -6.60 -10.39
C ARG A 43 -4.41 -6.02 -11.08
N MET A 44 -3.69 -5.15 -10.35
CA MET A 44 -2.45 -4.52 -10.83
C MET A 44 -1.25 -5.48 -10.74
N VAL A 45 -0.98 -5.96 -9.51
CA VAL A 45 0.23 -6.74 -9.18
C VAL A 45 0.03 -8.24 -9.45
N GLY A 46 -1.16 -8.76 -9.08
CA GLY A 46 -1.53 -10.16 -9.28
C GLY A 46 -2.03 -10.42 -10.69
N SER A 47 -2.83 -9.45 -11.20
CA SER A 47 -3.46 -9.49 -12.54
C SER A 47 -4.50 -10.63 -12.66
N LYS A 48 -4.86 -11.28 -11.52
CA LYS A 48 -5.72 -12.48 -11.52
C LYS A 48 -6.83 -12.39 -10.46
N THR A 49 -6.48 -12.64 -9.18
CA THR A 49 -7.46 -12.90 -8.11
C THR A 49 -7.27 -11.95 -6.92
N VAL A 50 -8.38 -11.41 -6.37
CA VAL A 50 -8.35 -10.55 -5.16
C VAL A 50 -7.78 -11.30 -3.94
N SER A 51 -8.17 -12.58 -3.81
CA SER A 51 -7.72 -13.49 -2.75
C SER A 51 -6.18 -13.64 -2.73
N GLN A 52 -5.54 -13.49 -3.91
CA GLN A 52 -4.07 -13.63 -4.07
C GLN A 52 -3.31 -12.57 -3.24
N CYS A 53 -3.74 -11.29 -3.37
CA CYS A 53 -3.14 -10.15 -2.63
C CYS A 53 -3.54 -10.18 -1.15
N LYS A 54 -4.70 -10.78 -0.86
CA LYS A 54 -5.11 -11.03 0.53
C LYS A 54 -4.17 -12.04 1.19
N ASN A 55 -3.79 -13.09 0.44
CA ASN A 55 -2.93 -14.16 0.95
C ASN A 55 -1.51 -13.62 1.24
N PHE A 56 -1.09 -12.57 0.47
CA PHE A 56 0.17 -11.82 0.72
C PHE A 56 0.25 -11.36 2.19
N TYR A 57 -0.90 -10.84 2.67
CA TYR A 57 -1.04 -10.20 3.97
C TYR A 57 -0.81 -11.20 5.13
N PHE A 58 -1.21 -12.46 4.93
CA PHE A 58 -1.18 -13.50 5.97
C PHE A 58 0.07 -14.40 5.87
N ASN A 59 0.52 -14.68 4.64
CA ASN A 59 1.65 -15.60 4.37
C ASN A 59 2.99 -14.93 4.71
N TYR A 60 3.02 -13.58 4.70
CA TYR A 60 4.25 -12.81 5.02
C TYR A 60 4.23 -12.28 6.45
N LYS A 61 4.87 -13.06 7.34
CA LYS A 61 5.19 -12.65 8.71
C LYS A 61 6.69 -12.35 8.78
N LYS A 62 7.13 -11.68 9.87
CA LYS A 62 8.56 -11.35 10.13
C LYS A 62 9.14 -10.35 9.11
N ARG A 63 8.29 -9.83 8.19
CA ARG A 63 8.73 -8.98 7.06
C ARG A 63 7.80 -7.76 6.93
N GLN A 64 8.32 -6.58 7.36
CA GLN A 64 7.73 -5.23 7.10
C GLN A 64 6.20 -5.16 7.37
N ASN A 65 5.81 -4.69 8.57
CA ASN A 65 4.39 -4.65 8.97
C ASN A 65 3.63 -3.66 8.07
N LEU A 66 2.53 -4.16 7.46
CA LEU A 66 1.73 -3.43 6.47
C LEU A 66 1.08 -2.17 7.08
N ASP A 67 0.84 -2.23 8.40
CA ASP A 67 0.22 -1.13 9.15
C ASP A 67 1.12 0.12 9.16
N GLU A 68 2.45 -0.09 9.14
CA GLU A 68 3.44 1.01 9.08
C GLU A 68 3.48 1.62 7.67
N ILE A 69 3.38 0.76 6.63
CA ILE A 69 3.39 1.19 5.21
C ILE A 69 2.25 2.21 4.94
N LEU A 70 1.05 1.87 5.44
CA LEU A 70 -0.15 2.72 5.32
C LEU A 70 -0.06 3.96 6.23
N GLN A 71 0.61 3.81 7.39
CA GLN A 71 0.80 4.93 8.35
C GLN A 71 1.66 6.03 7.75
N GLN A 72 2.80 5.62 7.19
CA GLN A 72 3.77 6.54 6.57
C GLN A 72 3.10 7.27 5.41
N HIS A 73 2.44 6.51 4.52
CA HIS A 73 1.68 7.06 3.38
C HIS A 73 0.67 8.14 3.84
N LYS A 74 -0.08 7.82 4.91
CA LYS A 74 -1.11 8.71 5.46
C LYS A 74 -0.50 10.07 5.87
N LEU A 75 0.49 10.02 6.79
CA LEU A 75 1.07 11.23 7.40
C LEU A 75 1.88 12.04 6.38
N LYS A 76 2.46 11.37 5.36
CA LYS A 76 3.24 12.03 4.29
C LYS A 76 2.34 12.88 3.39
N MET A 77 1.23 12.26 2.92
CA MET A 77 0.26 12.94 2.06
C MET A 77 -0.43 14.07 2.84
N GLU A 78 -0.80 13.78 4.10
CA GLU A 78 -1.62 14.67 4.91
C GLU A 78 -0.87 15.95 5.33
N LYS A 79 0.42 15.83 5.72
CA LYS A 79 1.21 16.97 6.25
C LYS A 79 1.47 18.02 5.16
N GLU A 80 1.81 17.55 3.94
CA GLU A 80 2.06 18.45 2.79
C GLU A 80 0.73 19.01 2.25
N ARG A 81 -0.36 18.23 2.45
CA ARG A 81 -1.73 18.62 2.06
C ARG A 81 -2.22 19.79 2.94
N ASN A 82 -1.89 19.70 4.25
CA ASN A 82 -2.20 20.75 5.23
C ASN A 82 -1.38 22.02 4.92
N ALA A 83 -0.12 21.81 4.49
CA ALA A 83 0.81 22.91 4.16
C ALA A 83 0.37 23.65 2.87
N ARG A 84 -0.09 22.89 1.85
CA ARG A 84 -0.43 23.45 0.51
C ARG A 84 -1.79 24.16 0.50
N ARG A 85 -2.62 23.91 1.54
CA ARG A 85 -3.95 24.54 1.66
C ARG A 85 -3.92 25.72 2.63
N LYS A 86 -3.32 25.49 3.80
CA LYS A 86 -3.12 26.55 4.80
C LYS A 86 -1.80 27.26 4.49
N LYS A 87 -1.84 28.11 3.46
CA LYS A 87 -0.67 28.85 2.98
C LYS A 87 -0.48 30.15 3.79
N LYS A 88 -0.25 29.97 5.09
CA LYS A 88 -0.16 31.07 6.07
C LYS A 88 1.30 31.55 6.19
N LYS A 89 1.61 32.61 5.44
CA LYS A 89 2.95 33.19 5.37
C LYS A 89 2.88 34.74 5.48
N TRP A 19 5.98 -15.80 -3.80
CA TRP A 19 6.18 -14.36 -4.03
C TRP A 19 7.66 -13.99 -3.85
N THR A 20 8.38 -13.86 -4.98
CA THR A 20 9.79 -13.41 -5.01
C THR A 20 9.84 -11.87 -4.81
N GLU A 21 11.03 -11.32 -4.47
CA GLU A 21 11.22 -9.86 -4.18
C GLU A 21 10.78 -8.92 -5.33
N GLU A 22 10.68 -9.47 -6.56
CA GLU A 22 10.19 -8.72 -7.74
C GLU A 22 8.71 -8.28 -7.53
N GLU A 23 7.83 -9.27 -7.29
CA GLU A 23 6.39 -9.03 -7.06
C GLU A 23 6.13 -8.49 -5.65
N MET A 24 6.98 -8.87 -4.68
CA MET A 24 6.94 -8.33 -3.31
C MET A 24 7.24 -6.82 -3.32
N GLY A 25 8.20 -6.42 -4.17
CA GLY A 25 8.61 -5.01 -4.31
C GLY A 25 7.60 -4.18 -5.09
N THR A 26 6.92 -4.83 -6.06
CA THR A 26 5.85 -4.20 -6.85
C THR A 26 4.54 -4.13 -6.03
N ALA A 27 4.35 -5.10 -5.12
CA ALA A 27 3.22 -5.12 -4.16
C ALA A 27 3.44 -4.09 -3.07
N LYS A 28 4.71 -3.89 -2.72
CA LYS A 28 5.15 -2.85 -1.76
C LYS A 28 4.86 -1.45 -2.34
N LYS A 29 5.34 -1.26 -3.59
CA LYS A 29 5.11 -0.04 -4.40
C LYS A 29 3.61 0.19 -4.62
N GLY A 30 2.89 -0.93 -4.83
CA GLY A 30 1.44 -0.91 -5.05
C GLY A 30 0.68 -0.50 -3.80
N LEU A 31 1.01 -1.10 -2.65
CA LEU A 31 0.30 -0.88 -1.38
C LEU A 31 0.50 0.56 -0.89
N LEU A 32 1.73 1.09 -1.06
CA LEU A 32 2.05 2.50 -0.73
C LEU A 32 1.17 3.46 -1.55
N GLU A 33 1.20 3.29 -2.87
CA GLU A 33 0.52 4.19 -3.83
C GLU A 33 -1.02 4.11 -3.67
N HIS A 34 -1.55 2.90 -3.81
CA HIS A 34 -3.02 2.63 -3.81
C HIS A 34 -3.65 2.64 -2.39
N GLY A 35 -2.81 2.56 -1.34
CA GLY A 35 -3.27 2.62 0.06
C GLY A 35 -4.07 1.39 0.49
N ARG A 36 -3.44 0.18 0.35
CA ARG A 36 -4.05 -1.14 0.71
C ARG A 36 -5.35 -1.45 -0.06
N ASN A 37 -5.55 -0.83 -1.24
CA ASN A 37 -6.73 -1.10 -2.09
C ASN A 37 -6.52 -2.46 -2.79
N TRP A 38 -6.92 -3.57 -2.11
CA TRP A 38 -6.64 -4.97 -2.55
C TRP A 38 -7.23 -5.27 -3.94
N SER A 39 -8.30 -4.54 -4.29
CA SER A 39 -8.93 -4.57 -5.62
C SER A 39 -7.91 -4.17 -6.71
N ALA A 40 -7.20 -3.06 -6.44
CA ALA A 40 -6.20 -2.51 -7.37
C ALA A 40 -4.90 -3.34 -7.37
N ILE A 41 -4.50 -3.84 -6.19
CA ILE A 41 -3.20 -4.55 -6.02
C ILE A 41 -3.26 -5.93 -6.66
N ALA A 42 -4.38 -6.63 -6.46
CA ALA A 42 -4.63 -7.97 -7.03
C ALA A 42 -4.59 -7.92 -8.57
N ARG A 43 -5.11 -6.83 -9.14
CA ARG A 43 -5.05 -6.55 -10.59
C ARG A 43 -3.62 -6.15 -11.02
N MET A 44 -2.95 -5.35 -10.17
CA MET A 44 -1.64 -4.74 -10.49
C MET A 44 -0.53 -5.80 -10.60
N VAL A 45 -0.28 -6.51 -9.47
CA VAL A 45 0.80 -7.51 -9.38
C VAL A 45 0.34 -8.90 -9.84
N GLY A 46 -0.88 -9.28 -9.43
CA GLY A 46 -1.42 -10.60 -9.68
C GLY A 46 -2.05 -10.76 -11.06
N SER A 47 -2.80 -9.72 -11.48
CA SER A 47 -3.80 -9.78 -12.57
C SER A 47 -4.89 -10.84 -12.22
N LYS A 48 -5.13 -11.01 -10.91
CA LYS A 48 -5.89 -12.12 -10.32
C LYS A 48 -6.98 -11.57 -9.36
N THR A 49 -7.85 -12.48 -8.88
CA THR A 49 -8.93 -12.22 -7.91
C THR A 49 -8.48 -11.36 -6.69
N VAL A 50 -9.39 -10.45 -6.24
CA VAL A 50 -9.15 -9.55 -5.07
C VAL A 50 -8.78 -10.36 -3.81
N SER A 51 -9.44 -11.53 -3.68
CA SER A 51 -9.25 -12.48 -2.58
C SER A 51 -7.76 -12.89 -2.41
N GLN A 52 -7.01 -13.01 -3.53
CA GLN A 52 -5.60 -13.45 -3.52
C GLN A 52 -4.69 -12.46 -2.75
N CYS A 53 -4.74 -11.18 -3.13
CA CYS A 53 -3.87 -10.14 -2.52
C CYS A 53 -4.31 -9.81 -1.08
N LYS A 54 -5.63 -9.91 -0.86
CA LYS A 54 -6.25 -9.63 0.43
C LYS A 54 -5.84 -10.71 1.46
N ASN A 55 -5.91 -11.99 1.05
CA ASN A 55 -5.55 -13.13 1.91
C ASN A 55 -4.02 -13.23 2.04
N PHE A 56 -3.29 -12.70 1.04
CA PHE A 56 -1.80 -12.65 1.04
C PHE A 56 -1.27 -11.85 2.24
N TYR A 57 -2.08 -10.93 2.79
CA TYR A 57 -1.68 -10.13 3.97
C TYR A 57 -1.46 -11.02 5.23
N PHE A 58 -1.97 -12.25 5.17
CA PHE A 58 -1.83 -13.28 6.24
C PHE A 58 -0.76 -14.34 5.84
N ASN A 59 -0.04 -14.07 4.73
CA ASN A 59 1.00 -14.96 4.16
C ASN A 59 2.28 -14.15 3.92
N TYR A 60 3.41 -14.59 4.51
CA TYR A 60 4.74 -13.94 4.33
C TYR A 60 4.68 -12.44 4.76
N LYS A 61 3.86 -12.17 5.81
CA LYS A 61 3.61 -10.82 6.34
C LYS A 61 4.95 -10.19 6.81
N LYS A 62 5.32 -9.07 6.20
CA LYS A 62 6.58 -8.37 6.48
C LYS A 62 6.54 -7.71 7.87
N ARG A 63 7.42 -8.20 8.77
CA ARG A 63 7.54 -7.76 10.17
C ARG A 63 7.84 -6.26 10.26
N GLN A 64 6.78 -5.47 10.49
CA GLN A 64 6.78 -3.99 10.61
C GLN A 64 7.02 -3.27 9.26
N ASN A 65 7.87 -3.84 8.38
CA ASN A 65 8.43 -3.15 7.21
C ASN A 65 7.38 -2.85 6.13
N LEU A 66 6.26 -3.60 6.11
CA LEU A 66 5.15 -3.32 5.18
C LEU A 66 4.17 -2.33 5.85
N ASP A 67 3.89 -2.55 7.14
CA ASP A 67 2.86 -1.79 7.88
C ASP A 67 3.26 -0.32 8.02
N GLU A 68 4.57 -0.08 8.25
CA GLU A 68 5.13 1.28 8.40
C GLU A 68 4.93 2.10 7.12
N ILE A 69 5.04 1.43 5.96
CA ILE A 69 4.88 2.04 4.62
C ILE A 69 3.52 2.75 4.51
N LEU A 70 2.47 2.05 4.95
CA LEU A 70 1.08 2.54 4.90
C LEU A 70 0.80 3.57 5.99
N GLN A 71 1.44 3.39 7.17
CA GLN A 71 1.28 4.32 8.31
C GLN A 71 1.86 5.70 7.93
N GLN A 72 2.99 5.67 7.20
CA GLN A 72 3.64 6.88 6.68
C GLN A 72 2.80 7.50 5.56
N HIS A 73 2.25 6.64 4.65
CA HIS A 73 1.39 7.09 3.53
C HIS A 73 0.22 7.93 4.06
N LYS A 74 -0.40 7.42 5.14
CA LYS A 74 -1.57 8.06 5.80
C LYS A 74 -1.23 9.49 6.30
N LEU A 75 -0.16 9.60 7.11
CA LEU A 75 0.23 10.88 7.74
C LEU A 75 0.78 11.87 6.69
N LYS A 76 1.32 11.35 5.58
CA LYS A 76 1.80 12.17 4.45
C LYS A 76 0.61 12.79 3.70
N MET A 77 -0.39 11.94 3.33
CA MET A 77 -1.65 12.37 2.67
C MET A 77 -2.34 13.49 3.48
N GLU A 78 -2.26 13.33 4.81
CA GLU A 78 -2.80 14.28 5.79
C GLU A 78 -2.01 15.60 5.80
N LYS A 79 -0.67 15.51 5.99
CA LYS A 79 0.18 16.69 6.24
C LYS A 79 0.30 17.61 5.01
N GLU A 80 0.39 17.00 3.81
CA GLU A 80 0.57 17.73 2.54
C GLU A 80 -0.70 18.52 2.19
N ARG A 81 -1.87 17.90 2.46
CA ARG A 81 -3.18 18.50 2.22
C ARG A 81 -3.46 19.60 3.27
N ASN A 82 -3.02 19.35 4.51
CA ASN A 82 -3.20 20.31 5.62
C ASN A 82 -2.27 21.53 5.43
N ALA A 83 -1.08 21.28 4.87
CA ALA A 83 -0.03 22.32 4.68
C ALA A 83 -0.43 23.33 3.60
N ARG A 84 -1.04 22.83 2.50
CA ARG A 84 -1.51 23.68 1.38
C ARG A 84 -2.85 24.38 1.73
N ARG A 85 -3.53 23.92 2.79
CA ARG A 85 -4.70 24.63 3.36
C ARG A 85 -4.26 25.51 4.56
N LYS A 86 -3.02 25.28 5.05
CA LYS A 86 -2.41 26.08 6.12
C LYS A 86 -1.74 27.32 5.52
N LYS A 87 -2.61 28.21 5.03
CA LYS A 87 -2.23 29.56 4.57
C LYS A 87 -2.58 30.58 5.66
N LYS A 88 -3.25 30.10 6.74
CA LYS A 88 -3.61 30.89 7.93
C LYS A 88 -2.57 30.64 9.01
N LYS A 89 -1.78 31.67 9.35
CA LYS A 89 -0.72 31.59 10.38
C LYS A 89 -0.28 33.03 10.79
N TRP A 19 5.31 -15.80 -4.14
CA TRP A 19 5.64 -14.37 -4.28
C TRP A 19 7.15 -14.16 -4.17
N THR A 20 7.81 -13.90 -5.31
CA THR A 20 9.21 -13.49 -5.37
C THR A 20 9.36 -12.08 -4.76
N GLU A 21 10.52 -11.76 -4.15
CA GLU A 21 10.75 -10.44 -3.53
C GLU A 21 10.65 -9.29 -4.58
N GLU A 22 10.86 -9.64 -5.87
CA GLU A 22 10.70 -8.69 -7.00
C GLU A 22 9.23 -8.20 -7.11
N GLU A 23 8.29 -9.16 -7.24
CA GLU A 23 6.84 -8.86 -7.38
C GLU A 23 6.25 -8.36 -6.04
N MET A 24 6.85 -8.82 -4.95
CA MET A 24 6.49 -8.44 -3.57
C MET A 24 6.82 -6.96 -3.32
N GLY A 25 7.89 -6.46 -3.98
CA GLY A 25 8.27 -5.05 -3.94
C GLY A 25 7.27 -4.16 -4.67
N THR A 26 6.70 -4.69 -5.77
CA THR A 26 5.66 -4.01 -6.56
C THR A 26 4.34 -3.94 -5.75
N ALA A 27 4.07 -5.02 -4.98
CA ALA A 27 2.91 -5.09 -4.06
C ALA A 27 3.08 -4.07 -2.91
N LYS A 28 4.30 -4.04 -2.34
CA LYS A 28 4.69 -3.15 -1.22
C LYS A 28 4.53 -1.66 -1.62
N LYS A 29 4.96 -1.32 -2.85
CA LYS A 29 4.85 0.04 -3.41
C LYS A 29 3.38 0.37 -3.77
N GLY A 30 2.63 -0.65 -4.24
CA GLY A 30 1.20 -0.48 -4.56
C GLY A 30 0.37 -0.18 -3.32
N LEU A 31 0.64 -0.94 -2.25
CA LEU A 31 0.01 -0.80 -0.93
C LEU A 31 0.32 0.58 -0.30
N LEU A 32 1.45 1.19 -0.73
CA LEU A 32 1.78 2.58 -0.39
C LEU A 32 0.91 3.55 -1.22
N GLU A 33 1.02 3.44 -2.56
CA GLU A 33 0.43 4.40 -3.52
C GLU A 33 -1.11 4.49 -3.38
N HIS A 34 -1.77 3.36 -3.64
CA HIS A 34 -3.25 3.29 -3.68
C HIS A 34 -3.81 3.15 -2.26
N GLY A 35 -2.98 2.59 -1.37
CA GLY A 35 -3.42 2.12 -0.07
C GLY A 35 -3.52 0.60 -0.08
N ARG A 36 -4.00 0.02 1.02
CA ARG A 36 -4.12 -1.45 1.15
C ARG A 36 -5.45 -1.96 0.54
N ASN A 37 -5.91 -1.27 -0.52
CA ASN A 37 -7.17 -1.55 -1.23
C ASN A 37 -6.97 -2.81 -2.11
N TRP A 38 -7.22 -3.99 -1.52
CA TRP A 38 -6.83 -5.29 -2.10
C TRP A 38 -7.42 -5.56 -3.50
N SER A 39 -8.56 -4.95 -3.82
CA SER A 39 -9.19 -5.10 -5.15
C SER A 39 -8.33 -4.39 -6.22
N ALA A 40 -7.84 -3.19 -5.89
CA ALA A 40 -6.98 -2.39 -6.77
C ALA A 40 -5.56 -3.00 -6.86
N ILE A 41 -5.04 -3.44 -5.71
CA ILE A 41 -3.66 -3.97 -5.62
C ILE A 41 -3.55 -5.31 -6.35
N ALA A 42 -4.60 -6.13 -6.26
CA ALA A 42 -4.66 -7.44 -6.93
C ALA A 42 -4.92 -7.30 -8.44
N ARG A 43 -5.49 -6.16 -8.85
CA ARG A 43 -5.65 -5.81 -10.28
C ARG A 43 -4.33 -5.18 -10.82
N MET A 44 -3.54 -4.58 -9.90
CA MET A 44 -2.25 -3.95 -10.24
C MET A 44 -1.16 -5.01 -10.47
N VAL A 45 -0.88 -5.82 -9.43
CA VAL A 45 0.21 -6.81 -9.44
C VAL A 45 -0.24 -8.15 -10.06
N GLY A 46 -1.41 -8.67 -9.62
CA GLY A 46 -1.95 -9.95 -10.10
C GLY A 46 -2.69 -9.84 -11.43
N SER A 47 -3.49 -8.75 -11.55
CA SER A 47 -4.41 -8.50 -12.68
C SER A 47 -5.44 -9.65 -12.86
N LYS A 48 -5.70 -10.43 -11.78
CA LYS A 48 -6.52 -11.66 -11.85
C LYS A 48 -7.53 -11.75 -10.68
N THR A 49 -7.04 -11.96 -9.43
CA THR A 49 -7.91 -12.30 -8.28
C THR A 49 -7.56 -11.46 -7.02
N VAL A 50 -8.62 -10.88 -6.39
CA VAL A 50 -8.51 -10.07 -5.15
C VAL A 50 -8.01 -10.92 -3.98
N SER A 51 -8.55 -12.15 -3.87
CA SER A 51 -8.18 -13.12 -2.83
C SER A 51 -6.66 -13.41 -2.84
N GLN A 52 -6.09 -13.59 -4.04
CA GLN A 52 -4.68 -14.01 -4.23
C GLN A 52 -3.66 -13.06 -3.54
N CYS A 53 -3.86 -11.74 -3.73
CA CYS A 53 -2.96 -10.71 -3.18
C CYS A 53 -3.20 -10.50 -1.66
N LYS A 54 -4.47 -10.65 -1.24
CA LYS A 54 -4.88 -10.46 0.18
C LYS A 54 -4.33 -11.60 1.07
N ASN A 55 -4.52 -12.84 0.58
CA ASN A 55 -4.16 -14.08 1.29
C ASN A 55 -2.65 -14.16 1.58
N PHE A 56 -1.85 -13.58 0.66
CA PHE A 56 -0.37 -13.44 0.79
C PHE A 56 0.02 -12.87 2.18
N TYR A 57 -0.71 -11.83 2.58
CA TYR A 57 -0.46 -11.06 3.81
C TYR A 57 -0.53 -11.97 5.07
N PHE A 58 -1.36 -13.02 4.97
CA PHE A 58 -1.66 -13.94 6.08
C PHE A 58 -0.90 -15.28 5.94
N ASN A 59 -0.42 -15.62 4.72
CA ASN A 59 0.42 -16.83 4.50
C ASN A 59 1.83 -16.63 5.07
N TYR A 60 2.25 -15.36 5.19
CA TYR A 60 3.55 -14.99 5.77
C TYR A 60 3.48 -15.13 7.30
N LYS A 61 4.16 -16.16 7.84
CA LYS A 61 4.23 -16.42 9.30
C LYS A 61 5.04 -15.33 10.02
N LYS A 62 6.02 -14.77 9.30
CA LYS A 62 6.81 -13.61 9.76
C LYS A 62 5.94 -12.34 9.66
N ARG A 63 6.10 -11.45 10.65
CA ARG A 63 5.39 -10.15 10.70
C ARG A 63 5.80 -9.29 9.49
N GLN A 64 4.89 -9.19 8.51
CA GLN A 64 5.00 -8.21 7.43
C GLN A 64 4.73 -6.82 8.03
N ASN A 65 5.79 -5.99 8.13
CA ASN A 65 5.72 -4.62 8.65
C ASN A 65 5.25 -3.65 7.52
N LEU A 66 4.20 -4.08 6.81
CA LEU A 66 3.53 -3.32 5.74
C LEU A 66 2.60 -2.26 6.36
N ASP A 67 2.31 -2.45 7.67
CA ASP A 67 1.56 -1.49 8.50
C ASP A 67 2.21 -0.08 8.47
N GLU A 68 3.56 -0.04 8.57
CA GLU A 68 4.31 1.23 8.60
C GLU A 68 4.36 1.90 7.21
N ILE A 69 4.20 1.09 6.13
CA ILE A 69 4.11 1.60 4.75
C ILE A 69 2.83 2.46 4.58
N LEU A 70 1.72 1.91 5.08
CA LEU A 70 0.41 2.60 5.10
C LEU A 70 0.45 3.81 6.04
N GLN A 71 1.14 3.66 7.18
CA GLN A 71 1.24 4.70 8.22
C GLN A 71 2.06 5.91 7.73
N GLN A 72 3.17 5.65 7.00
CA GLN A 72 4.00 6.74 6.42
C GLN A 72 3.20 7.50 5.36
N HIS A 73 2.54 6.75 4.46
CA HIS A 73 1.70 7.32 3.40
C HIS A 73 0.51 8.11 4.01
N LYS A 74 0.05 7.68 5.20
CA LYS A 74 -1.09 8.30 5.92
C LYS A 74 -0.71 9.70 6.48
N LEU A 75 0.41 9.77 7.22
CA LEU A 75 0.86 11.02 7.89
C LEU A 75 1.40 12.04 6.86
N LYS A 76 1.94 11.53 5.72
CA LYS A 76 2.38 12.37 4.59
C LYS A 76 1.15 12.93 3.86
N MET A 77 0.12 12.08 3.68
CA MET A 77 -1.15 12.44 3.02
C MET A 77 -1.83 13.63 3.74
N GLU A 78 -1.70 13.66 5.07
CA GLU A 78 -2.23 14.75 5.90
C GLU A 78 -1.46 16.06 5.65
N LYS A 79 -0.13 16.01 5.88
CA LYS A 79 0.72 17.22 5.89
C LYS A 79 0.80 17.87 4.49
N GLU A 80 0.75 17.06 3.41
CA GLU A 80 0.84 17.54 2.01
C GLU A 80 -0.50 18.14 1.56
N ARG A 81 -1.61 17.58 2.07
CA ARG A 81 -2.97 18.04 1.75
C ARG A 81 -3.25 19.37 2.48
N ASN A 82 -2.71 19.48 3.70
CA ASN A 82 -2.74 20.71 4.50
C ASN A 82 -1.81 21.78 3.88
N ALA A 83 -0.69 21.35 3.28
CA ALA A 83 0.31 22.26 2.68
C ALA A 83 -0.18 22.85 1.35
N ARG A 84 -0.85 22.01 0.52
CA ARG A 84 -1.34 22.43 -0.83
C ARG A 84 -2.60 23.30 -0.73
N ARG A 85 -3.26 23.28 0.44
CA ARG A 85 -4.38 24.19 0.77
C ARG A 85 -3.88 25.37 1.63
N LYS A 86 -2.65 25.22 2.17
CA LYS A 86 -2.02 26.12 3.19
C LYS A 86 -2.75 26.04 4.55
N LYS A 87 -3.67 25.05 4.69
CA LYS A 87 -4.55 24.88 5.87
C LYS A 87 -3.76 24.30 7.06
N LYS A 88 -3.10 25.20 7.79
CA LYS A 88 -2.39 24.90 9.03
C LYS A 88 -2.33 26.20 9.85
N LYS A 89 -2.24 26.09 11.18
CA LYS A 89 -2.05 27.24 12.07
C LYS A 89 -0.55 27.63 12.02
N TRP A 19 6.44 -15.62 -4.72
CA TRP A 19 6.63 -14.22 -4.28
C TRP A 19 8.13 -13.86 -4.22
N THR A 20 8.68 -13.53 -5.41
CA THR A 20 10.06 -13.02 -5.57
C THR A 20 10.10 -11.51 -5.19
N GLU A 21 11.27 -11.00 -4.78
CA GLU A 21 11.44 -9.60 -4.30
C GLU A 21 10.98 -8.53 -5.32
N GLU A 22 10.90 -8.88 -6.61
CA GLU A 22 10.48 -7.95 -7.67
C GLU A 22 8.95 -7.71 -7.59
N GLU A 23 8.17 -8.80 -7.63
CA GLU A 23 6.69 -8.73 -7.52
C GLU A 23 6.27 -8.29 -6.10
N MET A 24 7.10 -8.66 -5.11
CA MET A 24 6.95 -8.27 -3.70
C MET A 24 7.15 -6.75 -3.54
N GLY A 25 8.11 -6.20 -4.31
CA GLY A 25 8.41 -4.78 -4.29
C GLY A 25 7.30 -3.95 -4.94
N THR A 26 6.71 -4.50 -6.00
CA THR A 26 5.58 -3.89 -6.71
C THR A 26 4.28 -4.02 -5.87
N ALA A 27 4.21 -5.09 -5.04
CA ALA A 27 3.07 -5.32 -4.12
C ALA A 27 3.10 -4.29 -3.00
N LYS A 28 4.29 -4.17 -2.39
CA LYS A 28 4.62 -3.16 -1.37
C LYS A 28 4.36 -1.73 -1.90
N LYS A 29 4.75 -1.51 -3.17
CA LYS A 29 4.62 -0.19 -3.83
C LYS A 29 3.14 0.13 -4.06
N GLY A 30 2.34 -0.91 -4.36
CA GLY A 30 0.89 -0.76 -4.48
C GLY A 30 0.24 -0.47 -3.14
N LEU A 31 0.65 -1.23 -2.12
CA LEU A 31 0.18 -1.10 -0.74
C LEU A 31 0.62 0.26 -0.14
N LEU A 32 1.68 0.85 -0.70
CA LEU A 32 2.10 2.22 -0.39
C LEU A 32 1.15 3.23 -1.06
N GLU A 33 1.08 3.19 -2.40
CA GLU A 33 0.42 4.23 -3.22
C GLU A 33 -1.11 4.10 -3.15
N HIS A 34 -1.65 2.95 -3.60
CA HIS A 34 -3.11 2.65 -3.52
C HIS A 34 -3.55 2.50 -2.06
N GLY A 35 -2.70 1.82 -1.29
CA GLY A 35 -3.03 1.38 0.07
C GLY A 35 -3.36 -0.11 0.10
N ARG A 36 -3.92 -0.60 1.20
CA ARG A 36 -4.36 -2.01 1.33
C ARG A 36 -5.76 -2.21 0.72
N ASN A 37 -5.90 -1.72 -0.53
CA ASN A 37 -7.11 -1.89 -1.34
C ASN A 37 -6.96 -3.20 -2.13
N TRP A 38 -7.45 -4.28 -1.51
CA TRP A 38 -7.13 -5.67 -1.90
C TRP A 38 -7.45 -5.99 -3.37
N SER A 39 -8.57 -5.44 -3.86
CA SER A 39 -8.98 -5.55 -5.27
C SER A 39 -7.94 -4.88 -6.19
N ALA A 40 -7.57 -3.63 -5.85
CA ALA A 40 -6.63 -2.82 -6.65
C ALA A 40 -5.24 -3.47 -6.75
N ILE A 41 -4.77 -4.03 -5.62
CA ILE A 41 -3.41 -4.62 -5.51
C ILE A 41 -3.35 -5.98 -6.23
N ALA A 42 -4.43 -6.76 -6.09
CA ALA A 42 -4.53 -8.06 -6.76
C ALA A 42 -4.71 -7.91 -8.29
N ARG A 43 -5.23 -6.74 -8.72
CA ARG A 43 -5.28 -6.36 -10.14
C ARG A 43 -3.93 -5.77 -10.61
N MET A 44 -3.19 -5.14 -9.67
CA MET A 44 -1.91 -4.46 -9.98
C MET A 44 -0.78 -5.49 -10.21
N VAL A 45 -0.48 -6.30 -9.19
CA VAL A 45 0.59 -7.31 -9.26
C VAL A 45 0.07 -8.66 -9.79
N GLY A 46 -1.08 -9.11 -9.26
CA GLY A 46 -1.64 -10.41 -9.58
C GLY A 46 -2.36 -10.43 -10.92
N SER A 47 -2.83 -9.23 -11.36
CA SER A 47 -3.52 -9.01 -12.65
C SER A 47 -4.89 -9.76 -12.71
N LYS A 48 -5.38 -10.25 -11.56
CA LYS A 48 -6.55 -11.14 -11.47
C LYS A 48 -7.45 -10.76 -10.24
N THR A 49 -8.11 -11.78 -9.62
CA THR A 49 -9.15 -11.61 -8.59
C THR A 49 -8.60 -11.03 -7.27
N VAL A 50 -9.46 -10.26 -6.56
CA VAL A 50 -9.19 -9.63 -5.23
C VAL A 50 -8.56 -10.61 -4.21
N SER A 51 -8.95 -11.90 -4.32
CA SER A 51 -8.54 -13.00 -3.42
C SER A 51 -7.01 -13.09 -3.25
N GLN A 52 -6.25 -12.78 -4.31
CA GLN A 52 -4.79 -12.95 -4.33
C GLN A 52 -4.09 -12.15 -3.21
N CYS A 53 -4.44 -10.86 -3.08
CA CYS A 53 -3.81 -9.93 -2.11
C CYS A 53 -4.35 -10.19 -0.69
N LYS A 54 -5.63 -10.61 -0.60
CA LYS A 54 -6.27 -10.97 0.68
C LYS A 54 -5.59 -12.21 1.32
N ASN A 55 -5.40 -13.25 0.50
CA ASN A 55 -4.81 -14.52 0.95
C ASN A 55 -3.32 -14.34 1.23
N PHE A 56 -2.64 -13.59 0.34
CA PHE A 56 -1.20 -13.24 0.46
C PHE A 56 -0.87 -12.69 1.86
N TYR A 57 -1.71 -11.75 2.31
CA TYR A 57 -1.45 -10.96 3.51
C TYR A 57 -1.43 -11.84 4.78
N PHE A 58 -2.37 -12.79 4.86
CA PHE A 58 -2.60 -13.62 6.05
C PHE A 58 -2.04 -15.05 5.91
N ASN A 59 -1.52 -15.42 4.72
CA ASN A 59 -0.85 -16.73 4.49
C ASN A 59 0.67 -16.56 4.50
N TYR A 60 1.16 -15.55 3.77
CA TYR A 60 2.61 -15.24 3.66
C TYR A 60 3.07 -14.31 4.82
N LYS A 61 2.20 -14.19 5.86
CA LYS A 61 2.49 -13.43 7.09
C LYS A 61 3.78 -13.95 7.81
N LYS A 62 4.83 -13.12 7.78
CA LYS A 62 6.14 -13.42 8.42
C LYS A 62 6.61 -12.22 9.25
N ARG A 63 5.63 -11.40 9.70
CA ARG A 63 5.87 -10.12 10.43
C ARG A 63 6.58 -9.12 9.50
N GLN A 64 5.80 -8.48 8.61
CA GLN A 64 6.29 -7.45 7.68
C GLN A 64 6.09 -6.04 8.29
N ASN A 65 6.86 -5.06 7.78
CA ASN A 65 6.79 -3.63 8.18
C ASN A 65 5.70 -2.89 7.35
N LEU A 66 4.78 -3.66 6.76
CA LEU A 66 3.75 -3.15 5.83
C LEU A 66 2.76 -2.20 6.56
N ASP A 67 2.56 -2.46 7.86
CA ASP A 67 1.68 -1.63 8.72
C ASP A 67 2.21 -0.17 8.83
N GLU A 68 3.55 -0.06 8.92
CA GLU A 68 4.24 1.25 9.01
C GLU A 68 4.21 1.98 7.66
N ILE A 69 4.32 1.21 6.56
CA ILE A 69 4.29 1.73 5.17
C ILE A 69 2.97 2.50 4.89
N LEU A 70 1.85 1.92 5.37
CA LEU A 70 0.50 2.54 5.24
C LEU A 70 0.41 3.82 6.08
N GLN A 71 0.88 3.73 7.33
CA GLN A 71 0.84 4.85 8.31
C GLN A 71 1.62 6.06 7.78
N GLN A 72 2.83 5.79 7.25
CA GLN A 72 3.71 6.81 6.69
C GLN A 72 3.05 7.53 5.51
N HIS A 73 2.54 6.74 4.54
CA HIS A 73 1.90 7.28 3.31
C HIS A 73 0.72 8.21 3.66
N LYS A 74 -0.05 7.80 4.67
CA LYS A 74 -1.22 8.53 5.16
C LYS A 74 -0.82 9.93 5.67
N LEU A 75 0.09 9.99 6.66
CA LEU A 75 0.44 11.23 7.39
C LEU A 75 1.30 12.18 6.54
N LYS A 76 2.11 11.60 5.61
CA LYS A 76 2.93 12.41 4.67
C LYS A 76 2.03 13.16 3.70
N MET A 77 1.07 12.42 3.11
CA MET A 77 0.09 13.00 2.18
C MET A 77 -0.88 13.96 2.92
N GLU A 78 -1.14 13.69 4.21
CA GLU A 78 -2.07 14.49 5.02
C GLU A 78 -1.49 15.88 5.34
N LYS A 79 -0.19 15.90 5.74
CA LYS A 79 0.47 17.15 6.19
C LYS A 79 0.67 18.12 5.01
N GLU A 80 1.05 17.56 3.83
CA GLU A 80 1.26 18.36 2.60
C GLU A 80 -0.09 18.86 2.07
N ARG A 81 -1.14 18.03 2.24
CA ARG A 81 -2.52 18.32 1.79
C ARG A 81 -3.06 19.59 2.49
N ASN A 82 -2.82 19.67 3.81
CA ASN A 82 -3.24 20.82 4.62
C ASN A 82 -2.48 22.07 4.16
N ALA A 83 -1.15 21.94 4.04
CA ALA A 83 -0.24 23.06 3.70
C ALA A 83 -0.56 23.67 2.31
N ARG A 84 -0.77 22.79 1.30
CA ARG A 84 -0.93 23.20 -0.11
C ARG A 84 -2.28 23.90 -0.38
N ARG A 85 -3.26 23.69 0.52
CA ARG A 85 -4.59 24.31 0.41
C ARG A 85 -4.76 25.39 1.50
N LYS A 86 -4.76 24.95 2.77
CA LYS A 86 -4.82 25.85 3.94
C LYS A 86 -3.39 26.36 4.27
N LYS A 87 -2.96 27.40 3.54
CA LYS A 87 -1.67 28.06 3.77
C LYS A 87 -1.84 29.12 4.88
N LYS A 88 -1.62 28.69 6.14
CA LYS A 88 -1.75 29.52 7.35
C LYS A 88 -0.48 29.42 8.20
N LYS A 89 0.14 30.59 8.46
CA LYS A 89 1.36 30.71 9.28
C LYS A 89 1.36 32.08 10.02
N TRP A 19 6.85 -14.99 -4.30
CA TRP A 19 6.96 -13.53 -4.50
C TRP A 19 8.43 -13.11 -4.58
N THR A 20 8.87 -12.74 -5.80
CA THR A 20 10.19 -12.14 -6.08
C THR A 20 10.23 -10.69 -5.54
N GLU A 21 11.43 -10.15 -5.23
CA GLU A 21 11.59 -8.77 -4.69
C GLU A 21 11.05 -7.68 -5.65
N GLU A 22 10.94 -8.02 -6.95
CA GLU A 22 10.35 -7.13 -7.97
C GLU A 22 8.84 -6.92 -7.70
N GLU A 23 8.10 -8.04 -7.61
CA GLU A 23 6.63 -8.04 -7.39
C GLU A 23 6.28 -7.71 -5.92
N MET A 24 7.21 -8.03 -4.99
CA MET A 24 7.14 -7.58 -3.57
C MET A 24 7.15 -6.04 -3.50
N GLY A 25 8.05 -5.44 -4.28
CA GLY A 25 8.17 -3.99 -4.42
C GLY A 25 6.93 -3.37 -5.08
N THR A 26 6.36 -4.09 -6.07
CA THR A 26 5.12 -3.69 -6.76
C THR A 26 3.89 -3.77 -5.82
N ALA A 27 3.93 -4.76 -4.90
CA ALA A 27 2.86 -4.97 -3.90
C ALA A 27 2.96 -3.94 -2.78
N LYS A 28 4.20 -3.61 -2.40
CA LYS A 28 4.49 -2.62 -1.35
C LYS A 28 4.07 -1.22 -1.84
N LYS A 29 4.48 -0.89 -3.08
CA LYS A 29 4.21 0.41 -3.73
C LYS A 29 2.71 0.50 -4.11
N GLY A 30 2.12 -0.65 -4.45
CA GLY A 30 0.70 -0.75 -4.77
C GLY A 30 -0.18 -0.44 -3.58
N LEU A 31 0.04 -1.20 -2.50
CA LEU A 31 -0.65 -1.03 -1.20
C LEU A 31 -0.37 0.36 -0.61
N LEU A 32 0.84 0.90 -0.87
CA LEU A 32 1.24 2.26 -0.45
C LEU A 32 0.27 3.31 -1.04
N GLU A 33 0.17 3.32 -2.38
CA GLU A 33 -0.57 4.35 -3.14
C GLU A 33 -2.10 4.12 -3.11
N HIS A 34 -2.52 2.95 -3.63
CA HIS A 34 -3.95 2.64 -3.88
C HIS A 34 -4.67 2.21 -2.60
N GLY A 35 -3.91 2.05 -1.50
CA GLY A 35 -4.44 1.58 -0.23
C GLY A 35 -4.47 0.07 -0.14
N ARG A 36 -5.04 -0.46 0.95
CA ARG A 36 -5.18 -1.92 1.17
C ARG A 36 -6.47 -2.47 0.50
N ASN A 37 -6.80 -1.90 -0.66
CA ASN A 37 -7.95 -2.31 -1.48
C ASN A 37 -7.55 -3.54 -2.30
N TRP A 38 -7.89 -4.73 -1.77
CA TRP A 38 -7.39 -6.02 -2.27
C TRP A 38 -7.77 -6.26 -3.74
N SER A 39 -8.93 -5.74 -4.14
CA SER A 39 -9.44 -5.86 -5.52
C SER A 39 -8.55 -5.10 -6.52
N ALA A 40 -8.06 -3.92 -6.10
CA ALA A 40 -7.24 -3.04 -6.94
C ALA A 40 -5.83 -3.63 -7.13
N ILE A 41 -5.26 -4.09 -6.01
CA ILE A 41 -3.89 -4.61 -5.95
C ILE A 41 -3.81 -6.01 -6.61
N ALA A 42 -4.93 -6.74 -6.55
CA ALA A 42 -5.04 -8.09 -7.13
C ALA A 42 -4.86 -8.09 -8.64
N ARG A 43 -5.30 -7.00 -9.30
CA ARG A 43 -5.10 -6.82 -10.75
C ARG A 43 -3.68 -6.30 -11.04
N MET A 44 -3.19 -5.42 -10.15
CA MET A 44 -1.88 -4.76 -10.32
C MET A 44 -0.73 -5.79 -10.24
N VAL A 45 -0.63 -6.49 -9.10
CA VAL A 45 0.44 -7.49 -8.85
C VAL A 45 0.07 -8.90 -9.37
N GLY A 46 -1.17 -9.34 -9.05
CA GLY A 46 -1.62 -10.71 -9.31
C GLY A 46 -2.07 -10.93 -10.75
N SER A 47 -2.86 -9.96 -11.27
CA SER A 47 -3.53 -10.04 -12.59
C SER A 47 -4.41 -11.30 -12.72
N LYS A 48 -4.95 -11.80 -11.58
CA LYS A 48 -5.63 -13.10 -11.54
C LYS A 48 -6.90 -13.06 -10.66
N THR A 49 -6.74 -13.14 -9.32
CA THR A 49 -7.87 -13.21 -8.37
C THR A 49 -7.57 -12.36 -7.12
N VAL A 50 -8.63 -11.84 -6.46
CA VAL A 50 -8.50 -10.99 -5.25
C VAL A 50 -7.88 -11.76 -4.06
N SER A 51 -8.17 -13.07 -4.01
CA SER A 51 -7.67 -13.98 -2.96
C SER A 51 -6.12 -14.00 -2.87
N GLN A 52 -5.44 -13.69 -4.00
CA GLN A 52 -3.96 -13.64 -4.05
C GLN A 52 -3.42 -12.52 -3.12
N CYS A 53 -3.97 -11.30 -3.30
CA CYS A 53 -3.54 -10.11 -2.54
C CYS A 53 -4.09 -10.13 -1.10
N LYS A 54 -5.28 -10.73 -0.93
CA LYS A 54 -5.99 -10.79 0.35
C LYS A 54 -5.33 -11.79 1.31
N ASN A 55 -5.04 -13.00 0.80
CA ASN A 55 -4.41 -14.10 1.59
C ASN A 55 -2.93 -13.82 1.82
N PHE A 56 -2.33 -12.94 0.98
CA PHE A 56 -0.96 -12.43 1.19
C PHE A 56 -0.87 -11.71 2.55
N TYR A 57 -1.95 -10.99 2.90
CA TYR A 57 -2.05 -10.18 4.11
C TYR A 57 -2.16 -11.05 5.40
N PHE A 58 -2.53 -12.34 5.22
CA PHE A 58 -2.67 -13.31 6.34
C PHE A 58 -1.28 -13.77 6.86
N ASN A 59 -0.23 -13.50 6.08
CA ASN A 59 1.17 -13.89 6.40
C ASN A 59 2.14 -12.77 5.98
N TYR A 60 3.41 -12.84 6.48
CA TYR A 60 4.50 -11.87 6.14
C TYR A 60 4.20 -10.43 6.66
N LYS A 61 3.07 -10.27 7.38
CA LYS A 61 2.50 -8.98 7.80
C LYS A 61 3.20 -8.46 9.09
N LYS A 62 3.97 -9.32 9.75
CA LYS A 62 4.80 -8.93 10.92
C LYS A 62 6.18 -8.44 10.43
N ARG A 63 6.65 -9.02 9.31
CA ARG A 63 7.92 -8.64 8.68
C ARG A 63 7.76 -7.30 7.91
N GLN A 64 8.03 -6.19 8.64
CA GLN A 64 7.74 -4.81 8.20
C GLN A 64 6.23 -4.66 7.96
N ASN A 65 5.48 -4.35 9.04
CA ASN A 65 4.01 -4.37 9.03
C ASN A 65 3.45 -3.40 7.97
N LEU A 66 2.59 -3.95 7.11
CA LEU A 66 2.01 -3.26 5.93
C LEU A 66 1.13 -2.07 6.36
N ASP A 67 0.66 -2.11 7.62
CA ASP A 67 -0.08 -1.01 8.26
C ASP A 67 0.81 0.25 8.41
N GLU A 68 2.12 0.03 8.75
CA GLU A 68 3.10 1.13 8.95
C GLU A 68 3.44 1.78 7.60
N ILE A 69 3.47 0.95 6.55
CA ILE A 69 3.73 1.41 5.16
C ILE A 69 2.61 2.38 4.72
N LEU A 70 1.36 2.02 5.05
CA LEU A 70 0.18 2.86 4.80
C LEU A 70 0.18 4.12 5.70
N GLN A 71 0.67 3.95 6.95
CA GLN A 71 0.71 5.05 7.93
C GLN A 71 1.76 6.10 7.52
N GLN A 72 2.89 5.64 6.95
CA GLN A 72 3.96 6.53 6.45
C GLN A 72 3.45 7.35 5.25
N HIS A 73 2.68 6.68 4.37
CA HIS A 73 2.04 7.34 3.21
C HIS A 73 1.00 8.37 3.67
N LYS A 74 0.29 8.01 4.77
CA LYS A 74 -0.75 8.87 5.35
C LYS A 74 -0.14 10.13 5.96
N LEU A 75 0.74 9.96 6.96
CA LEU A 75 1.28 11.08 7.78
C LEU A 75 2.09 12.06 6.92
N LYS A 76 2.83 11.52 5.93
CA LYS A 76 3.57 12.35 4.95
C LYS A 76 2.60 13.19 4.12
N MET A 77 1.70 12.51 3.40
CA MET A 77 0.73 13.16 2.47
C MET A 77 -0.19 14.14 3.24
N GLU A 78 -0.44 13.82 4.50
CA GLU A 78 -1.32 14.61 5.37
C GLU A 78 -0.70 15.99 5.64
N LYS A 79 0.52 15.97 6.24
CA LYS A 79 1.18 17.18 6.74
C LYS A 79 1.69 18.07 5.58
N GLU A 80 2.11 17.43 4.46
CA GLU A 80 2.63 18.17 3.29
C GLU A 80 1.46 18.80 2.49
N ARG A 81 0.28 18.14 2.51
CA ARG A 81 -0.94 18.68 1.89
C ARG A 81 -1.41 19.92 2.65
N ASN A 82 -1.60 19.78 3.98
CA ASN A 82 -2.05 20.88 4.84
C ASN A 82 -1.05 22.05 4.82
N ALA A 83 0.26 21.73 4.64
CA ALA A 83 1.33 22.74 4.51
C ALA A 83 1.14 23.60 3.24
N ARG A 84 0.96 22.93 2.08
CA ARG A 84 0.79 23.62 0.78
C ARG A 84 -0.64 24.20 0.63
N ARG A 85 -1.56 23.84 1.56
CA ARG A 85 -2.91 24.43 1.66
C ARG A 85 -2.95 25.57 2.69
N LYS A 86 -1.78 25.91 3.27
CA LYS A 86 -1.60 27.12 4.10
C LYS A 86 -0.32 27.86 3.65
N LYS A 87 -0.10 27.82 2.32
CA LYS A 87 1.01 28.53 1.64
C LYS A 87 0.71 30.04 1.58
N LYS A 88 1.09 30.75 2.69
CA LYS A 88 0.89 32.20 2.89
C LYS A 88 -0.60 32.62 2.76
N LYS A 89 -1.27 32.74 3.93
CA LYS A 89 -2.65 33.24 4.04
C LYS A 89 -2.89 33.79 5.48
N TRP A 19 6.66 -15.90 -3.05
CA TRP A 19 6.74 -14.43 -3.22
C TRP A 19 8.18 -13.93 -2.97
N THR A 20 8.82 -13.44 -4.05
CA THR A 20 10.17 -12.85 -4.02
C THR A 20 10.05 -11.31 -4.21
N GLU A 21 11.11 -10.54 -3.84
CA GLU A 21 11.13 -9.05 -3.92
C GLU A 21 10.79 -8.49 -5.33
N GLU A 22 10.89 -9.33 -6.37
CA GLU A 22 10.43 -8.99 -7.73
C GLU A 22 8.93 -8.60 -7.71
N GLU A 23 8.10 -9.54 -7.26
CA GLU A 23 6.63 -9.36 -7.17
C GLU A 23 6.21 -8.56 -5.91
N MET A 24 6.95 -8.76 -4.80
CA MET A 24 6.66 -8.13 -3.49
C MET A 24 7.04 -6.65 -3.48
N GLY A 25 7.98 -6.27 -4.35
CA GLY A 25 8.38 -4.87 -4.52
C GLY A 25 7.30 -4.06 -5.20
N THR A 26 6.69 -4.66 -6.24
CA THR A 26 5.55 -4.06 -6.97
C THR A 26 4.29 -4.02 -6.07
N ALA A 27 4.13 -5.07 -5.23
CA ALA A 27 3.03 -5.17 -4.25
C ALA A 27 3.15 -4.06 -3.21
N LYS A 28 4.38 -3.92 -2.66
CA LYS A 28 4.74 -2.89 -1.66
C LYS A 28 4.55 -1.47 -2.23
N LYS A 29 4.96 -1.30 -3.51
CA LYS A 29 4.80 -0.02 -4.24
C LYS A 29 3.31 0.32 -4.38
N GLY A 30 2.48 -0.71 -4.64
CA GLY A 30 1.03 -0.56 -4.72
C GLY A 30 0.41 -0.16 -3.38
N LEU A 31 0.90 -0.80 -2.31
CA LEU A 31 0.44 -0.54 -0.93
C LEU A 31 0.83 0.87 -0.47
N LEU A 32 1.98 1.36 -0.96
CA LEU A 32 2.49 2.71 -0.67
C LEU A 32 1.81 3.78 -1.55
N GLU A 33 1.44 3.41 -2.79
CA GLU A 33 0.86 4.37 -3.76
C GLU A 33 -0.64 4.53 -3.54
N HIS A 34 -1.37 3.40 -3.67
CA HIS A 34 -2.83 3.34 -3.52
C HIS A 34 -3.19 3.28 -2.03
N GLY A 35 -2.65 2.25 -1.37
CA GLY A 35 -3.02 1.90 0.00
C GLY A 35 -3.20 0.40 0.12
N ARG A 36 -3.85 -0.08 1.21
CA ARG A 36 -4.12 -1.51 1.44
C ARG A 36 -5.40 -2.00 0.69
N ASN A 37 -5.75 -1.27 -0.39
CA ASN A 37 -6.92 -1.54 -1.23
C ASN A 37 -6.71 -2.88 -2.00
N TRP A 38 -7.26 -3.96 -1.42
CA TRP A 38 -6.98 -5.37 -1.81
C TRP A 38 -7.13 -5.60 -3.34
N SER A 39 -8.25 -5.10 -3.90
CA SER A 39 -8.54 -5.20 -5.33
C SER A 39 -7.51 -4.45 -6.17
N ALA A 40 -7.14 -3.23 -5.74
CA ALA A 40 -6.19 -2.37 -6.47
C ALA A 40 -4.79 -3.01 -6.55
N ILE A 41 -4.41 -3.76 -5.50
CA ILE A 41 -3.11 -4.46 -5.44
C ILE A 41 -3.17 -5.78 -6.22
N ALA A 42 -4.31 -6.49 -6.10
CA ALA A 42 -4.54 -7.82 -6.70
C ALA A 42 -4.55 -7.75 -8.24
N ARG A 43 -5.16 -6.68 -8.76
CA ARG A 43 -5.27 -6.42 -10.21
C ARG A 43 -3.98 -5.78 -10.75
N MET A 44 -3.20 -5.13 -9.86
CA MET A 44 -1.90 -4.52 -10.22
C MET A 44 -0.84 -5.61 -10.46
N VAL A 45 -0.57 -6.44 -9.42
CA VAL A 45 0.50 -7.45 -9.47
C VAL A 45 0.02 -8.77 -10.12
N GLY A 46 -1.13 -9.27 -9.66
CA GLY A 46 -1.68 -10.55 -10.12
C GLY A 46 -2.47 -10.44 -11.43
N SER A 47 -3.09 -9.25 -11.65
CA SER A 47 -4.08 -9.01 -12.72
C SER A 47 -5.30 -9.94 -12.53
N LYS A 48 -5.61 -10.23 -11.24
CA LYS A 48 -6.58 -11.27 -10.85
C LYS A 48 -7.54 -10.76 -9.74
N THR A 49 -8.44 -11.65 -9.28
CA THR A 49 -9.47 -11.41 -8.23
C THR A 49 -8.90 -10.70 -6.97
N VAL A 50 -9.77 -9.88 -6.31
CA VAL A 50 -9.46 -9.14 -5.06
C VAL A 50 -8.86 -10.06 -3.95
N SER A 51 -9.29 -11.33 -3.97
CA SER A 51 -8.88 -12.38 -3.03
C SER A 51 -7.35 -12.59 -3.00
N GLN A 52 -6.71 -12.40 -4.18
CA GLN A 52 -5.27 -12.68 -4.39
C GLN A 52 -4.37 -11.91 -3.39
N CYS A 53 -4.53 -10.58 -3.34
CA CYS A 53 -3.72 -9.71 -2.46
C CYS A 53 -4.09 -9.90 -0.99
N LYS A 54 -5.35 -10.26 -0.76
CA LYS A 54 -5.88 -10.46 0.59
C LYS A 54 -5.32 -11.77 1.20
N ASN A 55 -5.09 -12.79 0.36
CA ASN A 55 -4.53 -14.09 0.80
C ASN A 55 -3.01 -13.99 1.01
N PHE A 56 -2.39 -12.99 0.36
CA PHE A 56 -0.97 -12.63 0.61
C PHE A 56 -0.81 -12.09 2.05
N TYR A 57 -1.86 -11.45 2.56
CA TYR A 57 -1.83 -10.70 3.84
C TYR A 57 -1.53 -11.62 5.05
N PHE A 58 -1.93 -12.89 4.94
CA PHE A 58 -1.77 -13.90 6.00
C PHE A 58 -0.37 -14.54 5.94
N ASN A 59 0.26 -14.49 4.75
CA ASN A 59 1.61 -15.05 4.51
C ASN A 59 2.65 -13.91 4.46
N TYR A 60 3.91 -14.24 4.77
CA TYR A 60 5.08 -13.32 4.69
C TYR A 60 5.03 -12.16 5.72
N LYS A 61 3.88 -11.97 6.41
CA LYS A 61 3.65 -10.85 7.35
C LYS A 61 4.57 -10.91 8.61
N LYS A 62 5.25 -12.06 8.76
CA LYS A 62 6.28 -12.30 9.78
C LYS A 62 7.33 -11.16 9.82
N ARG A 63 7.90 -10.83 8.65
CA ARG A 63 8.89 -9.73 8.49
C ARG A 63 8.32 -8.58 7.64
N GLN A 64 7.21 -8.83 6.94
CA GLN A 64 6.57 -7.82 6.07
C GLN A 64 5.77 -6.85 6.96
N ASN A 65 6.38 -5.70 7.31
CA ASN A 65 5.69 -4.60 8.02
C ASN A 65 4.81 -3.84 7.02
N LEU A 66 3.57 -4.32 6.86
CA LEU A 66 2.53 -3.63 6.09
C LEU A 66 2.19 -2.30 6.81
N ASP A 67 2.23 -2.36 8.16
CA ASP A 67 1.97 -1.21 9.05
C ASP A 67 2.96 -0.05 8.77
N GLU A 68 4.21 -0.40 8.40
CA GLU A 68 5.25 0.58 8.01
C GLU A 68 4.82 1.32 6.73
N ILE A 69 4.48 0.53 5.71
CA ILE A 69 4.17 1.02 4.35
C ILE A 69 2.98 1.99 4.37
N LEU A 70 1.91 1.57 5.05
CA LEU A 70 0.63 2.29 5.10
C LEU A 70 0.71 3.54 5.99
N GLN A 71 1.38 3.43 7.15
CA GLN A 71 1.48 4.55 8.14
C GLN A 71 2.25 5.73 7.53
N GLN A 72 3.34 5.42 6.82
CA GLN A 72 4.22 6.43 6.23
C GLN A 72 3.51 7.17 5.09
N HIS A 73 2.84 6.42 4.18
CA HIS A 73 2.02 7.02 3.10
C HIS A 73 0.90 7.90 3.70
N LYS A 74 0.29 7.40 4.78
CA LYS A 74 -0.85 8.03 5.46
C LYS A 74 -0.50 9.44 5.96
N LEU A 75 0.59 9.54 6.75
CA LEU A 75 1.00 10.81 7.40
C LEU A 75 1.63 11.80 6.39
N LYS A 76 2.30 11.27 5.35
CA LYS A 76 2.89 12.11 4.26
C LYS A 76 1.79 12.80 3.46
N MET A 77 0.78 11.99 3.08
CA MET A 77 -0.36 12.43 2.26
C MET A 77 -1.26 13.42 3.04
N GLU A 78 -1.37 13.19 4.36
CA GLU A 78 -2.28 13.94 5.25
C GLU A 78 -1.73 15.36 5.52
N LYS A 79 -0.42 15.46 5.81
CA LYS A 79 0.22 16.75 6.19
C LYS A 79 0.21 17.73 5.00
N GLU A 80 0.45 17.21 3.79
CA GLU A 80 0.41 18.01 2.55
C GLU A 80 -1.03 18.29 2.12
N ARG A 81 -1.98 17.43 2.57
CA ARG A 81 -3.42 17.61 2.30
C ARG A 81 -3.90 18.90 2.99
N ASN A 82 -3.56 19.07 4.28
CA ASN A 82 -3.89 20.31 5.04
C ASN A 82 -3.25 21.55 4.37
N ALA A 83 -1.99 21.37 3.92
CA ALA A 83 -1.21 22.45 3.29
C ALA A 83 -1.80 22.89 1.92
N ARG A 84 -2.36 21.94 1.16
CA ARG A 84 -2.97 22.21 -0.16
C ARG A 84 -4.46 22.61 -0.02
N ARG A 85 -5.01 22.52 1.20
CA ARG A 85 -6.40 22.91 1.50
C ARG A 85 -6.49 24.23 2.30
N LYS A 86 -5.38 25.02 2.33
CA LYS A 86 -5.35 26.33 3.01
C LYS A 86 -4.78 27.43 2.09
N LYS A 87 -5.65 28.35 1.67
CA LYS A 87 -5.26 29.61 1.00
C LYS A 87 -5.50 30.75 2.00
N LYS A 88 -4.91 30.59 3.21
CA LYS A 88 -5.06 31.53 4.32
C LYS A 88 -4.22 32.79 4.02
N LYS A 89 -4.85 33.70 3.27
CA LYS A 89 -4.25 34.96 2.82
C LYS A 89 -4.48 36.03 3.92
N TRP A 19 5.32 -15.77 -4.41
CA TRP A 19 5.72 -14.34 -4.48
C TRP A 19 7.18 -14.17 -4.01
N THR A 20 8.09 -14.03 -4.98
CA THR A 20 9.51 -13.68 -4.75
C THR A 20 9.64 -12.17 -4.42
N GLU A 21 10.83 -11.70 -3.99
CA GLU A 21 11.04 -10.33 -3.47
C GLU A 21 10.76 -9.21 -4.51
N GLU A 22 10.80 -9.57 -5.79
CA GLU A 22 10.63 -8.62 -6.91
C GLU A 22 9.15 -8.17 -7.02
N GLU A 23 8.24 -9.15 -7.05
CA GLU A 23 6.77 -8.91 -7.13
C GLU A 23 6.23 -8.50 -5.75
N MET A 24 6.89 -9.01 -4.69
CA MET A 24 6.68 -8.55 -3.29
C MET A 24 7.01 -7.04 -3.19
N GLY A 25 8.05 -6.62 -3.92
CA GLY A 25 8.48 -5.23 -4.00
C GLY A 25 7.58 -4.37 -4.89
N THR A 26 6.95 -5.00 -5.90
CA THR A 26 5.95 -4.34 -6.77
C THR A 26 4.64 -4.12 -5.97
N ALA A 27 4.36 -5.07 -5.05
CA ALA A 27 3.21 -4.99 -4.12
C ALA A 27 3.51 -4.04 -2.96
N LYS A 28 4.79 -3.90 -2.60
CA LYS A 28 5.28 -2.91 -1.63
C LYS A 28 5.03 -1.49 -2.19
N LYS A 29 5.42 -1.33 -3.46
CA LYS A 29 5.22 -0.09 -4.25
C LYS A 29 3.71 0.19 -4.44
N GLY A 30 2.96 -0.88 -4.73
CA GLY A 30 1.52 -0.78 -4.98
C GLY A 30 0.74 -0.33 -3.75
N LEU A 31 0.86 -1.12 -2.67
CA LEU A 31 0.19 -0.87 -1.38
C LEU A 31 0.60 0.49 -0.80
N LEU A 32 1.85 0.94 -1.09
CA LEU A 32 2.33 2.29 -0.74
C LEU A 32 1.44 3.35 -1.46
N GLU A 33 1.46 3.31 -2.79
CA GLU A 33 0.83 4.36 -3.64
C GLU A 33 -0.69 4.36 -3.50
N HIS A 34 -1.30 3.21 -3.85
CA HIS A 34 -2.76 3.02 -3.84
C HIS A 34 -3.34 3.12 -2.40
N GLY A 35 -2.50 2.82 -1.39
CA GLY A 35 -2.89 2.96 0.02
C GLY A 35 -3.81 1.84 0.50
N ARG A 36 -3.27 0.60 0.49
CA ARG A 36 -3.95 -0.65 0.94
C ARG A 36 -5.29 -0.92 0.23
N ASN A 37 -5.44 -0.37 -0.98
CA ASN A 37 -6.61 -0.63 -1.84
C ASN A 37 -6.42 -2.02 -2.49
N TRP A 38 -6.84 -3.07 -1.73
CA TRP A 38 -6.56 -4.48 -2.04
C TRP A 38 -7.05 -4.88 -3.45
N SER A 39 -8.14 -4.23 -3.92
CA SER A 39 -8.69 -4.44 -5.27
C SER A 39 -7.67 -4.00 -6.33
N ALA A 40 -7.16 -2.76 -6.16
CA ALA A 40 -6.19 -2.15 -7.09
C ALA A 40 -4.88 -2.95 -7.14
N ILE A 41 -4.49 -3.53 -5.98
CA ILE A 41 -3.22 -4.28 -5.85
C ILE A 41 -3.37 -5.69 -6.45
N ALA A 42 -4.52 -6.31 -6.18
CA ALA A 42 -4.86 -7.65 -6.69
C ALA A 42 -4.90 -7.64 -8.22
N ARG A 43 -5.29 -6.50 -8.80
CA ARG A 43 -5.30 -6.29 -10.26
C ARG A 43 -3.90 -5.91 -10.78
N MET A 44 -3.16 -5.10 -9.99
CA MET A 44 -1.84 -4.56 -10.40
C MET A 44 -0.76 -5.66 -10.41
N VAL A 45 -0.50 -6.24 -9.23
CA VAL A 45 0.54 -7.28 -9.05
C VAL A 45 -0.02 -8.71 -9.27
N GLY A 46 -1.28 -8.92 -8.84
CA GLY A 46 -1.92 -10.24 -8.89
C GLY A 46 -2.54 -10.58 -10.25
N SER A 47 -3.12 -9.55 -10.90
CA SER A 47 -3.85 -9.66 -12.19
C SER A 47 -5.16 -10.49 -12.04
N LYS A 48 -5.79 -10.43 -10.84
CA LYS A 48 -6.99 -11.24 -10.50
C LYS A 48 -7.80 -10.57 -9.34
N THR A 49 -8.80 -11.30 -8.79
CA THR A 49 -9.75 -10.78 -7.77
C THR A 49 -9.05 -10.35 -6.44
N VAL A 50 -9.75 -9.46 -5.68
CA VAL A 50 -9.30 -8.87 -4.38
C VAL A 50 -8.69 -9.91 -3.41
N SER A 51 -9.29 -11.12 -3.45
CA SER A 51 -8.90 -12.28 -2.62
C SER A 51 -7.38 -12.54 -2.65
N GLN A 52 -6.78 -12.50 -3.84
CA GLN A 52 -5.35 -12.81 -4.03
C GLN A 52 -4.43 -11.84 -3.27
N CYS A 53 -4.80 -10.54 -3.22
CA CYS A 53 -4.01 -9.53 -2.47
C CYS A 53 -4.16 -9.74 -0.95
N LYS A 54 -5.30 -10.31 -0.54
CA LYS A 54 -5.57 -10.63 0.87
C LYS A 54 -4.72 -11.82 1.36
N ASN A 55 -4.72 -12.92 0.57
CA ASN A 55 -3.98 -14.15 0.92
C ASN A 55 -2.46 -13.97 0.74
N PHE A 56 -2.08 -12.96 -0.09
CA PHE A 56 -0.68 -12.48 -0.25
C PHE A 56 -0.11 -12.00 1.10
N TYR A 57 -0.97 -11.30 1.87
CA TYR A 57 -0.60 -10.63 3.12
C TYR A 57 -0.15 -11.65 4.18
N PHE A 58 -0.75 -12.84 4.12
CA PHE A 58 -0.42 -13.98 4.99
C PHE A 58 0.64 -14.87 4.30
N ASN A 59 1.08 -15.94 5.01
CA ASN A 59 2.08 -16.95 4.54
C ASN A 59 3.53 -16.41 4.63
N TYR A 60 3.78 -15.24 4.04
CA TYR A 60 5.12 -14.61 4.01
C TYR A 60 5.36 -13.76 5.27
N LYS A 61 6.56 -13.15 5.37
CA LYS A 61 6.95 -12.34 6.54
C LYS A 61 6.20 -10.98 6.55
N LYS A 62 5.02 -10.97 7.19
CA LYS A 62 4.24 -9.74 7.42
C LYS A 62 4.63 -9.11 8.77
N ARG A 63 5.96 -9.02 9.02
CA ARG A 63 6.54 -8.53 10.28
C ARG A 63 6.50 -6.98 10.31
N GLN A 64 5.27 -6.43 10.48
CA GLN A 64 4.92 -4.98 10.56
C GLN A 64 5.63 -4.07 9.50
N ASN A 65 6.12 -4.68 8.39
CA ASN A 65 6.85 -3.97 7.32
C ASN A 65 5.86 -3.10 6.54
N LEU A 66 4.83 -3.76 5.97
CA LEU A 66 3.77 -3.10 5.18
C LEU A 66 2.92 -2.18 6.07
N ASP A 67 2.83 -2.55 7.37
CA ASP A 67 2.12 -1.75 8.38
C ASP A 67 2.75 -0.35 8.51
N GLU A 68 4.10 -0.29 8.51
CA GLU A 68 4.84 0.98 8.55
C GLU A 68 4.63 1.75 7.24
N ILE A 69 4.85 1.06 6.10
CA ILE A 69 4.72 1.64 4.73
C ILE A 69 3.38 2.37 4.55
N LEU A 70 2.32 1.71 5.03
CA LEU A 70 0.94 2.19 4.91
C LEU A 70 0.71 3.40 5.81
N GLN A 71 1.23 3.31 7.06
CA GLN A 71 1.08 4.36 8.07
C GLN A 71 1.84 5.63 7.68
N GLN A 72 3.03 5.46 7.07
CA GLN A 72 3.86 6.59 6.62
C GLN A 72 3.19 7.28 5.44
N HIS A 73 2.69 6.49 4.46
CA HIS A 73 1.93 7.02 3.31
C HIS A 73 0.67 7.77 3.78
N LYS A 74 0.05 7.25 4.86
CA LYS A 74 -1.16 7.86 5.46
C LYS A 74 -0.85 9.26 5.99
N LEU A 75 0.17 9.37 6.88
CA LEU A 75 0.50 10.62 7.58
C LEU A 75 1.13 11.67 6.64
N LYS A 76 1.90 11.19 5.62
CA LYS A 76 2.52 12.06 4.59
C LYS A 76 1.41 12.72 3.75
N MET A 77 0.55 11.85 3.17
CA MET A 77 -0.61 12.27 2.36
C MET A 77 -1.51 13.24 3.14
N GLU A 78 -1.78 12.89 4.40
CA GLU A 78 -2.73 13.61 5.26
C GLU A 78 -2.28 15.06 5.49
N LYS A 79 -0.98 15.24 5.84
CA LYS A 79 -0.44 16.56 6.21
C LYS A 79 -0.27 17.46 4.97
N GLU A 80 0.24 16.88 3.85
CA GLU A 80 0.50 17.65 2.61
C GLU A 80 -0.81 18.04 1.91
N ARG A 81 -1.82 17.17 2.05
CA ARG A 81 -3.15 17.40 1.50
C ARG A 81 -3.87 18.48 2.33
N ASN A 82 -3.69 18.44 3.66
CA ASN A 82 -4.31 19.40 4.58
C ASN A 82 -3.67 20.79 4.43
N ALA A 83 -2.38 20.82 4.03
CA ALA A 83 -1.60 22.05 3.86
C ALA A 83 -1.86 22.72 2.49
N ARG A 84 -2.23 21.91 1.47
CA ARG A 84 -2.62 22.44 0.14
C ARG A 84 -4.12 22.83 0.13
N ARG A 85 -4.91 22.17 1.02
CA ARG A 85 -6.28 22.63 1.36
C ARG A 85 -6.18 23.85 2.31
N LYS A 86 -4.99 23.99 2.95
CA LYS A 86 -4.55 25.20 3.65
C LYS A 86 -5.38 25.45 4.93
N LYS A 87 -5.90 24.37 5.53
CA LYS A 87 -6.71 24.43 6.77
C LYS A 87 -6.02 23.66 7.91
N LYS A 88 -6.75 23.53 9.03
CA LYS A 88 -6.32 22.83 10.27
C LYS A 88 -5.11 23.57 10.88
N LYS A 89 -5.40 24.68 11.58
CA LYS A 89 -4.41 25.50 12.30
C LYS A 89 -5.13 26.60 13.13
N TRP A 19 6.98 -14.70 -2.81
CA TRP A 19 7.07 -13.30 -3.30
C TRP A 19 8.55 -12.86 -3.35
N THR A 20 9.12 -12.86 -4.56
CA THR A 20 10.47 -12.31 -4.84
C THR A 20 10.43 -10.76 -4.71
N GLU A 21 11.60 -10.13 -4.54
CA GLU A 21 11.74 -8.69 -4.25
C GLU A 21 10.96 -7.80 -5.29
N GLU A 22 10.94 -8.24 -6.57
CA GLU A 22 10.24 -7.50 -7.66
C GLU A 22 8.73 -7.38 -7.37
N GLU A 23 8.07 -8.53 -7.18
CA GLU A 23 6.60 -8.62 -6.97
C GLU A 23 6.21 -8.14 -5.54
N MET A 24 7.13 -8.34 -4.58
CA MET A 24 7.03 -7.83 -3.20
C MET A 24 6.97 -6.29 -3.23
N GLY A 25 7.84 -5.69 -4.08
CA GLY A 25 7.93 -4.26 -4.25
C GLY A 25 6.77 -3.68 -5.05
N THR A 26 6.19 -4.50 -5.94
CA THR A 26 5.00 -4.12 -6.72
C THR A 26 3.77 -4.04 -5.79
N ALA A 27 3.66 -5.03 -4.88
CA ALA A 27 2.58 -5.08 -3.87
C ALA A 27 2.70 -3.88 -2.94
N LYS A 28 3.91 -3.74 -2.36
CA LYS A 28 4.33 -2.62 -1.50
C LYS A 28 4.00 -1.25 -2.13
N LYS A 29 4.31 -1.11 -3.45
CA LYS A 29 4.10 0.14 -4.20
C LYS A 29 2.62 0.51 -4.24
N GLY A 30 1.78 -0.47 -4.64
CA GLY A 30 0.33 -0.28 -4.71
C GLY A 30 -0.31 0.01 -3.38
N LEU A 31 0.26 -0.55 -2.31
CA LEU A 31 -0.21 -0.38 -0.93
C LEU A 31 0.23 1.00 -0.37
N LEU A 32 1.42 1.45 -0.80
CA LEU A 32 1.97 2.76 -0.42
C LEU A 32 1.26 3.87 -1.24
N GLU A 33 0.75 3.50 -2.42
CA GLU A 33 0.10 4.44 -3.36
C GLU A 33 -1.41 4.55 -3.11
N HIS A 34 -2.12 3.42 -3.30
CA HIS A 34 -3.59 3.34 -3.21
C HIS A 34 -4.03 3.20 -1.75
N GLY A 35 -3.42 2.23 -1.04
CA GLY A 35 -3.69 2.01 0.37
C GLY A 35 -4.85 1.05 0.64
N ARG A 36 -4.53 -0.26 0.79
CA ARG A 36 -5.47 -1.32 1.25
C ARG A 36 -6.61 -1.64 0.25
N ASN A 37 -6.55 -1.08 -0.97
CA ASN A 37 -7.55 -1.35 -2.01
C ASN A 37 -7.23 -2.69 -2.67
N TRP A 38 -7.56 -3.81 -1.97
CA TRP A 38 -7.15 -5.18 -2.34
C TRP A 38 -7.57 -5.55 -3.77
N SER A 39 -8.69 -4.95 -4.23
CA SER A 39 -9.20 -5.10 -5.60
C SER A 39 -8.16 -4.63 -6.64
N ALA A 40 -7.65 -3.40 -6.42
CA ALA A 40 -6.66 -2.76 -7.30
C ALA A 40 -5.29 -3.49 -7.21
N ILE A 41 -4.91 -3.88 -5.96
CA ILE A 41 -3.59 -4.50 -5.69
C ILE A 41 -3.51 -5.89 -6.35
N ALA A 42 -4.61 -6.65 -6.25
CA ALA A 42 -4.70 -8.03 -6.80
C ALA A 42 -4.59 -8.02 -8.34
N ARG A 43 -5.12 -6.96 -8.96
CA ARG A 43 -5.03 -6.77 -10.42
C ARG A 43 -3.66 -6.20 -10.82
N MET A 44 -2.98 -5.53 -9.88
CA MET A 44 -1.64 -4.95 -10.08
C MET A 44 -0.58 -6.06 -10.11
N VAL A 45 -0.53 -6.88 -9.03
CA VAL A 45 0.48 -7.95 -8.88
C VAL A 45 0.03 -9.25 -9.57
N GLY A 46 -1.19 -9.71 -9.26
CA GLY A 46 -1.70 -10.99 -9.75
C GLY A 46 -2.31 -10.91 -11.14
N SER A 47 -3.00 -9.77 -11.40
CA SER A 47 -3.96 -9.62 -12.53
C SER A 47 -5.17 -10.58 -12.33
N LYS A 48 -5.38 -11.01 -11.06
CA LYS A 48 -6.33 -12.06 -10.68
C LYS A 48 -7.37 -11.49 -9.68
N THR A 49 -8.11 -12.40 -9.03
CA THR A 49 -9.15 -12.10 -8.04
C THR A 49 -8.54 -11.44 -6.76
N VAL A 50 -9.39 -10.71 -6.00
CA VAL A 50 -9.04 -10.01 -4.74
C VAL A 50 -8.29 -10.92 -3.73
N SER A 51 -8.60 -12.24 -3.81
CA SER A 51 -8.00 -13.32 -2.99
C SER A 51 -6.45 -13.21 -2.92
N GLN A 52 -5.83 -13.03 -4.11
CA GLN A 52 -4.34 -13.02 -4.26
C GLN A 52 -3.66 -11.88 -3.47
N CYS A 53 -4.35 -10.74 -3.33
CA CYS A 53 -3.85 -9.59 -2.55
C CYS A 53 -3.95 -9.87 -1.04
N LYS A 54 -5.06 -10.55 -0.66
CA LYS A 54 -5.33 -10.93 0.75
C LYS A 54 -4.33 -12.03 1.19
N ASN A 55 -3.86 -12.84 0.20
CA ASN A 55 -2.82 -13.86 0.41
C ASN A 55 -1.55 -13.20 0.94
N PHE A 56 -1.06 -12.17 0.20
CA PHE A 56 0.13 -11.37 0.58
C PHE A 56 0.03 -10.85 2.03
N TYR A 57 -1.20 -10.43 2.40
CA TYR A 57 -1.49 -9.77 3.69
C TYR A 57 -1.21 -10.71 4.90
N PHE A 58 -1.46 -12.02 4.71
CA PHE A 58 -1.30 -13.04 5.77
C PHE A 58 -0.11 -14.00 5.49
N ASN A 59 0.69 -13.69 4.45
CA ASN A 59 1.87 -14.50 4.07
C ASN A 59 3.19 -13.74 4.38
N TYR A 60 3.13 -12.75 5.29
CA TYR A 60 4.32 -12.00 5.72
C TYR A 60 4.23 -11.70 7.22
N LYS A 61 5.37 -11.83 7.94
CA LYS A 61 5.44 -11.68 9.40
C LYS A 61 6.68 -10.85 9.79
N LYS A 62 6.42 -9.62 10.29
CA LYS A 62 7.46 -8.69 10.81
C LYS A 62 6.73 -7.39 11.26
N ARG A 63 7.39 -6.53 12.08
CA ARG A 63 6.87 -5.16 12.35
C ARG A 63 6.89 -4.33 11.05
N GLN A 64 8.02 -4.41 10.32
CA GLN A 64 8.16 -3.78 9.00
C GLN A 64 7.32 -4.55 7.98
N ASN A 65 6.01 -4.26 7.98
CA ASN A 65 5.02 -4.89 7.11
C ASN A 65 4.03 -3.81 6.64
N LEU A 66 2.88 -4.26 6.09
CA LEU A 66 1.82 -3.38 5.55
C LEU A 66 1.40 -2.31 6.57
N ASP A 67 1.44 -2.66 7.86
CA ASP A 67 1.04 -1.77 8.97
C ASP A 67 1.73 -0.39 8.88
N GLU A 68 3.08 -0.39 8.83
CA GLU A 68 3.86 0.86 8.75
C GLU A 68 3.99 1.38 7.32
N ILE A 69 3.81 0.51 6.29
CA ILE A 69 3.75 0.96 4.87
C ILE A 69 2.51 1.86 4.64
N LEU A 70 1.40 1.48 5.30
CA LEU A 70 0.13 2.22 5.23
C LEU A 70 0.16 3.43 6.16
N GLN A 71 0.93 3.32 7.27
CA GLN A 71 1.23 4.46 8.15
C GLN A 71 1.96 5.56 7.33
N GLN A 72 2.89 5.12 6.47
CA GLN A 72 3.59 6.01 5.53
C GLN A 72 2.58 6.64 4.55
N HIS A 73 1.78 5.80 3.87
CA HIS A 73 0.73 6.27 2.90
C HIS A 73 -0.17 7.35 3.54
N LYS A 74 -0.48 7.15 4.83
CA LYS A 74 -1.30 8.08 5.61
C LYS A 74 -0.55 9.41 5.82
N LEU A 75 0.61 9.34 6.50
CA LEU A 75 1.32 10.54 7.00
C LEU A 75 1.90 11.40 5.86
N LYS A 76 2.30 10.74 4.75
CA LYS A 76 2.94 11.40 3.59
C LYS A 76 1.98 12.37 2.89
N MET A 77 0.80 11.85 2.51
CA MET A 77 -0.24 12.67 1.83
C MET A 77 -0.83 13.69 2.81
N GLU A 78 -1.01 13.26 4.07
CA GLU A 78 -1.68 14.07 5.10
C GLU A 78 -0.87 15.34 5.44
N LYS A 79 0.44 15.15 5.65
CA LYS A 79 1.34 16.25 6.10
C LYS A 79 1.53 17.30 5.00
N GLU A 80 1.63 16.84 3.74
CA GLU A 80 1.82 17.73 2.59
C GLU A 80 0.50 18.39 2.21
N ARG A 81 -0.64 17.72 2.53
CA ARG A 81 -1.99 18.24 2.22
C ARG A 81 -2.32 19.42 3.14
N ASN A 82 -2.01 19.28 4.44
CA ASN A 82 -2.13 20.39 5.41
C ASN A 82 -1.22 21.55 4.99
N ALA A 83 0.03 21.19 4.61
CA ALA A 83 1.07 22.16 4.22
C ALA A 83 0.66 23.00 2.98
N ARG A 84 0.05 22.35 1.96
CA ARG A 84 -0.28 23.02 0.68
C ARG A 84 -1.53 23.92 0.81
N ARG A 85 -2.45 23.56 1.73
CA ARG A 85 -3.72 24.30 1.94
C ARG A 85 -3.46 25.64 2.66
N LYS A 86 -2.77 25.57 3.80
CA LYS A 86 -2.50 26.76 4.65
C LYS A 86 -1.12 27.40 4.31
N LYS A 87 -0.56 27.05 3.13
CA LYS A 87 0.76 27.53 2.68
C LYS A 87 0.78 29.07 2.57
N LYS A 88 1.37 29.71 3.59
CA LYS A 88 1.50 31.18 3.68
C LYS A 88 2.62 31.51 4.68
N LYS A 89 3.53 32.40 4.28
CA LYS A 89 4.63 32.86 5.12
C LYS A 89 4.21 34.14 5.90
N TRP A 19 7.03 -15.25 -4.16
CA TRP A 19 7.12 -13.83 -4.57
C TRP A 19 8.59 -13.39 -4.52
N THR A 20 9.18 -13.16 -5.71
CA THR A 20 10.51 -12.54 -5.85
C THR A 20 10.45 -11.05 -5.43
N GLU A 21 11.59 -10.49 -4.96
CA GLU A 21 11.70 -9.08 -4.51
C GLU A 21 11.21 -8.05 -5.56
N GLU A 22 11.13 -8.47 -6.84
CA GLU A 22 10.61 -7.64 -7.95
C GLU A 22 9.12 -7.31 -7.73
N GLU A 23 8.29 -8.37 -7.59
CA GLU A 23 6.83 -8.23 -7.37
C GLU A 23 6.53 -7.84 -5.92
N MET A 24 7.41 -8.25 -4.98
CA MET A 24 7.34 -7.82 -3.57
C MET A 24 7.52 -6.29 -3.46
N GLY A 25 8.42 -5.74 -4.29
CA GLY A 25 8.65 -4.30 -4.38
C GLY A 25 7.48 -3.56 -4.99
N THR A 26 6.89 -4.15 -6.06
CA THR A 26 5.71 -3.59 -6.75
C THR A 26 4.47 -3.68 -5.82
N ALA A 27 4.43 -4.72 -4.96
CA ALA A 27 3.34 -4.93 -3.99
C ALA A 27 3.43 -3.89 -2.89
N LYS A 28 4.66 -3.74 -2.33
CA LYS A 28 5.00 -2.73 -1.31
C LYS A 28 4.69 -1.31 -1.83
N LYS A 29 5.01 -1.08 -3.12
CA LYS A 29 4.72 0.20 -3.81
C LYS A 29 3.21 0.41 -3.89
N GLY A 30 2.48 -0.66 -4.25
CA GLY A 30 1.03 -0.63 -4.30
C GLY A 30 0.39 -0.30 -2.95
N LEU A 31 0.97 -0.86 -1.90
CA LEU A 31 0.49 -0.69 -0.52
C LEU A 31 0.89 0.69 0.04
N LEU A 32 1.99 1.26 -0.50
CA LEU A 32 2.46 2.63 -0.20
C LEU A 32 1.67 3.70 -1.01
N GLU A 33 1.10 3.31 -2.16
CA GLU A 33 0.44 4.24 -3.11
C GLU A 33 -1.10 4.06 -3.11
N HIS A 34 -1.55 2.87 -3.53
CA HIS A 34 -2.99 2.50 -3.59
C HIS A 34 -3.51 2.15 -2.19
N GLY A 35 -2.58 1.90 -1.26
CA GLY A 35 -2.90 1.64 0.14
C GLY A 35 -3.28 0.20 0.41
N ARG A 36 -4.19 -0.01 1.38
CA ARG A 36 -4.58 -1.34 1.89
C ARG A 36 -5.65 -1.99 0.99
N ASN A 37 -6.09 -1.26 -0.07
CA ASN A 37 -7.17 -1.71 -0.98
C ASN A 37 -6.72 -2.99 -1.70
N TRP A 38 -7.06 -4.17 -1.11
CA TRP A 38 -6.62 -5.49 -1.58
C TRP A 38 -7.04 -5.73 -3.04
N SER A 39 -8.18 -5.12 -3.43
CA SER A 39 -8.71 -5.20 -4.78
C SER A 39 -7.78 -4.46 -5.76
N ALA A 40 -7.32 -3.26 -5.37
CA ALA A 40 -6.41 -2.44 -6.20
C ALA A 40 -5.01 -3.08 -6.32
N ILE A 41 -4.55 -3.72 -5.22
CA ILE A 41 -3.20 -4.35 -5.18
C ILE A 41 -3.22 -5.67 -5.98
N ALA A 42 -4.31 -6.45 -5.80
CA ALA A 42 -4.50 -7.72 -6.53
C ALA A 42 -4.65 -7.47 -8.04
N ARG A 43 -5.21 -6.29 -8.38
CA ARG A 43 -5.40 -5.84 -9.76
C ARG A 43 -4.07 -5.33 -10.35
N MET A 44 -3.21 -4.76 -9.48
CA MET A 44 -1.91 -4.19 -9.86
C MET A 44 -0.84 -5.28 -10.09
N VAL A 45 -0.51 -6.03 -9.01
CA VAL A 45 0.57 -7.03 -9.01
C VAL A 45 0.08 -8.41 -9.46
N GLY A 46 -1.15 -8.77 -9.04
CA GLY A 46 -1.76 -10.06 -9.37
C GLY A 46 -2.40 -10.06 -10.75
N SER A 47 -2.84 -8.85 -11.21
CA SER A 47 -3.60 -8.64 -12.45
C SER A 47 -4.99 -9.34 -12.40
N LYS A 48 -5.45 -9.68 -11.17
CA LYS A 48 -6.62 -10.55 -10.96
C LYS A 48 -7.51 -9.99 -9.82
N THR A 49 -8.54 -10.75 -9.42
CA THR A 49 -9.55 -10.32 -8.43
C THR A 49 -8.98 -10.30 -6.98
N VAL A 50 -9.69 -9.54 -6.09
CA VAL A 50 -9.25 -9.13 -4.72
C VAL A 50 -8.62 -10.24 -3.85
N SER A 51 -9.08 -11.50 -4.04
CA SER A 51 -8.68 -12.66 -3.21
C SER A 51 -7.15 -12.85 -3.20
N GLN A 52 -6.48 -12.52 -4.32
CA GLN A 52 -5.02 -12.70 -4.47
C GLN A 52 -4.22 -11.96 -3.36
N CYS A 53 -4.49 -10.65 -3.20
CA CYS A 53 -3.72 -9.79 -2.26
C CYS A 53 -4.23 -9.93 -0.82
N LYS A 54 -5.55 -10.19 -0.66
CA LYS A 54 -6.15 -10.39 0.68
C LYS A 54 -5.63 -11.70 1.30
N ASN A 55 -5.49 -12.75 0.45
CA ASN A 55 -4.89 -14.03 0.87
C ASN A 55 -3.39 -13.85 1.12
N PHE A 56 -2.71 -13.03 0.28
CA PHE A 56 -1.24 -12.76 0.42
C PHE A 56 -0.88 -12.26 1.82
N TYR A 57 -1.83 -11.59 2.48
CA TYR A 57 -1.62 -11.01 3.81
C TYR A 57 -1.34 -12.11 4.86
N PHE A 58 -1.97 -13.29 4.66
CA PHE A 58 -1.85 -14.46 5.55
C PHE A 58 -0.84 -15.48 4.99
N ASN A 59 -0.83 -15.62 3.65
CA ASN A 59 0.10 -16.50 2.89
C ASN A 59 1.55 -16.07 3.14
N TYR A 60 1.78 -14.74 3.19
CA TYR A 60 3.00 -14.18 3.78
C TYR A 60 2.79 -14.18 5.29
N LYS A 61 3.34 -15.20 5.97
CA LYS A 61 2.99 -15.54 7.36
C LYS A 61 3.56 -14.48 8.33
N LYS A 62 2.73 -13.42 8.54
CA LYS A 62 2.93 -12.31 9.51
C LYS A 62 4.42 -11.99 9.82
N ARG A 63 5.08 -11.35 8.85
CA ARG A 63 6.50 -10.95 8.95
C ARG A 63 6.74 -9.68 8.11
N GLN A 64 5.67 -9.20 7.44
CA GLN A 64 5.71 -7.99 6.61
C GLN A 64 5.43 -6.75 7.47
N ASN A 65 6.08 -5.61 7.14
CA ASN A 65 5.93 -4.34 7.89
C ASN A 65 4.80 -3.46 7.28
N LEU A 66 3.74 -4.16 6.80
CA LEU A 66 2.56 -3.54 6.12
C LEU A 66 1.86 -2.52 7.05
N ASP A 67 1.89 -2.83 8.35
CA ASP A 67 1.35 -1.96 9.41
C ASP A 67 1.97 -0.54 9.33
N GLU A 68 3.30 -0.48 9.12
CA GLU A 68 4.03 0.78 8.96
C GLU A 68 3.86 1.35 7.54
N ILE A 69 3.82 0.48 6.50
CA ILE A 69 3.70 0.92 5.08
C ILE A 69 2.43 1.76 4.86
N LEU A 70 1.34 1.33 5.51
CA LEU A 70 0.03 2.02 5.46
C LEU A 70 0.04 3.31 6.32
N GLN A 71 0.78 3.29 7.43
CA GLN A 71 0.91 4.46 8.33
C GLN A 71 1.66 5.58 7.60
N GLN A 72 2.77 5.22 6.92
CA GLN A 72 3.58 6.14 6.12
C GLN A 72 2.75 6.68 4.96
N HIS A 73 1.98 5.79 4.30
CA HIS A 73 1.05 6.16 3.22
C HIS A 73 0.09 7.27 3.69
N LYS A 74 -0.44 7.09 4.91
CA LYS A 74 -1.41 8.03 5.51
C LYS A 74 -0.75 9.38 5.85
N LEU A 75 0.25 9.37 6.74
CA LEU A 75 0.82 10.60 7.35
C LEU A 75 1.49 11.51 6.30
N LYS A 76 2.09 10.89 5.26
CA LYS A 76 2.72 11.61 4.14
C LYS A 76 1.67 12.18 3.17
N MET A 77 0.56 11.42 2.99
CA MET A 77 -0.59 11.85 2.14
C MET A 77 -1.22 13.11 2.75
N GLU A 78 -1.59 13.01 4.03
CA GLU A 78 -2.23 14.10 4.79
C GLU A 78 -1.31 15.32 4.93
N LYS A 79 0.02 15.08 4.94
CA LYS A 79 1.04 16.14 5.01
C LYS A 79 0.98 17.03 3.76
N GLU A 80 1.13 16.40 2.57
CA GLU A 80 1.14 17.11 1.28
C GLU A 80 -0.27 17.62 0.89
N ARG A 81 -1.31 16.89 1.35
CA ARG A 81 -2.72 17.17 1.00
C ARG A 81 -3.20 18.40 1.78
N ASN A 82 -2.78 18.51 3.05
CA ASN A 82 -3.10 19.67 3.90
C ASN A 82 -2.24 20.89 3.50
N ALA A 83 -1.04 20.60 2.94
CA ALA A 83 -0.09 21.64 2.47
C ALA A 83 -0.59 22.34 1.20
N ARG A 84 -1.31 21.60 0.33
CA ARG A 84 -1.93 22.18 -0.89
C ARG A 84 -3.31 22.77 -0.58
N ARG A 85 -3.97 22.25 0.48
CA ARG A 85 -5.24 22.81 1.01
C ARG A 85 -4.97 24.05 1.91
N LYS A 86 -3.67 24.35 2.14
CA LYS A 86 -3.22 25.53 2.91
C LYS A 86 -3.48 26.79 2.06
N LYS A 87 -4.63 27.46 2.31
CA LYS A 87 -5.02 28.69 1.60
C LYS A 87 -6.15 29.47 2.36
N LYS A 88 -6.50 29.02 3.59
CA LYS A 88 -7.59 29.64 4.39
C LYS A 88 -7.25 31.10 4.77
N LYS A 89 -7.97 32.05 4.16
CA LYS A 89 -7.81 33.48 4.45
C LYS A 89 -8.67 33.87 5.68
N TRP A 19 5.38 -15.80 -4.64
CA TRP A 19 5.70 -14.36 -4.57
C TRP A 19 7.21 -14.14 -4.44
N THR A 20 7.83 -13.67 -5.54
CA THR A 20 9.23 -13.21 -5.57
C THR A 20 9.33 -11.82 -4.90
N GLU A 21 10.51 -11.48 -4.33
CA GLU A 21 10.75 -10.18 -3.64
C GLU A 21 10.44 -8.96 -4.55
N GLU A 22 10.49 -9.16 -5.88
CA GLU A 22 10.21 -8.09 -6.86
C GLU A 22 8.69 -7.77 -6.92
N GLU A 23 7.85 -8.80 -7.16
CA GLU A 23 6.37 -8.63 -7.22
C GLU A 23 5.81 -8.29 -5.82
N MET A 24 6.49 -8.81 -4.78
CA MET A 24 6.20 -8.51 -3.36
C MET A 24 6.55 -7.03 -3.05
N GLY A 25 7.64 -6.54 -3.69
CA GLY A 25 8.04 -5.15 -3.60
C GLY A 25 7.13 -4.21 -4.39
N THR A 26 6.53 -4.76 -5.47
CA THR A 26 5.56 -4.03 -6.31
C THR A 26 4.18 -4.00 -5.62
N ALA A 27 3.90 -5.06 -4.81
CA ALA A 27 2.69 -5.12 -3.96
C ALA A 27 2.82 -4.07 -2.86
N LYS A 28 4.00 -4.07 -2.21
CA LYS A 28 4.42 -3.06 -1.22
C LYS A 28 4.29 -1.64 -1.80
N LYS A 29 4.68 -1.49 -3.09
CA LYS A 29 4.60 -0.22 -3.83
C LYS A 29 3.13 0.20 -4.01
N GLY A 30 2.25 -0.77 -4.31
CA GLY A 30 0.82 -0.52 -4.47
C GLY A 30 0.14 -0.11 -3.16
N LEU A 31 0.62 -0.68 -2.06
CA LEU A 31 0.13 -0.36 -0.71
C LEU A 31 0.71 1.01 -0.24
N LEU A 32 1.89 1.36 -0.78
CA LEU A 32 2.53 2.68 -0.58
C LEU A 32 1.89 3.76 -1.48
N GLU A 33 1.31 3.33 -2.61
CA GLU A 33 0.75 4.24 -3.65
C GLU A 33 -0.75 4.51 -3.40
N HIS A 34 -1.54 3.43 -3.47
CA HIS A 34 -3.01 3.48 -3.33
C HIS A 34 -3.42 3.28 -1.87
N GLY A 35 -2.76 2.30 -1.24
CA GLY A 35 -3.16 1.79 0.07
C GLY A 35 -3.54 0.33 -0.03
N ARG A 36 -4.12 -0.23 1.05
CA ARG A 36 -4.50 -1.66 1.12
C ARG A 36 -5.91 -1.92 0.55
N ASN A 37 -6.12 -1.46 -0.70
CA ASN A 37 -7.31 -1.81 -1.49
C ASN A 37 -7.00 -3.15 -2.20
N TRP A 38 -7.38 -4.25 -1.54
CA TRP A 38 -6.93 -5.63 -1.85
C TRP A 38 -7.16 -6.00 -3.33
N SER A 39 -8.36 -5.69 -3.83
CA SER A 39 -8.77 -6.03 -5.21
C SER A 39 -7.96 -5.23 -6.25
N ALA A 40 -7.68 -3.95 -5.95
CA ALA A 40 -6.92 -3.06 -6.86
C ALA A 40 -5.45 -3.50 -6.97
N ILE A 41 -4.88 -3.88 -5.81
CA ILE A 41 -3.47 -4.32 -5.72
C ILE A 41 -3.30 -5.72 -6.32
N ALA A 42 -4.34 -6.55 -6.18
CA ALA A 42 -4.37 -7.90 -6.78
C ALA A 42 -4.54 -7.81 -8.31
N ARG A 43 -5.15 -6.71 -8.79
CA ARG A 43 -5.27 -6.42 -10.23
C ARG A 43 -3.96 -5.78 -10.75
N MET A 44 -3.25 -5.06 -9.87
CA MET A 44 -1.97 -4.38 -10.21
C MET A 44 -0.84 -5.42 -10.39
N VAL A 45 -0.52 -6.15 -9.30
CA VAL A 45 0.61 -7.10 -9.27
C VAL A 45 0.21 -8.51 -9.71
N GLY A 46 -0.98 -8.96 -9.26
CA GLY A 46 -1.48 -10.29 -9.58
C GLY A 46 -2.15 -10.38 -10.96
N SER A 47 -2.68 -9.20 -11.42
CA SER A 47 -3.45 -9.08 -12.68
C SER A 47 -4.71 -9.99 -12.66
N LYS A 48 -5.25 -10.19 -11.44
CA LYS A 48 -6.29 -11.21 -11.18
C LYS A 48 -7.23 -10.72 -10.04
N THR A 49 -8.03 -11.63 -9.46
CA THR A 49 -9.02 -11.29 -8.40
C THR A 49 -8.36 -10.96 -7.05
N VAL A 50 -9.18 -10.36 -6.16
CA VAL A 50 -8.80 -9.87 -4.80
C VAL A 50 -7.98 -10.89 -3.99
N SER A 51 -8.31 -12.18 -4.17
CA SER A 51 -7.76 -13.30 -3.39
C SER A 51 -6.22 -13.29 -3.32
N GLN A 52 -5.57 -12.90 -4.42
CA GLN A 52 -4.09 -12.96 -4.54
C GLN A 52 -3.38 -12.01 -3.56
N CYS A 53 -3.85 -10.77 -3.45
CA CYS A 53 -3.25 -9.76 -2.53
C CYS A 53 -3.74 -9.96 -1.09
N LYS A 54 -5.03 -10.32 -0.94
CA LYS A 54 -5.69 -10.38 0.38
C LYS A 54 -5.21 -11.61 1.19
N ASN A 55 -5.22 -12.80 0.56
CA ASN A 55 -4.73 -14.05 1.21
C ASN A 55 -3.21 -14.00 1.42
N PHE A 56 -2.47 -13.33 0.51
CA PHE A 56 -1.02 -13.06 0.70
C PHE A 56 -0.79 -12.29 2.02
N TYR A 57 -1.65 -11.29 2.29
CA TYR A 57 -1.50 -10.38 3.43
C TYR A 57 -1.96 -11.05 4.75
N PHE A 58 -3.04 -11.84 4.66
CA PHE A 58 -3.62 -12.54 5.83
C PHE A 58 -2.75 -13.76 6.24
N ASN A 59 -1.98 -14.27 5.27
CA ASN A 59 -0.97 -15.33 5.49
C ASN A 59 0.44 -14.70 5.44
N TYR A 60 1.48 -15.58 5.52
CA TYR A 60 2.91 -15.18 5.45
C TYR A 60 3.23 -14.11 6.53
N LYS A 61 3.29 -14.57 7.80
CA LYS A 61 3.45 -13.70 8.98
C LYS A 61 4.79 -12.93 8.96
N LYS A 62 4.85 -11.86 9.78
CA LYS A 62 5.98 -10.89 9.81
C LYS A 62 6.03 -10.05 8.51
N ARG A 63 4.81 -9.82 7.95
CA ARG A 63 4.56 -8.76 6.93
C ARG A 63 4.18 -7.43 7.63
N GLN A 64 4.41 -7.39 8.96
CA GLN A 64 4.12 -6.24 9.86
C GLN A 64 5.03 -5.03 9.57
N ASN A 65 6.06 -5.24 8.75
CA ASN A 65 6.90 -4.15 8.18
C ASN A 65 6.05 -3.20 7.32
N LEU A 66 5.08 -3.81 6.59
CA LEU A 66 4.15 -3.07 5.69
C LEU A 66 3.26 -2.11 6.50
N ASP A 67 2.96 -2.47 7.75
CA ASP A 67 2.11 -1.65 8.65
C ASP A 67 2.65 -0.21 8.77
N GLU A 68 3.99 -0.10 8.87
CA GLU A 68 4.68 1.20 8.91
C GLU A 68 4.55 1.93 7.55
N ILE A 69 4.83 1.18 6.46
CA ILE A 69 4.83 1.70 5.06
C ILE A 69 3.47 2.32 4.69
N LEU A 70 2.40 1.66 5.15
CA LEU A 70 1.01 2.06 4.89
C LEU A 70 0.70 3.36 5.67
N GLN A 71 1.18 3.42 6.91
CA GLN A 71 1.05 4.63 7.76
C GLN A 71 1.81 5.81 7.13
N GLN A 72 2.96 5.52 6.49
CA GLN A 72 3.80 6.54 5.85
C GLN A 72 3.03 7.20 4.70
N HIS A 73 2.38 6.37 3.85
CA HIS A 73 1.48 6.82 2.75
C HIS A 73 0.40 7.81 3.29
N LYS A 74 -0.17 7.46 4.46
CA LYS A 74 -1.22 8.25 5.11
C LYS A 74 -0.71 9.63 5.59
N LEU A 75 0.42 9.64 6.36
CA LEU A 75 0.93 10.87 7.01
C LEU A 75 1.57 11.84 6.01
N LYS A 76 2.10 11.31 4.88
CA LYS A 76 2.63 12.13 3.78
C LYS A 76 1.51 12.94 3.13
N MET A 77 0.41 12.23 2.82
CA MET A 77 -0.79 12.82 2.18
C MET A 77 -1.49 13.83 3.13
N GLU A 78 -1.47 13.50 4.43
CA GLU A 78 -2.11 14.31 5.49
C GLU A 78 -1.42 15.68 5.66
N LYS A 79 -0.06 15.63 5.75
CA LYS A 79 0.77 16.81 6.05
C LYS A 79 0.68 17.84 4.89
N GLU A 80 0.66 17.32 3.64
CA GLU A 80 0.71 18.16 2.42
C GLU A 80 -0.66 18.72 2.09
N ARG A 81 -1.73 17.99 2.48
CA ARG A 81 -3.11 18.39 2.24
C ARG A 81 -3.44 19.66 3.05
N ASN A 82 -3.10 19.62 4.35
CA ASN A 82 -3.32 20.76 5.26
C ASN A 82 -2.41 21.94 4.88
N ALA A 83 -1.14 21.64 4.51
CA ALA A 83 -0.14 22.67 4.13
C ALA A 83 -0.65 23.55 2.96
N ARG A 84 -1.24 22.90 1.93
CA ARG A 84 -1.72 23.59 0.72
C ARG A 84 -3.10 24.26 0.98
N ARG A 85 -3.99 23.60 1.75
CA ARG A 85 -5.39 24.06 1.95
C ARG A 85 -5.51 25.06 3.12
N LYS A 86 -4.40 25.36 3.81
CA LYS A 86 -4.34 26.42 4.85
C LYS A 86 -3.58 27.66 4.34
N LYS A 87 -3.30 27.72 3.02
CA LYS A 87 -2.58 28.84 2.42
C LYS A 87 -3.40 30.15 2.55
N LYS A 88 -2.99 30.99 3.52
CA LYS A 88 -3.68 32.26 3.85
C LYS A 88 -2.68 33.43 3.96
N LYS A 89 -1.39 33.15 3.75
CA LYS A 89 -0.31 34.16 3.81
C LYS A 89 0.20 34.46 2.38
N TRP A 19 5.57 -15.79 -4.76
CA TRP A 19 5.85 -14.41 -4.31
C TRP A 19 7.30 -14.28 -3.83
N THR A 20 8.19 -13.87 -4.75
CA THR A 20 9.58 -13.47 -4.45
C THR A 20 9.62 -11.94 -4.24
N GLU A 21 10.73 -11.42 -3.65
CA GLU A 21 10.92 -9.96 -3.34
C GLU A 21 10.66 -9.04 -4.57
N GLU A 22 10.81 -9.58 -5.78
CA GLU A 22 10.65 -8.85 -7.05
C GLU A 22 9.19 -8.36 -7.22
N GLU A 23 8.23 -9.29 -7.16
CA GLU A 23 6.78 -8.99 -7.24
C GLU A 23 6.26 -8.46 -5.89
N MET A 24 6.91 -8.91 -4.78
CA MET A 24 6.60 -8.46 -3.40
C MET A 24 6.88 -6.94 -3.24
N GLY A 25 7.91 -6.47 -3.98
CA GLY A 25 8.32 -5.06 -3.97
C GLY A 25 7.41 -4.17 -4.81
N THR A 26 6.84 -4.74 -5.87
CA THR A 26 5.84 -4.06 -6.71
C THR A 26 4.49 -4.00 -5.98
N ALA A 27 4.19 -5.05 -5.19
CA ALA A 27 2.99 -5.12 -4.32
C ALA A 27 3.14 -4.13 -3.16
N LYS A 28 4.38 -4.02 -2.65
CA LYS A 28 4.79 -3.03 -1.65
C LYS A 28 4.54 -1.60 -2.18
N LYS A 29 4.98 -1.38 -3.44
CA LYS A 29 4.85 -0.08 -4.13
C LYS A 29 3.37 0.27 -4.35
N GLY A 30 2.55 -0.76 -4.63
CA GLY A 30 1.11 -0.59 -4.76
C GLY A 30 0.45 -0.18 -3.45
N LEU A 31 0.84 -0.86 -2.36
CA LEU A 31 0.33 -0.58 -1.00
C LEU A 31 0.89 0.77 -0.47
N LEU A 32 2.04 1.20 -1.01
CA LEU A 32 2.66 2.52 -0.69
C LEU A 32 1.94 3.67 -1.42
N GLU A 33 1.51 3.42 -2.67
CA GLU A 33 0.87 4.45 -3.51
C GLU A 33 -0.65 4.47 -3.29
N HIS A 34 -1.30 3.35 -3.66
CA HIS A 34 -2.76 3.19 -3.60
C HIS A 34 -3.24 3.05 -2.14
N GLY A 35 -2.45 2.32 -1.35
CA GLY A 35 -2.83 1.95 0.01
C GLY A 35 -3.27 0.49 0.07
N ARG A 36 -3.98 0.10 1.15
CA ARG A 36 -4.52 -1.27 1.34
C ARG A 36 -5.82 -1.51 0.55
N ASN A 37 -5.90 -0.92 -0.67
CA ASN A 37 -7.00 -1.18 -1.61
C ASN A 37 -6.74 -2.53 -2.29
N TRP A 38 -7.08 -3.62 -1.55
CA TRP A 38 -6.68 -5.01 -1.90
C TRP A 38 -7.15 -5.41 -3.31
N SER A 39 -8.34 -4.92 -3.70
CA SER A 39 -8.89 -5.12 -5.05
C SER A 39 -7.99 -4.46 -6.13
N ALA A 40 -7.51 -3.25 -5.84
CA ALA A 40 -6.64 -2.49 -6.76
C ALA A 40 -5.24 -3.10 -6.83
N ILE A 41 -4.73 -3.63 -5.71
CA ILE A 41 -3.36 -4.21 -5.64
C ILE A 41 -3.36 -5.59 -6.34
N ALA A 42 -4.44 -6.34 -6.15
CA ALA A 42 -4.65 -7.64 -6.84
C ALA A 42 -4.83 -7.44 -8.34
N ARG A 43 -5.35 -6.27 -8.73
CA ARG A 43 -5.52 -5.88 -10.14
C ARG A 43 -4.16 -5.43 -10.74
N MET A 44 -3.31 -4.84 -9.89
CA MET A 44 -2.02 -4.26 -10.30
C MET A 44 -0.96 -5.35 -10.52
N VAL A 45 -0.63 -6.09 -9.44
CA VAL A 45 0.46 -7.09 -9.45
C VAL A 45 -0.04 -8.47 -9.91
N GLY A 46 -1.27 -8.83 -9.49
CA GLY A 46 -1.88 -10.10 -9.84
C GLY A 46 -2.55 -10.07 -11.20
N SER A 47 -3.25 -8.94 -11.49
CA SER A 47 -4.24 -8.80 -12.60
C SER A 47 -5.38 -9.85 -12.42
N LYS A 48 -5.61 -10.23 -11.15
CA LYS A 48 -6.56 -11.29 -10.74
C LYS A 48 -7.52 -10.75 -9.67
N THR A 49 -8.38 -11.63 -9.13
CA THR A 49 -9.39 -11.29 -8.09
C THR A 49 -8.71 -10.78 -6.78
N VAL A 50 -9.47 -9.98 -6.00
CA VAL A 50 -9.01 -9.41 -4.69
C VAL A 50 -8.38 -10.49 -3.76
N SER A 51 -8.92 -11.72 -3.87
CA SER A 51 -8.46 -12.92 -3.13
C SER A 51 -6.93 -13.12 -3.21
N GLN A 52 -6.36 -12.78 -4.38
CA GLN A 52 -4.92 -12.89 -4.67
C GLN A 52 -4.10 -12.04 -3.67
N CYS A 53 -4.45 -10.75 -3.56
CA CYS A 53 -3.74 -9.79 -2.66
C CYS A 53 -4.10 -10.04 -1.18
N LYS A 54 -5.31 -10.60 -0.95
CA LYS A 54 -5.77 -10.93 0.40
C LYS A 54 -4.90 -12.04 1.04
N ASN A 55 -4.89 -13.22 0.41
CA ASN A 55 -4.16 -14.40 0.94
C ASN A 55 -2.64 -14.15 0.92
N PHE A 56 -2.19 -13.32 -0.04
CA PHE A 56 -0.80 -12.78 -0.12
C PHE A 56 -0.34 -12.22 1.24
N TYR A 57 -1.25 -11.47 1.89
CA TYR A 57 -0.95 -10.74 3.12
C TYR A 57 -0.76 -11.69 4.32
N PHE A 58 -1.34 -12.90 4.24
CA PHE A 58 -1.18 -13.94 5.25
C PHE A 58 0.04 -14.81 4.94
N ASN A 59 0.32 -14.98 3.63
CA ASN A 59 1.36 -15.90 3.12
C ASN A 59 2.76 -15.27 3.14
N TYR A 60 3.69 -15.96 3.85
CA TYR A 60 5.14 -15.68 3.85
C TYR A 60 5.49 -14.36 4.60
N LYS A 61 4.57 -13.89 5.47
CA LYS A 61 4.79 -12.72 6.34
C LYS A 61 5.51 -13.15 7.62
N LYS A 62 6.82 -13.42 7.48
CA LYS A 62 7.74 -13.59 8.60
C LYS A 62 8.17 -12.18 9.06
N ARG A 63 8.50 -11.34 8.07
CA ARG A 63 8.63 -9.89 8.22
C ARG A 63 7.33 -9.23 7.74
N GLN A 64 6.89 -8.17 8.45
CA GLN A 64 5.79 -7.32 8.02
C GLN A 64 6.13 -5.87 8.38
N ASN A 65 6.72 -5.16 7.40
CA ASN A 65 7.00 -3.71 7.49
C ASN A 65 5.92 -2.95 6.70
N LEU A 66 4.77 -3.59 6.48
CA LEU A 66 3.69 -3.00 5.66
C LEU A 66 2.88 -1.99 6.50
N ASP A 67 2.91 -2.20 7.82
CA ASP A 67 2.26 -1.30 8.79
C ASP A 67 2.94 0.09 8.76
N GLU A 68 4.30 0.12 8.71
CA GLU A 68 5.05 1.39 8.69
C GLU A 68 4.90 2.09 7.32
N ILE A 69 4.74 1.29 6.24
CA ILE A 69 4.52 1.78 4.87
C ILE A 69 3.19 2.56 4.79
N LEU A 70 2.14 1.99 5.37
CA LEU A 70 0.80 2.62 5.43
C LEU A 70 0.73 3.72 6.52
N GLN A 71 1.58 3.60 7.56
CA GLN A 71 1.69 4.60 8.65
C GLN A 71 2.20 5.93 8.09
N GLN A 72 3.35 5.84 7.40
CA GLN A 72 4.00 7.00 6.80
C GLN A 72 3.14 7.56 5.65
N HIS A 73 2.59 6.66 4.82
CA HIS A 73 1.72 7.05 3.68
C HIS A 73 0.45 7.79 4.17
N LYS A 74 -0.05 7.45 5.38
CA LYS A 74 -1.25 8.08 5.96
C LYS A 74 -0.95 9.51 6.44
N LEU A 75 0.08 9.66 7.29
CA LEU A 75 0.44 10.98 7.87
C LEU A 75 1.03 11.91 6.80
N LYS A 76 1.64 11.32 5.74
CA LYS A 76 2.14 12.07 4.58
C LYS A 76 0.96 12.53 3.71
N MET A 77 -0.04 11.63 3.53
CA MET A 77 -1.28 11.97 2.78
C MET A 77 -2.00 13.13 3.49
N GLU A 78 -1.90 13.16 4.82
CA GLU A 78 -2.45 14.24 5.64
C GLU A 78 -1.64 15.55 5.47
N LYS A 79 -0.30 15.48 5.57
CA LYS A 79 0.56 16.68 5.56
C LYS A 79 0.55 17.38 4.18
N GLU A 80 0.46 16.57 3.10
CA GLU A 80 0.44 17.10 1.72
C GLU A 80 -0.95 17.69 1.37
N ARG A 81 -2.02 17.01 1.83
CA ARG A 81 -3.41 17.45 1.60
C ARG A 81 -3.72 18.73 2.39
N ASN A 82 -3.14 18.81 3.59
CA ASN A 82 -3.27 19.99 4.48
C ASN A 82 -2.52 21.19 3.86
N ALA A 83 -1.31 20.91 3.32
CA ALA A 83 -0.42 21.93 2.73
C ALA A 83 -1.07 22.65 1.52
N ARG A 84 -1.71 21.85 0.66
CA ARG A 84 -2.30 22.34 -0.61
C ARG A 84 -3.73 22.91 -0.40
N ARG A 85 -4.24 22.83 0.85
CA ARG A 85 -5.59 23.32 1.21
C ARG A 85 -5.53 24.30 2.40
N LYS A 86 -4.42 25.06 2.52
CA LYS A 86 -4.28 26.09 3.57
C LYS A 86 -4.99 27.42 3.20
N LYS A 87 -5.41 27.53 1.92
CA LYS A 87 -6.08 28.73 1.39
C LYS A 87 -7.53 28.80 1.92
N LYS A 88 -7.70 29.43 3.10
CA LYS A 88 -8.99 29.50 3.80
C LYS A 88 -9.05 30.74 4.69
N LYS A 89 -10.20 31.42 4.68
CA LYS A 89 -10.47 32.58 5.54
C LYS A 89 -11.45 32.13 6.66
N TRP A 19 5.10 -15.48 -4.13
CA TRP A 19 5.51 -14.07 -4.22
C TRP A 19 7.01 -13.95 -3.89
N THR A 20 7.76 -13.32 -4.80
CA THR A 20 9.19 -12.97 -4.58
C THR A 20 9.27 -11.44 -4.32
N GLU A 21 10.43 -10.95 -3.85
CA GLU A 21 10.58 -9.56 -3.34
C GLU A 21 10.37 -8.47 -4.43
N GLU A 22 10.48 -8.86 -5.71
CA GLU A 22 10.33 -7.93 -6.86
C GLU A 22 8.85 -7.54 -7.04
N GLU A 23 7.97 -8.55 -7.18
CA GLU A 23 6.51 -8.37 -7.28
C GLU A 23 5.92 -7.86 -5.94
N MET A 24 6.59 -8.28 -4.85
CA MET A 24 6.29 -7.80 -3.47
C MET A 24 6.58 -6.29 -3.34
N GLY A 25 7.61 -5.82 -4.06
CA GLY A 25 7.95 -4.40 -4.11
C GLY A 25 6.93 -3.57 -4.87
N THR A 26 6.44 -4.13 -6.00
CA THR A 26 5.40 -3.51 -6.83
C THR A 26 4.05 -3.46 -6.05
N ALA A 27 3.79 -4.53 -5.27
CA ALA A 27 2.58 -4.64 -4.42
C ALA A 27 2.62 -3.58 -3.31
N LYS A 28 3.79 -3.52 -2.63
CA LYS A 28 4.10 -2.52 -1.57
C LYS A 28 3.82 -1.08 -2.07
N LYS A 29 4.21 -0.82 -3.33
CA LYS A 29 4.00 0.48 -3.98
C LYS A 29 2.49 0.79 -4.09
N GLY A 30 1.70 -0.20 -4.53
CA GLY A 30 0.24 -0.03 -4.62
C GLY A 30 -0.43 0.16 -3.27
N LEU A 31 0.17 -0.44 -2.23
CA LEU A 31 -0.31 -0.36 -0.84
C LEU A 31 0.11 1.00 -0.20
N LEU A 32 1.20 1.60 -0.74
CA LEU A 32 1.63 2.99 -0.42
C LEU A 32 0.76 4.02 -1.20
N GLU A 33 0.32 3.62 -2.40
CA GLU A 33 -0.38 4.49 -3.37
C GLU A 33 -1.89 4.56 -3.06
N HIS A 34 -2.56 3.41 -3.19
CA HIS A 34 -4.01 3.25 -2.96
C HIS A 34 -4.28 2.89 -1.50
N GLY A 35 -3.51 1.93 -1.01
CA GLY A 35 -3.72 1.34 0.30
C GLY A 35 -4.15 -0.10 0.18
N ARG A 36 -4.87 -0.61 1.19
CA ARG A 36 -5.28 -2.03 1.30
C ARG A 36 -6.50 -2.39 0.41
N ASN A 37 -6.72 -1.63 -0.67
CA ASN A 37 -7.68 -2.01 -1.72
C ASN A 37 -7.08 -3.19 -2.50
N TRP A 38 -7.25 -4.40 -1.95
CA TRP A 38 -6.61 -5.63 -2.45
C TRP A 38 -7.05 -5.94 -3.89
N SER A 39 -8.25 -5.47 -4.25
CA SER A 39 -8.80 -5.61 -5.61
C SER A 39 -7.92 -4.86 -6.63
N ALA A 40 -7.59 -3.60 -6.31
CA ALA A 40 -6.78 -2.73 -7.20
C ALA A 40 -5.33 -3.24 -7.31
N ILE A 41 -4.81 -3.79 -6.20
CA ILE A 41 -3.41 -4.22 -6.11
C ILE A 41 -3.23 -5.58 -6.82
N ALA A 42 -4.17 -6.50 -6.57
CA ALA A 42 -4.18 -7.86 -7.16
C ALA A 42 -4.45 -7.82 -8.67
N ARG A 43 -5.07 -6.73 -9.16
CA ARG A 43 -5.25 -6.50 -10.60
C ARG A 43 -3.94 -6.00 -11.24
N MET A 44 -3.14 -5.25 -10.45
CA MET A 44 -1.86 -4.66 -10.92
C MET A 44 -0.75 -5.73 -10.96
N VAL A 45 -0.45 -6.32 -9.79
CA VAL A 45 0.68 -7.26 -9.61
C VAL A 45 0.29 -8.71 -9.97
N GLY A 46 -0.92 -9.11 -9.55
CA GLY A 46 -1.43 -10.46 -9.80
C GLY A 46 -2.03 -10.58 -11.20
N SER A 47 -2.82 -9.55 -11.57
CA SER A 47 -3.67 -9.52 -12.80
C SER A 47 -4.72 -10.65 -12.82
N LYS A 48 -4.96 -11.30 -11.64
CA LYS A 48 -5.78 -12.52 -11.54
C LYS A 48 -6.89 -12.35 -10.48
N THR A 49 -6.57 -12.65 -9.19
CA THR A 49 -7.59 -12.83 -8.14
C THR A 49 -7.31 -11.92 -6.94
N VAL A 50 -8.38 -11.37 -6.32
CA VAL A 50 -8.27 -10.44 -5.17
C VAL A 50 -7.75 -11.16 -3.91
N SER A 51 -8.13 -12.44 -3.77
CA SER A 51 -7.87 -13.27 -2.57
C SER A 51 -6.36 -13.38 -2.24
N GLN A 52 -5.49 -13.42 -3.27
CA GLN A 52 -4.03 -13.64 -3.10
C GLN A 52 -3.33 -12.43 -2.47
N CYS A 53 -3.77 -11.22 -2.84
CA CYS A 53 -3.20 -9.96 -2.29
C CYS A 53 -3.75 -9.72 -0.87
N LYS A 54 -4.99 -10.19 -0.65
CA LYS A 54 -5.65 -10.13 0.68
C LYS A 54 -4.89 -11.06 1.65
N ASN A 55 -4.57 -12.28 1.17
CA ASN A 55 -3.84 -13.30 1.93
C ASN A 55 -2.37 -12.88 2.17
N PHE A 56 -1.80 -12.20 1.15
CA PHE A 56 -0.37 -11.77 1.10
C PHE A 56 0.09 -11.08 2.41
N TYR A 57 -0.81 -10.25 2.92
CA TYR A 57 -0.58 -9.37 4.08
C TYR A 57 -0.11 -10.15 5.33
N PHE A 58 -0.71 -11.32 5.53
CA PHE A 58 -0.48 -12.19 6.71
C PHE A 58 0.04 -13.58 6.31
N ASN A 59 0.23 -13.80 4.99
CA ASN A 59 0.69 -15.08 4.42
C ASN A 59 2.09 -15.43 4.92
N TYR A 60 3.05 -14.55 4.59
CA TYR A 60 4.44 -14.67 5.01
C TYR A 60 4.62 -14.28 6.47
N LYS A 61 5.82 -14.54 7.02
CA LYS A 61 6.12 -14.35 8.45
C LYS A 61 6.00 -12.86 8.86
N LYS A 62 6.29 -11.96 7.90
CA LYS A 62 6.03 -10.53 8.06
C LYS A 62 4.52 -10.26 7.95
N ARG A 63 3.97 -9.53 8.93
CA ARG A 63 2.53 -9.22 9.02
C ARG A 63 2.31 -7.72 9.28
N GLN A 64 3.03 -7.17 10.28
CA GLN A 64 2.98 -5.73 10.62
C GLN A 64 4.14 -4.95 9.99
N ASN A 65 4.92 -5.60 9.09
CA ASN A 65 6.01 -4.92 8.34
C ASN A 65 5.42 -4.06 7.20
N LEU A 66 4.43 -4.63 6.49
CA LEU A 66 3.70 -3.92 5.40
C LEU A 66 2.73 -2.87 5.99
N ASP A 67 2.34 -3.08 7.26
CA ASP A 67 1.44 -2.18 8.01
C ASP A 67 2.03 -0.74 8.12
N GLU A 68 3.38 -0.66 8.19
CA GLU A 68 4.10 0.63 8.23
C GLU A 68 3.90 1.43 6.92
N ILE A 69 3.86 0.71 5.80
CA ILE A 69 3.70 1.29 4.43
C ILE A 69 2.33 2.00 4.33
N LEU A 70 1.34 1.48 5.05
CA LEU A 70 0.00 2.08 5.15
C LEU A 70 0.00 3.35 6.01
N GLN A 71 0.80 3.35 7.09
CA GLN A 71 1.01 4.54 7.94
C GLN A 71 1.68 5.64 7.10
N GLN A 72 2.64 5.24 6.26
CA GLN A 72 3.34 6.14 5.33
C GLN A 72 2.36 6.73 4.30
N HIS A 73 1.46 5.87 3.77
CA HIS A 73 0.37 6.29 2.86
C HIS A 73 -0.47 7.44 3.47
N LYS A 74 -0.81 7.29 4.76
CA LYS A 74 -1.62 8.27 5.50
C LYS A 74 -0.83 9.59 5.74
N LEU A 75 0.30 9.47 6.47
CA LEU A 75 1.00 10.62 7.08
C LEU A 75 1.56 11.57 6.02
N LYS A 76 2.15 10.99 4.94
CA LYS A 76 2.83 11.79 3.89
C LYS A 76 1.88 12.79 3.27
N MET A 77 0.80 12.25 2.69
CA MET A 77 -0.18 13.03 1.93
C MET A 77 -1.02 13.94 2.83
N GLU A 78 -1.11 13.60 4.13
CA GLU A 78 -1.90 14.36 5.12
C GLU A 78 -1.15 15.66 5.53
N LYS A 79 0.14 15.50 5.92
CA LYS A 79 0.95 16.60 6.48
C LYS A 79 1.37 17.60 5.39
N GLU A 80 1.70 17.10 4.17
CA GLU A 80 2.12 17.94 3.04
C GLU A 80 0.92 18.71 2.47
N ARG A 81 -0.29 18.12 2.61
CA ARG A 81 -1.55 18.75 2.19
C ARG A 81 -1.90 19.91 3.14
N ASN A 82 -1.78 19.65 4.44
CA ASN A 82 -2.00 20.64 5.51
C ASN A 82 -1.02 21.82 5.37
N ALA A 83 0.22 21.49 4.96
CA ALA A 83 1.29 22.47 4.75
C ALA A 83 1.00 23.37 3.53
N ARG A 84 0.65 22.74 2.38
CA ARG A 84 0.41 23.47 1.11
C ARG A 84 -0.93 24.24 1.14
N ARG A 85 -1.84 23.86 2.05
CA ARG A 85 -3.11 24.57 2.25
C ARG A 85 -3.01 25.62 3.36
N LYS A 86 -1.84 25.66 4.03
CA LYS A 86 -1.46 26.74 4.97
C LYS A 86 -2.38 26.73 6.22
N LYS A 87 -2.76 25.51 6.64
CA LYS A 87 -3.66 25.28 7.78
C LYS A 87 -2.85 25.02 9.07
N LYS A 88 -2.42 26.12 9.71
CA LYS A 88 -1.66 26.05 10.98
C LYS A 88 -2.00 27.26 11.87
N LYS A 89 -1.27 27.41 12.99
CA LYS A 89 -1.46 28.48 13.98
C LYS A 89 -0.07 28.87 14.55
N TRP A 19 6.81 -15.71 -4.49
CA TRP A 19 6.95 -14.26 -4.28
C TRP A 19 8.42 -13.87 -4.07
N THR A 20 8.96 -13.05 -4.98
CA THR A 20 10.31 -12.47 -4.88
C THR A 20 10.17 -10.98 -4.48
N GLU A 21 11.14 -10.43 -3.70
CA GLU A 21 11.01 -9.07 -3.09
C GLU A 21 10.80 -7.93 -4.11
N GLU A 22 11.15 -8.17 -5.38
CA GLU A 22 10.92 -7.21 -6.50
C GLU A 22 9.41 -7.10 -6.84
N GLU A 23 8.74 -8.26 -7.03
CA GLU A 23 7.28 -8.29 -7.31
C GLU A 23 6.47 -7.96 -6.04
N MET A 24 7.05 -8.29 -4.87
CA MET A 24 6.52 -7.91 -3.55
C MET A 24 6.72 -6.41 -3.29
N GLY A 25 7.71 -5.83 -4.00
CA GLY A 25 7.94 -4.39 -4.01
C GLY A 25 6.92 -3.65 -4.86
N THR A 26 6.45 -4.32 -5.93
CA THR A 26 5.34 -3.83 -6.77
C THR A 26 4.02 -3.87 -5.97
N ALA A 27 3.88 -4.93 -5.13
CA ALA A 27 2.74 -5.08 -4.19
C ALA A 27 2.81 -3.98 -3.13
N LYS A 28 4.01 -3.79 -2.57
CA LYS A 28 4.31 -2.75 -1.56
C LYS A 28 3.95 -1.36 -2.09
N LYS A 29 4.31 -1.11 -3.36
CA LYS A 29 4.12 0.20 -4.00
C LYS A 29 2.64 0.41 -4.38
N GLY A 30 1.92 -0.68 -4.66
CA GLY A 30 0.47 -0.63 -4.87
C GLY A 30 -0.26 -0.28 -3.58
N LEU A 31 0.14 -0.96 -2.51
CA LEU A 31 -0.39 -0.77 -1.16
C LEU A 31 0.01 0.62 -0.61
N LEU A 32 1.13 1.17 -1.10
CA LEU A 32 1.59 2.54 -0.79
C LEU A 32 0.67 3.54 -1.52
N GLU A 33 0.65 3.45 -2.85
CA GLU A 33 0.04 4.46 -3.74
C GLU A 33 -1.50 4.42 -3.65
N HIS A 34 -2.07 3.26 -4.03
CA HIS A 34 -3.53 3.05 -4.11
C HIS A 34 -4.13 2.75 -2.73
N GLY A 35 -3.32 2.11 -1.88
CA GLY A 35 -3.76 1.69 -0.55
C GLY A 35 -4.03 0.19 -0.49
N ARG A 36 -4.55 -0.29 0.65
CA ARG A 36 -4.88 -1.73 0.85
C ARG A 36 -6.27 -2.10 0.27
N ASN A 37 -6.54 -1.59 -0.94
CA ASN A 37 -7.74 -1.93 -1.72
C ASN A 37 -7.45 -3.26 -2.45
N TRP A 38 -7.90 -4.35 -1.82
CA TRP A 38 -7.57 -5.74 -2.20
C TRP A 38 -7.87 -6.02 -3.69
N SER A 39 -8.95 -5.41 -4.18
CA SER A 39 -9.40 -5.50 -5.57
C SER A 39 -8.33 -4.95 -6.53
N ALA A 40 -7.86 -3.73 -6.22
CA ALA A 40 -6.89 -3.00 -7.06
C ALA A 40 -5.52 -3.70 -7.09
N ILE A 41 -5.08 -4.18 -5.91
CA ILE A 41 -3.71 -4.70 -5.72
C ILE A 41 -3.59 -6.12 -6.29
N ALA A 42 -4.64 -6.91 -6.11
CA ALA A 42 -4.72 -8.27 -6.70
C ALA A 42 -4.92 -8.21 -8.22
N ARG A 43 -5.43 -7.07 -8.73
CA ARG A 43 -5.46 -6.80 -10.19
C ARG A 43 -4.09 -6.23 -10.67
N MET A 44 -3.35 -5.57 -9.75
CA MET A 44 -2.06 -4.92 -10.07
C MET A 44 -0.92 -5.95 -10.22
N VAL A 45 -0.63 -6.68 -9.13
CA VAL A 45 0.41 -7.73 -9.13
C VAL A 45 -0.17 -9.08 -9.59
N GLY A 46 -1.42 -9.36 -9.19
CA GLY A 46 -2.07 -10.64 -9.46
C GLY A 46 -2.64 -10.73 -10.87
N SER A 47 -3.34 -9.65 -11.29
CA SER A 47 -4.07 -9.55 -12.59
C SER A 47 -5.00 -10.76 -12.85
N LYS A 48 -5.58 -11.33 -11.76
CA LYS A 48 -6.44 -12.53 -11.88
C LYS A 48 -7.52 -12.56 -10.77
N THR A 49 -7.13 -12.89 -9.53
CA THR A 49 -8.09 -13.18 -8.43
C THR A 49 -7.81 -12.29 -7.19
N VAL A 50 -8.90 -11.73 -6.60
CA VAL A 50 -8.84 -10.84 -5.41
C VAL A 50 -8.37 -11.60 -4.15
N SER A 51 -8.67 -12.92 -4.11
CA SER A 51 -8.25 -13.84 -3.03
C SER A 51 -6.70 -13.90 -2.87
N GLN A 52 -5.96 -13.55 -3.95
CA GLN A 52 -4.47 -13.64 -3.96
C GLN A 52 -3.84 -12.70 -2.92
N CYS A 53 -4.23 -11.41 -2.96
CA CYS A 53 -3.69 -10.38 -2.05
C CYS A 53 -4.09 -10.67 -0.59
N LYS A 54 -5.31 -11.21 -0.43
CA LYS A 54 -5.87 -11.64 0.86
C LYS A 54 -4.99 -12.70 1.53
N ASN A 55 -4.80 -13.83 0.81
CA ASN A 55 -4.05 -14.99 1.32
C ASN A 55 -2.55 -14.67 1.47
N PHE A 56 -2.04 -13.79 0.60
CA PHE A 56 -0.62 -13.35 0.65
C PHE A 56 -0.37 -12.49 1.91
N TYR A 57 -1.37 -11.66 2.28
CA TYR A 57 -1.20 -10.59 3.28
C TYR A 57 -0.76 -11.13 4.66
N PHE A 58 -1.42 -12.22 5.09
CA PHE A 58 -1.22 -12.81 6.45
C PHE A 58 0.05 -13.69 6.51
N ASN A 59 0.86 -13.65 5.44
CA ASN A 59 2.21 -14.23 5.39
C ASN A 59 3.06 -13.42 4.39
N TYR A 60 2.79 -12.09 4.34
CA TYR A 60 3.43 -11.12 3.41
C TYR A 60 4.97 -11.18 3.56
N LYS A 61 5.44 -10.68 4.70
CA LYS A 61 6.86 -10.64 5.07
C LYS A 61 6.94 -10.05 6.49
N LYS A 62 7.02 -10.94 7.50
CA LYS A 62 6.97 -10.56 8.93
C LYS A 62 8.17 -9.66 9.32
N ARG A 63 9.26 -9.75 8.54
CA ARG A 63 10.49 -8.99 8.77
C ARG A 63 10.32 -7.49 8.37
N GLN A 64 9.43 -7.21 7.40
CA GLN A 64 9.20 -5.84 6.88
C GLN A 64 7.70 -5.49 6.96
N ASN A 65 7.32 -4.65 7.94
CA ASN A 65 5.92 -4.27 8.21
C ASN A 65 5.34 -3.37 7.11
N LEU A 66 4.31 -3.88 6.43
CA LEU A 66 3.63 -3.21 5.31
C LEU A 66 2.66 -2.12 5.85
N ASP A 67 2.14 -2.33 7.08
CA ASP A 67 1.19 -1.42 7.75
C ASP A 67 1.80 -0.02 7.98
N GLU A 68 3.11 0.00 8.28
CA GLU A 68 3.87 1.24 8.50
C GLU A 68 3.93 2.06 7.20
N ILE A 69 4.06 1.37 6.07
CA ILE A 69 4.14 1.99 4.72
C ILE A 69 2.81 2.70 4.37
N LEU A 70 1.70 2.08 4.80
CA LEU A 70 0.34 2.65 4.68
C LEU A 70 0.18 3.88 5.59
N GLN A 71 0.69 3.75 6.83
CA GLN A 71 0.62 4.81 7.85
C GLN A 71 1.39 6.05 7.37
N GLN A 72 2.58 5.80 6.77
CA GLN A 72 3.46 6.85 6.24
C GLN A 72 2.77 7.61 5.10
N HIS A 73 2.30 6.89 4.07
CA HIS A 73 1.61 7.49 2.89
C HIS A 73 0.41 8.37 3.33
N LYS A 74 -0.33 7.87 4.33
CA LYS A 74 -1.50 8.57 4.89
C LYS A 74 -1.11 9.92 5.52
N LEU A 75 -0.12 9.88 6.44
CA LEU A 75 0.30 11.06 7.21
C LEU A 75 1.08 12.06 6.36
N LYS A 76 1.78 11.55 5.31
CA LYS A 76 2.65 12.36 4.43
C LYS A 76 1.82 13.34 3.59
N MET A 77 0.85 12.80 2.83
CA MET A 77 -0.04 13.61 1.95
C MET A 77 -0.88 14.62 2.76
N GLU A 78 -1.17 14.29 4.04
CA GLU A 78 -2.00 15.14 4.92
C GLU A 78 -1.17 16.27 5.56
N LYS A 79 0.03 15.93 6.10
CA LYS A 79 0.88 16.88 6.85
C LYS A 79 1.44 17.96 5.92
N GLU A 80 1.80 17.54 4.67
CA GLU A 80 2.34 18.46 3.66
C GLU A 80 1.22 19.38 3.16
N ARG A 81 -0.01 18.82 3.06
CA ARG A 81 -1.20 19.57 2.65
C ARG A 81 -1.45 20.72 3.63
N ASN A 82 -1.35 20.39 4.94
CA ASN A 82 -1.53 21.37 6.01
C ASN A 82 -0.48 22.50 5.88
N ALA A 83 0.79 22.10 5.71
CA ALA A 83 1.93 23.02 5.63
C ALA A 83 1.86 23.93 4.37
N ARG A 84 1.29 23.40 3.26
CA ARG A 84 1.20 24.13 1.97
C ARG A 84 -0.16 24.85 1.82
N ARG A 85 -1.06 24.70 2.82
CA ARG A 85 -2.37 25.38 2.86
C ARG A 85 -2.52 26.21 4.17
N LYS A 86 -1.40 26.79 4.66
CA LYS A 86 -1.39 27.72 5.83
C LYS A 86 -1.59 29.19 5.37
N LYS A 87 -2.25 29.38 4.20
CA LYS A 87 -2.43 30.70 3.53
C LYS A 87 -1.04 31.33 3.20
N LYS A 88 -0.11 30.44 2.80
CA LYS A 88 1.25 30.80 2.34
C LYS A 88 1.17 31.76 1.14
N LYS A 89 1.93 32.86 1.20
CA LYS A 89 1.90 33.91 0.17
C LYS A 89 3.27 33.99 -0.53
N TRP A 19 5.08 -15.70 -4.44
CA TRP A 19 5.47 -14.29 -4.23
C TRP A 19 6.98 -14.20 -3.92
N THR A 20 7.78 -13.93 -4.97
CA THR A 20 9.23 -13.62 -4.84
C THR A 20 9.38 -12.10 -4.57
N GLU A 21 10.59 -11.66 -4.14
CA GLU A 21 10.82 -10.29 -3.63
C GLU A 21 10.54 -9.15 -4.65
N GLU A 22 10.51 -9.47 -5.96
CA GLU A 22 10.15 -8.47 -7.01
C GLU A 22 8.68 -8.04 -6.87
N GLU A 23 7.78 -9.04 -6.86
CA GLU A 23 6.33 -8.82 -6.77
C GLU A 23 5.92 -8.46 -5.33
N MET A 24 6.69 -8.96 -4.32
CA MET A 24 6.60 -8.46 -2.92
C MET A 24 6.78 -6.94 -2.88
N GLY A 25 7.83 -6.49 -3.60
CA GLY A 25 8.19 -5.08 -3.69
C GLY A 25 7.19 -4.23 -4.46
N THR A 26 6.61 -4.81 -5.53
CA THR A 26 5.63 -4.14 -6.40
C THR A 26 4.28 -3.95 -5.66
N ALA A 27 3.89 -4.97 -4.87
CA ALA A 27 2.65 -4.95 -4.07
C ALA A 27 2.81 -4.05 -2.85
N LYS A 28 4.03 -4.05 -2.28
CA LYS A 28 4.44 -3.12 -1.19
C LYS A 28 4.35 -1.66 -1.67
N LYS A 29 4.82 -1.44 -2.91
CA LYS A 29 4.78 -0.13 -3.59
C LYS A 29 3.32 0.25 -3.90
N GLY A 30 2.51 -0.76 -4.26
CA GLY A 30 1.09 -0.56 -4.54
C GLY A 30 0.30 -0.12 -3.32
N LEU A 31 0.59 -0.75 -2.19
CA LEU A 31 -0.01 -0.43 -0.89
C LEU A 31 0.51 0.95 -0.38
N LEU A 32 1.72 1.34 -0.84
CA LEU A 32 2.32 2.67 -0.57
C LEU A 32 1.67 3.78 -1.44
N GLU A 33 1.10 3.42 -2.61
CA GLU A 33 0.50 4.42 -3.55
C GLU A 33 -1.04 4.37 -3.54
N HIS A 34 -1.61 3.22 -3.95
CA HIS A 34 -3.07 3.01 -4.04
C HIS A 34 -3.69 2.84 -2.63
N GLY A 35 -2.88 2.33 -1.69
CA GLY A 35 -3.30 2.13 -0.30
C GLY A 35 -3.70 0.69 -0.02
N ARG A 36 -4.43 0.48 1.11
CA ARG A 36 -4.82 -0.86 1.61
C ARG A 36 -5.99 -1.48 0.77
N ASN A 37 -6.34 -0.85 -0.37
CA ASN A 37 -7.40 -1.32 -1.28
C ASN A 37 -7.00 -2.67 -1.93
N TRP A 38 -7.45 -3.78 -1.33
CA TRP A 38 -7.06 -5.14 -1.73
C TRP A 38 -7.47 -5.46 -3.18
N SER A 39 -8.57 -4.86 -3.65
CA SER A 39 -9.07 -4.99 -5.03
C SER A 39 -8.11 -4.30 -6.03
N ALA A 40 -7.60 -3.11 -5.63
CA ALA A 40 -6.73 -2.28 -6.47
C ALA A 40 -5.35 -2.94 -6.64
N ILE A 41 -4.84 -3.53 -5.55
CA ILE A 41 -3.52 -4.19 -5.53
C ILE A 41 -3.61 -5.54 -6.27
N ALA A 42 -4.75 -6.21 -6.10
CA ALA A 42 -5.08 -7.47 -6.81
C ALA A 42 -5.12 -7.27 -8.33
N ARG A 43 -5.54 -6.07 -8.74
CA ARG A 43 -5.55 -5.63 -10.14
C ARG A 43 -4.12 -5.24 -10.59
N MET A 44 -3.38 -4.58 -9.68
CA MET A 44 -2.06 -4.01 -10.01
C MET A 44 -1.00 -5.11 -10.23
N VAL A 45 -0.74 -5.93 -9.20
CA VAL A 45 0.29 -6.98 -9.25
C VAL A 45 -0.27 -8.30 -9.79
N GLY A 46 -1.50 -8.65 -9.36
CA GLY A 46 -2.11 -9.92 -9.72
C GLY A 46 -2.74 -9.90 -11.11
N SER A 47 -3.49 -8.81 -11.38
CA SER A 47 -4.33 -8.64 -12.60
C SER A 47 -5.36 -9.79 -12.74
N LYS A 48 -5.71 -10.46 -11.61
CA LYS A 48 -6.56 -11.67 -11.59
C LYS A 48 -7.63 -11.59 -10.47
N THR A 49 -7.22 -11.85 -9.20
CA THR A 49 -8.15 -12.16 -8.11
C THR A 49 -7.77 -11.40 -6.82
N VAL A 50 -8.80 -10.97 -6.04
CA VAL A 50 -8.60 -10.24 -4.75
C VAL A 50 -7.97 -11.18 -3.69
N SER A 51 -8.33 -12.48 -3.78
CA SER A 51 -7.77 -13.54 -2.93
C SER A 51 -6.24 -13.59 -3.03
N GLN A 52 -5.73 -13.39 -4.25
CA GLN A 52 -4.29 -13.40 -4.56
C GLN A 52 -3.53 -12.32 -3.73
N CYS A 53 -4.12 -11.11 -3.65
CA CYS A 53 -3.56 -9.98 -2.87
C CYS A 53 -3.78 -10.16 -1.35
N LYS A 54 -4.86 -10.87 -0.99
CA LYS A 54 -5.21 -11.15 0.42
C LYS A 54 -4.17 -12.09 1.05
N ASN A 55 -3.94 -13.24 0.38
CA ASN A 55 -3.01 -14.29 0.86
C ASN A 55 -1.54 -13.83 0.74
N PHE A 56 -1.29 -12.83 -0.13
CA PHE A 56 0.04 -12.15 -0.23
C PHE A 56 0.53 -11.68 1.15
N TYR A 57 -0.37 -11.04 1.90
CA TYR A 57 -0.02 -10.32 3.14
C TYR A 57 0.30 -11.31 4.27
N PHE A 58 -0.38 -12.47 4.25
CA PHE A 58 -0.19 -13.54 5.26
C PHE A 58 0.98 -14.47 4.85
N ASN A 59 1.34 -14.43 3.55
CA ASN A 59 2.53 -15.12 3.01
C ASN A 59 3.62 -14.09 2.64
N TYR A 60 3.66 -12.99 3.44
CA TYR A 60 4.67 -11.90 3.30
C TYR A 60 6.06 -12.39 3.79
N LYS A 61 6.04 -13.49 4.59
CA LYS A 61 7.21 -14.25 5.08
C LYS A 61 8.12 -13.39 5.98
N LYS A 62 9.05 -12.65 5.35
CA LYS A 62 10.04 -11.81 6.06
C LYS A 62 10.54 -10.70 5.14
N ARG A 63 9.80 -9.60 5.13
CA ARG A 63 10.16 -8.34 4.44
C ARG A 63 9.98 -7.17 5.43
N GLN A 64 10.31 -5.95 4.96
CA GLN A 64 10.03 -4.68 5.68
C GLN A 64 8.52 -4.57 6.01
N ASN A 65 8.20 -4.18 7.27
CA ASN A 65 6.80 -4.16 7.78
C ASN A 65 5.93 -3.19 6.96
N LEU A 66 5.02 -3.76 6.15
CA LEU A 66 4.11 -2.99 5.28
C LEU A 66 3.12 -2.17 6.12
N ASP A 67 2.74 -2.68 7.30
CA ASP A 67 1.70 -2.07 8.15
C ASP A 67 2.06 -0.62 8.53
N GLU A 68 3.34 -0.41 8.92
CA GLU A 68 3.86 0.94 9.24
C GLU A 68 3.95 1.79 7.95
N ILE A 69 4.40 1.17 6.84
CA ILE A 69 4.51 1.82 5.50
C ILE A 69 3.15 2.40 5.04
N LEU A 70 2.06 1.72 5.43
CA LEU A 70 0.70 2.12 5.11
C LEU A 70 0.33 3.40 5.89
N GLN A 71 0.75 3.44 7.17
CA GLN A 71 0.59 4.62 8.04
C GLN A 71 1.41 5.79 7.48
N GLN A 72 2.61 5.50 6.95
CA GLN A 72 3.50 6.52 6.34
C GLN A 72 2.80 7.13 5.11
N HIS A 73 2.24 6.25 4.26
CA HIS A 73 1.46 6.64 3.06
C HIS A 73 0.32 7.61 3.43
N LYS A 74 -0.37 7.30 4.54
CA LYS A 74 -1.50 8.11 5.05
C LYS A 74 -1.00 9.52 5.43
N LEU A 75 -0.07 9.59 6.40
CA LEU A 75 0.38 10.85 7.00
C LEU A 75 1.17 11.73 6.02
N LYS A 76 1.86 11.10 5.05
CA LYS A 76 2.66 11.82 4.02
C LYS A 76 1.75 12.70 3.16
N MET A 77 0.69 12.08 2.61
CA MET A 77 -0.25 12.78 1.73
C MET A 77 -1.17 13.70 2.57
N GLU A 78 -1.46 13.31 3.81
CA GLU A 78 -2.35 14.06 4.74
C GLU A 78 -1.72 15.41 5.14
N LYS A 79 -0.43 15.38 5.53
CA LYS A 79 0.29 16.58 6.03
C LYS A 79 0.59 17.56 4.88
N GLU A 80 0.93 17.02 3.69
CA GLU A 80 1.27 17.84 2.52
C GLU A 80 0.02 18.58 2.04
N ARG A 81 -1.15 17.91 2.10
CA ARG A 81 -2.45 18.49 1.72
C ARG A 81 -2.90 19.55 2.73
N ASN A 82 -2.54 19.35 4.01
CA ASN A 82 -2.82 20.33 5.09
C ASN A 82 -2.05 21.64 4.84
N ALA A 83 -0.84 21.51 4.27
CA ALA A 83 0.05 22.65 3.96
C ALA A 83 -0.31 23.33 2.61
N ARG A 84 -0.39 22.51 1.54
CA ARG A 84 -0.48 23.00 0.14
C ARG A 84 -1.88 23.56 -0.19
N ARG A 85 -2.91 23.09 0.52
CA ARG A 85 -4.31 23.55 0.34
C ARG A 85 -4.68 24.62 1.37
N LYS A 86 -3.72 24.97 2.28
CA LYS A 86 -3.87 26.11 3.18
C LYS A 86 -3.40 27.37 2.45
N LYS A 87 -4.20 27.77 1.45
CA LYS A 87 -3.94 28.90 0.57
C LYS A 87 -4.90 30.04 0.93
N LYS A 88 -4.96 30.33 2.25
CA LYS A 88 -5.76 31.41 2.83
C LYS A 88 -4.81 32.51 3.32
N LYS A 89 -4.88 33.70 2.72
CA LYS A 89 -3.98 34.84 3.07
C LYS A 89 -4.68 36.18 2.71
N TRP A 19 6.49 -14.93 -5.52
CA TRP A 19 6.57 -13.51 -5.13
C TRP A 19 8.02 -13.16 -4.74
N THR A 20 8.78 -12.60 -5.69
CA THR A 20 10.15 -12.11 -5.46
C THR A 20 10.11 -10.61 -5.06
N GLU A 21 11.17 -10.12 -4.38
CA GLU A 21 11.24 -8.75 -3.81
C GLU A 21 10.86 -7.61 -4.79
N GLU A 22 10.94 -7.87 -6.10
CA GLU A 22 10.65 -6.86 -7.15
C GLU A 22 9.12 -6.63 -7.29
N GLU A 23 8.37 -7.72 -7.50
CA GLU A 23 6.89 -7.68 -7.59
C GLU A 23 6.28 -7.49 -6.19
N MET A 24 7.00 -7.97 -5.17
CA MET A 24 6.64 -7.82 -3.75
C MET A 24 6.87 -6.35 -3.32
N GLY A 25 7.83 -5.67 -3.98
CA GLY A 25 8.05 -4.23 -3.80
C GLY A 25 6.96 -3.41 -4.48
N THR A 26 6.40 -3.97 -5.57
CA THR A 26 5.24 -3.40 -6.27
C THR A 26 3.97 -3.61 -5.41
N ALA A 27 3.93 -4.72 -4.65
CA ALA A 27 2.82 -5.06 -3.73
C ALA A 27 2.88 -4.18 -2.48
N LYS A 28 4.12 -3.91 -2.02
CA LYS A 28 4.42 -3.02 -0.89
C LYS A 28 3.91 -1.59 -1.20
N LYS A 29 4.36 -1.08 -2.36
CA LYS A 29 3.98 0.25 -2.86
C LYS A 29 2.49 0.25 -3.28
N GLY A 30 1.98 -0.92 -3.69
CA GLY A 30 0.57 -1.08 -4.04
C GLY A 30 -0.34 -0.85 -2.84
N LEU A 31 0.01 -1.46 -1.71
CA LEU A 31 -0.72 -1.33 -0.44
C LEU A 31 -0.56 0.11 0.14
N LEU A 32 0.59 0.75 -0.18
CA LEU A 32 0.88 2.15 0.18
C LEU A 32 -0.02 3.10 -0.66
N GLU A 33 -0.15 2.82 -1.95
CA GLU A 33 -0.79 3.71 -2.91
C GLU A 33 -2.32 3.62 -2.80
N HIS A 34 -2.84 2.39 -2.91
CA HIS A 34 -4.29 2.11 -3.01
C HIS A 34 -4.94 1.89 -1.62
N GLY A 35 -4.11 1.82 -0.57
CA GLY A 35 -4.61 1.69 0.81
C GLY A 35 -5.24 0.33 1.10
N ARG A 36 -4.58 -0.76 0.63
CA ARG A 36 -5.02 -2.16 0.84
C ARG A 36 -6.42 -2.48 0.25
N ASN A 37 -6.85 -1.68 -0.75
CA ASN A 37 -8.06 -2.00 -1.54
C ASN A 37 -7.75 -3.22 -2.41
N TRP A 38 -8.08 -4.43 -1.89
CA TRP A 38 -7.60 -5.73 -2.44
C TRP A 38 -8.02 -5.96 -3.90
N SER A 39 -9.14 -5.33 -4.29
CA SER A 39 -9.63 -5.33 -5.68
C SER A 39 -8.59 -4.68 -6.61
N ALA A 40 -8.07 -3.53 -6.18
CA ALA A 40 -7.05 -2.75 -6.91
C ALA A 40 -5.66 -3.43 -6.87
N ILE A 41 -5.32 -4.01 -5.70
CA ILE A 41 -3.97 -4.60 -5.45
C ILE A 41 -3.79 -5.88 -6.28
N ALA A 42 -4.75 -6.80 -6.16
CA ALA A 42 -4.72 -8.10 -6.85
C ALA A 42 -4.83 -7.94 -8.37
N ARG A 43 -5.38 -6.81 -8.83
CA ARG A 43 -5.45 -6.46 -10.27
C ARG A 43 -4.07 -5.91 -10.73
N MET A 44 -3.44 -5.11 -9.86
CA MET A 44 -2.18 -4.41 -10.16
C MET A 44 -0.97 -5.38 -10.14
N VAL A 45 -0.72 -5.99 -8.98
CA VAL A 45 0.45 -6.85 -8.73
C VAL A 45 0.17 -8.34 -9.06
N GLY A 46 -1.07 -8.77 -8.79
CA GLY A 46 -1.50 -10.16 -9.04
C GLY A 46 -1.92 -10.39 -10.49
N SER A 47 -2.63 -9.39 -11.07
CA SER A 47 -3.30 -9.46 -12.39
C SER A 47 -4.37 -10.58 -12.41
N LYS A 48 -5.00 -10.83 -11.24
CA LYS A 48 -5.96 -11.93 -11.03
C LYS A 48 -6.97 -11.54 -9.92
N THR A 49 -7.88 -12.48 -9.57
CA THR A 49 -8.85 -12.35 -8.46
C THR A 49 -8.19 -11.91 -7.12
N VAL A 50 -9.00 -11.26 -6.26
CA VAL A 50 -8.61 -10.77 -4.92
C VAL A 50 -7.79 -11.81 -4.11
N SER A 51 -8.19 -13.10 -4.23
CA SER A 51 -7.58 -14.25 -3.53
C SER A 51 -6.04 -14.30 -3.65
N GLN A 52 -5.50 -13.94 -4.85
CA GLN A 52 -4.04 -13.97 -5.12
C GLN A 52 -3.23 -13.13 -4.11
N CYS A 53 -3.64 -11.86 -3.94
CA CYS A 53 -2.96 -10.92 -3.01
C CYS A 53 -3.44 -11.11 -1.56
N LYS A 54 -4.73 -11.50 -1.40
CA LYS A 54 -5.39 -11.59 -0.08
C LYS A 54 -4.69 -12.68 0.77
N ASN A 55 -4.51 -13.87 0.17
CA ASN A 55 -3.79 -14.99 0.82
C ASN A 55 -2.33 -14.59 1.13
N PHE A 56 -1.64 -13.99 0.12
CA PHE A 56 -0.20 -13.58 0.21
C PHE A 56 0.09 -12.78 1.48
N TYR A 57 -0.87 -11.91 1.83
CA TYR A 57 -0.75 -10.93 2.92
C TYR A 57 -0.34 -11.57 4.27
N PHE A 58 -0.83 -12.78 4.53
CA PHE A 58 -0.54 -13.55 5.76
C PHE A 58 0.07 -14.93 5.43
N ASN A 59 0.28 -15.22 4.13
CA ASN A 59 0.84 -16.51 3.65
C ASN A 59 2.36 -16.57 3.92
N TYR A 60 3.07 -15.57 3.38
CA TYR A 60 4.54 -15.51 3.45
C TYR A 60 5.01 -14.96 4.80
N LYS A 61 6.19 -15.43 5.27
CA LYS A 61 6.85 -14.92 6.49
C LYS A 61 7.25 -13.45 6.27
N LYS A 62 6.38 -12.55 6.73
CA LYS A 62 6.54 -11.12 6.60
C LYS A 62 5.72 -10.43 7.69
N ARG A 63 6.41 -9.94 8.74
CA ARG A 63 5.80 -9.27 9.89
C ARG A 63 5.13 -7.94 9.46
N GLN A 64 4.28 -7.38 10.34
CA GLN A 64 3.37 -6.26 10.00
C GLN A 64 4.07 -4.87 10.10
N ASN A 65 5.23 -4.75 9.42
CA ASN A 65 5.86 -3.46 9.09
C ASN A 65 4.99 -2.71 8.05
N LEU A 66 4.15 -3.50 7.35
CA LEU A 66 3.17 -3.02 6.36
C LEU A 66 2.16 -2.04 7.01
N ASP A 67 1.93 -2.20 8.31
CA ASP A 67 1.11 -1.28 9.12
C ASP A 67 1.64 0.17 9.02
N GLU A 68 2.98 0.31 9.16
CA GLU A 68 3.64 1.62 9.11
C GLU A 68 3.63 2.18 7.67
N ILE A 69 3.64 1.27 6.68
CA ILE A 69 3.57 1.62 5.24
C ILE A 69 2.20 2.28 4.92
N LEU A 70 1.15 1.86 5.65
CA LEU A 70 -0.20 2.47 5.57
C LEU A 70 -0.28 3.77 6.38
N GLN A 71 0.56 3.89 7.43
CA GLN A 71 0.78 5.17 8.14
C GLN A 71 1.45 6.18 7.19
N GLN A 72 2.33 5.68 6.30
CA GLN A 72 3.01 6.52 5.28
C GLN A 72 1.98 7.03 4.24
N HIS A 73 1.00 6.17 3.90
CA HIS A 73 -0.14 6.53 3.01
C HIS A 73 -0.93 7.73 3.58
N LYS A 74 -1.04 7.78 4.92
CA LYS A 74 -1.72 8.88 5.63
C LYS A 74 -0.90 10.16 5.59
N LEU A 75 0.31 10.09 6.18
CA LEU A 75 1.07 11.28 6.59
C LEU A 75 1.69 12.01 5.39
N LYS A 76 2.25 11.25 4.42
CA LYS A 76 2.98 11.82 3.25
C LYS A 76 2.07 12.68 2.35
N MET A 77 0.76 12.41 2.40
CA MET A 77 -0.25 13.15 1.62
C MET A 77 -0.64 14.45 2.36
N GLU A 78 -0.93 14.33 3.66
CA GLU A 78 -1.47 15.42 4.49
C GLU A 78 -0.37 16.37 5.02
N LYS A 79 0.88 15.89 5.08
CA LYS A 79 2.03 16.65 5.62
C LYS A 79 2.41 17.79 4.66
N GLU A 80 2.57 17.43 3.36
CA GLU A 80 2.83 18.42 2.29
C GLU A 80 1.60 19.32 2.08
N ARG A 81 0.40 18.73 2.28
CA ARG A 81 -0.90 19.41 2.08
C ARG A 81 -1.10 20.52 3.13
N ASN A 82 -0.68 20.22 4.37
CA ASN A 82 -0.72 21.20 5.48
C ASN A 82 0.34 22.30 5.25
N ALA A 83 1.50 21.89 4.71
CA ALA A 83 2.64 22.78 4.43
C ALA A 83 2.33 23.79 3.30
N ARG A 84 1.62 23.31 2.26
CA ARG A 84 1.38 24.11 1.03
C ARG A 84 0.17 25.05 1.18
N ARG A 85 -0.82 24.65 2.00
CA ARG A 85 -2.06 25.44 2.22
C ARG A 85 -1.92 26.44 3.39
N LYS A 86 -0.66 26.74 3.78
CA LYS A 86 -0.37 27.75 4.82
C LYS A 86 -0.60 29.17 4.26
N LYS A 87 -1.83 29.63 4.42
CA LYS A 87 -2.27 31.01 4.14
C LYS A 87 -3.38 31.34 5.16
N LYS A 88 -3.17 30.87 6.40
CA LYS A 88 -4.15 30.96 7.50
C LYS A 88 -3.57 31.82 8.64
N LYS A 89 -4.30 32.89 9.02
CA LYS A 89 -3.96 33.74 10.17
C LYS A 89 -5.19 34.60 10.54
#